data_1L8R
# 
_entry.id   1L8R 
# 
_audit_conform.dict_name       mmcif_pdbx.dic 
_audit_conform.dict_version    5.398 
_audit_conform.dict_location   http://mmcif.pdb.org/dictionaries/ascii/mmcif_pdbx.dic 
# 
loop_
_database_2.database_id 
_database_2.database_code 
_database_2.pdbx_database_accession 
_database_2.pdbx_DOI 
PDB   1L8R         pdb_00001l8r 10.2210/pdb1l8r/pdb 
RCSB  RCSB015747   ?            ?                   
WWPDB D_1000015747 ?            ?                   
# 
loop_
_pdbx_audit_revision_history.ordinal 
_pdbx_audit_revision_history.data_content_type 
_pdbx_audit_revision_history.major_revision 
_pdbx_audit_revision_history.minor_revision 
_pdbx_audit_revision_history.revision_date 
1 'Structure model' 1 0 2002-06-26 
2 'Structure model' 1 1 2008-04-28 
3 'Structure model' 1 2 2011-07-13 
4 'Structure model' 1 3 2024-10-30 
# 
_pdbx_audit_revision_details.ordinal             1 
_pdbx_audit_revision_details.revision_ordinal    1 
_pdbx_audit_revision_details.data_content_type   'Structure model' 
_pdbx_audit_revision_details.provider            repository 
_pdbx_audit_revision_details.type                'Initial release' 
_pdbx_audit_revision_details.description         ? 
_pdbx_audit_revision_details.details             ? 
# 
loop_
_pdbx_audit_revision_group.ordinal 
_pdbx_audit_revision_group.revision_ordinal 
_pdbx_audit_revision_group.data_content_type 
_pdbx_audit_revision_group.group 
1 2 'Structure model' 'Version format compliance' 
2 3 'Structure model' 'Version format compliance' 
3 4 'Structure model' 'Data collection'           
4 4 'Structure model' 'Database references'       
5 4 'Structure model' 'Derived calculations'      
6 4 'Structure model' 'Structure summary'         
# 
loop_
_pdbx_audit_revision_category.ordinal 
_pdbx_audit_revision_category.revision_ordinal 
_pdbx_audit_revision_category.data_content_type 
_pdbx_audit_revision_category.category 
1 4 'Structure model' chem_comp_atom            
2 4 'Structure model' chem_comp_bond            
3 4 'Structure model' database_2                
4 4 'Structure model' pdbx_entry_details        
5 4 'Structure model' pdbx_modification_feature 
6 4 'Structure model' struct_conn               
7 4 'Structure model' struct_ref_seq_dif        
# 
loop_
_pdbx_audit_revision_item.ordinal 
_pdbx_audit_revision_item.revision_ordinal 
_pdbx_audit_revision_item.data_content_type 
_pdbx_audit_revision_item.item 
1 4 'Structure model' '_database_2.pdbx_DOI'                
2 4 'Structure model' '_database_2.pdbx_database_accession' 
3 4 'Structure model' '_struct_conn.pdbx_leaving_atom_flag' 
4 4 'Structure model' '_struct_ref_seq_dif.details'         
# 
_pdbx_database_status.status_code                     REL 
_pdbx_database_status.entry_id                        1L8R 
_pdbx_database_status.recvd_initial_deposition_date   2002-03-21 
_pdbx_database_status.deposit_site                    RCSB 
_pdbx_database_status.process_site                    RCSB 
_pdbx_database_status.SG_entry                        . 
_pdbx_database_status.pdb_format_compatible           Y 
_pdbx_database_status.status_code_mr                  ? 
_pdbx_database_status.status_code_sf                  ? 
_pdbx_database_status.status_code_cs                  ? 
_pdbx_database_status.status_code_nmr_data            ? 
_pdbx_database_status.methods_development_category    ? 
# 
loop_
_audit_author.name 
_audit_author.pdbx_ordinal 
'Kim, S.S.'        1 
'Zhang, R.'        2 
'Braunstein, S.E.' 3 
'Joachimiak, A.'   4 
'Cvekl, A.'        5 
'Hegde, R.S.'      6 
# 
_citation.id                        primary 
_citation.title                     'Structure of the retinal determination protein Dachshund reveals a DNA binding motif.' 
_citation.journal_abbrev            Structure 
_citation.journal_volume            10 
_citation.page_first                787 
_citation.page_last                 795 
_citation.year                      2002 
_citation.journal_id_ASTM           STRUE6 
_citation.country                   UK 
_citation.journal_id_ISSN           0969-2126 
_citation.journal_id_CSD            2005 
_citation.book_publisher            ? 
_citation.pdbx_database_id_PubMed   12057194 
_citation.pdbx_database_id_DOI      '10.1016/S0969-2126(02)00769-4' 
# 
loop_
_citation_author.citation_id 
_citation_author.name 
_citation_author.ordinal 
_citation_author.identifier_ORCID 
primary 'Kim, S.S.'        1 ? 
primary 'Zhang, R.G.'      2 ? 
primary 'Braunstein, S.E.' 3 ? 
primary 'Joachimiak, A.'   4 ? 
primary 'Cvekl, A.'        5 ? 
primary 'Hegde, R.S.'      6 ? 
# 
loop_
_entity.id 
_entity.type 
_entity.src_method 
_entity.pdbx_description 
_entity.formula_weight 
_entity.pdbx_number_of_molecules 
_entity.pdbx_ec 
_entity.pdbx_mutation 
_entity.pdbx_fragment 
_entity.details 
1 polymer man Dachshund 11285.039 2   ? ? DACHbox-N ? 
2 water   nat water     18.015    153 ? ? ?         ? 
# 
_entity_poly.entity_id                      1 
_entity_poly.type                           'polypeptide(L)' 
_entity_poly.nstd_linkage                   no 
_entity_poly.nstd_monomer                   yes 
_entity_poly.pdbx_seq_one_letter_code       
;GSQNNECK(MSE)VDLRGAKVASFTVEGCELICLPQAFDLFLKHLVGGLHTVYTKLKRLEITPVVCNVEQVRILRGLGAI
QPGVNRCKLISRKDFETLYNDCTNA
;
_entity_poly.pdbx_seq_one_letter_code_can   
;GSQNNECKMVDLRGAKVASFTVEGCELICLPQAFDLFLKHLVGGLHTVYTKLKRLEITPVVCNVEQVRILRGLGAIQPGV
NRCKLISRKDFETLYNDCTNA
;
_entity_poly.pdbx_strand_id                 A,B 
_entity_poly.pdbx_target_identifier         ? 
# 
_pdbx_entity_nonpoly.entity_id   2 
_pdbx_entity_nonpoly.name        water 
_pdbx_entity_nonpoly.comp_id     HOH 
# 
loop_
_entity_poly_seq.entity_id 
_entity_poly_seq.num 
_entity_poly_seq.mon_id 
_entity_poly_seq.hetero 
1 1   GLY n 
1 2   SER n 
1 3   GLN n 
1 4   ASN n 
1 5   ASN n 
1 6   GLU n 
1 7   CYS n 
1 8   LYS n 
1 9   MSE n 
1 10  VAL n 
1 11  ASP n 
1 12  LEU n 
1 13  ARG n 
1 14  GLY n 
1 15  ALA n 
1 16  LYS n 
1 17  VAL n 
1 18  ALA n 
1 19  SER n 
1 20  PHE n 
1 21  THR n 
1 22  VAL n 
1 23  GLU n 
1 24  GLY n 
1 25  CYS n 
1 26  GLU n 
1 27  LEU n 
1 28  ILE n 
1 29  CYS n 
1 30  LEU n 
1 31  PRO n 
1 32  GLN n 
1 33  ALA n 
1 34  PHE n 
1 35  ASP n 
1 36  LEU n 
1 37  PHE n 
1 38  LEU n 
1 39  LYS n 
1 40  HIS n 
1 41  LEU n 
1 42  VAL n 
1 43  GLY n 
1 44  GLY n 
1 45  LEU n 
1 46  HIS n 
1 47  THR n 
1 48  VAL n 
1 49  TYR n 
1 50  THR n 
1 51  LYS n 
1 52  LEU n 
1 53  LYS n 
1 54  ARG n 
1 55  LEU n 
1 56  GLU n 
1 57  ILE n 
1 58  THR n 
1 59  PRO n 
1 60  VAL n 
1 61  VAL n 
1 62  CYS n 
1 63  ASN n 
1 64  VAL n 
1 65  GLU n 
1 66  GLN n 
1 67  VAL n 
1 68  ARG n 
1 69  ILE n 
1 70  LEU n 
1 71  ARG n 
1 72  GLY n 
1 73  LEU n 
1 74  GLY n 
1 75  ALA n 
1 76  ILE n 
1 77  GLN n 
1 78  PRO n 
1 79  GLY n 
1 80  VAL n 
1 81  ASN n 
1 82  ARG n 
1 83  CYS n 
1 84  LYS n 
1 85  LEU n 
1 86  ILE n 
1 87  SER n 
1 88  ARG n 
1 89  LYS n 
1 90  ASP n 
1 91  PHE n 
1 92  GLU n 
1 93  THR n 
1 94  LEU n 
1 95  TYR n 
1 96  ASN n 
1 97  ASP n 
1 98  CYS n 
1 99  THR n 
1 100 ASN n 
1 101 ALA n 
# 
_entity_src_gen.entity_id                          1 
_entity_src_gen.pdbx_src_id                        1 
_entity_src_gen.pdbx_alt_source_flag               sample 
_entity_src_gen.pdbx_seq_type                      ? 
_entity_src_gen.pdbx_beg_seq_num                   ? 
_entity_src_gen.pdbx_end_seq_num                   ? 
_entity_src_gen.gene_src_common_name               human 
_entity_src_gen.gene_src_genus                     Homo 
_entity_src_gen.pdbx_gene_src_gene                 ? 
_entity_src_gen.gene_src_species                   ? 
_entity_src_gen.gene_src_strain                    ? 
_entity_src_gen.gene_src_tissue                    ? 
_entity_src_gen.gene_src_tissue_fraction           ? 
_entity_src_gen.gene_src_details                   ? 
_entity_src_gen.pdbx_gene_src_fragment             ? 
_entity_src_gen.pdbx_gene_src_scientific_name      'Homo sapiens' 
_entity_src_gen.pdbx_gene_src_ncbi_taxonomy_id     9606 
_entity_src_gen.pdbx_gene_src_variant              ? 
_entity_src_gen.pdbx_gene_src_cell_line            ? 
_entity_src_gen.pdbx_gene_src_atcc                 ? 
_entity_src_gen.pdbx_gene_src_organ                ? 
_entity_src_gen.pdbx_gene_src_organelle            ? 
_entity_src_gen.pdbx_gene_src_cell                 ? 
_entity_src_gen.pdbx_gene_src_cellular_location    ? 
_entity_src_gen.host_org_common_name               ? 
_entity_src_gen.pdbx_host_org_scientific_name      'Escherichia coli' 
_entity_src_gen.pdbx_host_org_ncbi_taxonomy_id     562 
_entity_src_gen.host_org_genus                     Escherichia 
_entity_src_gen.pdbx_host_org_gene                 ? 
_entity_src_gen.pdbx_host_org_organ                ? 
_entity_src_gen.host_org_species                   ? 
_entity_src_gen.pdbx_host_org_tissue               ? 
_entity_src_gen.pdbx_host_org_tissue_fraction      ? 
_entity_src_gen.pdbx_host_org_strain               ? 
_entity_src_gen.pdbx_host_org_variant              ? 
_entity_src_gen.pdbx_host_org_cell_line            ? 
_entity_src_gen.pdbx_host_org_atcc                 ? 
_entity_src_gen.pdbx_host_org_culture_collection   ? 
_entity_src_gen.pdbx_host_org_cell                 ? 
_entity_src_gen.pdbx_host_org_organelle            ? 
_entity_src_gen.pdbx_host_org_cellular_location    ? 
_entity_src_gen.pdbx_host_org_vector_type          ? 
_entity_src_gen.pdbx_host_org_vector               ? 
_entity_src_gen.host_org_details                   ? 
_entity_src_gen.expression_system_id               ? 
_entity_src_gen.plasmid_name                       ? 
_entity_src_gen.plasmid_details                    ? 
_entity_src_gen.pdbx_description                   ? 
# 
loop_
_chem_comp.id 
_chem_comp.type 
_chem_comp.mon_nstd_flag 
_chem_comp.name 
_chem_comp.pdbx_synonyms 
_chem_comp.formula 
_chem_comp.formula_weight 
ALA 'L-peptide linking' y ALANINE          ? 'C3 H7 N O2'     89.093  
ARG 'L-peptide linking' y ARGININE         ? 'C6 H15 N4 O2 1' 175.209 
ASN 'L-peptide linking' y ASPARAGINE       ? 'C4 H8 N2 O3'    132.118 
ASP 'L-peptide linking' y 'ASPARTIC ACID'  ? 'C4 H7 N O4'     133.103 
CYS 'L-peptide linking' y CYSTEINE         ? 'C3 H7 N O2 S'   121.158 
GLN 'L-peptide linking' y GLUTAMINE        ? 'C5 H10 N2 O3'   146.144 
GLU 'L-peptide linking' y 'GLUTAMIC ACID'  ? 'C5 H9 N O4'     147.129 
GLY 'peptide linking'   y GLYCINE          ? 'C2 H5 N O2'     75.067  
HIS 'L-peptide linking' y HISTIDINE        ? 'C6 H10 N3 O2 1' 156.162 
HOH non-polymer         . WATER            ? 'H2 O'           18.015  
ILE 'L-peptide linking' y ISOLEUCINE       ? 'C6 H13 N O2'    131.173 
LEU 'L-peptide linking' y LEUCINE          ? 'C6 H13 N O2'    131.173 
LYS 'L-peptide linking' y LYSINE           ? 'C6 H15 N2 O2 1' 147.195 
MET 'L-peptide linking' y METHIONINE       ? 'C5 H11 N O2 S'  149.211 
MSE 'L-peptide linking' n SELENOMETHIONINE ? 'C5 H11 N O2 Se' 196.106 
PHE 'L-peptide linking' y PHENYLALANINE    ? 'C9 H11 N O2'    165.189 
PRO 'L-peptide linking' y PROLINE          ? 'C5 H9 N O2'     115.130 
SER 'L-peptide linking' y SERINE           ? 'C3 H7 N O3'     105.093 
THR 'L-peptide linking' y THREONINE        ? 'C4 H9 N O3'     119.119 
TYR 'L-peptide linking' y TYROSINE         ? 'C9 H11 N O3'    181.189 
VAL 'L-peptide linking' y VALINE           ? 'C5 H11 N O2'    117.146 
# 
loop_
_pdbx_poly_seq_scheme.asym_id 
_pdbx_poly_seq_scheme.entity_id 
_pdbx_poly_seq_scheme.seq_id 
_pdbx_poly_seq_scheme.mon_id 
_pdbx_poly_seq_scheme.ndb_seq_num 
_pdbx_poly_seq_scheme.pdb_seq_num 
_pdbx_poly_seq_scheme.auth_seq_num 
_pdbx_poly_seq_scheme.pdb_mon_id 
_pdbx_poly_seq_scheme.auth_mon_id 
_pdbx_poly_seq_scheme.pdb_strand_id 
_pdbx_poly_seq_scheme.pdb_ins_code 
_pdbx_poly_seq_scheme.hetero 
A 1 1   GLY 1   182 182 GLY GLY A . n 
A 1 2   SER 2   183 183 SER SER A . n 
A 1 3   GLN 3   184 184 GLN GLN A . n 
A 1 4   ASN 4   185 185 ASN ASN A . n 
A 1 5   ASN 5   186 186 ASN ASN A . n 
A 1 6   GLU 6   187 187 GLU GLU A . n 
A 1 7   CYS 7   188 188 CYS CYS A . n 
A 1 8   LYS 8   189 189 LYS LYS A . n 
A 1 9   MSE 9   190 190 MSE MSE A . n 
A 1 10  VAL 10  191 191 VAL VAL A . n 
A 1 11  ASP 11  192 192 ASP ASP A . n 
A 1 12  LEU 12  193 193 LEU LEU A . n 
A 1 13  ARG 13  194 194 ARG ARG A . n 
A 1 14  GLY 14  195 195 GLY GLY A . n 
A 1 15  ALA 15  196 196 ALA ALA A . n 
A 1 16  LYS 16  197 197 LYS LYS A . n 
A 1 17  VAL 17  198 198 VAL VAL A . n 
A 1 18  ALA 18  199 199 ALA ALA A . n 
A 1 19  SER 19  200 200 SER SER A . n 
A 1 20  PHE 20  201 201 PHE PHE A . n 
A 1 21  THR 21  202 202 THR THR A . n 
A 1 22  VAL 22  203 203 VAL VAL A . n 
A 1 23  GLU 23  204 204 GLU GLU A . n 
A 1 24  GLY 24  205 205 GLY GLY A . n 
A 1 25  CYS 25  206 206 CYS CYS A . n 
A 1 26  GLU 26  207 207 GLU GLU A . n 
A 1 27  LEU 27  208 208 LEU LEU A . n 
A 1 28  ILE 28  209 209 ILE ILE A . n 
A 1 29  CYS 29  210 210 CYS CYS A . n 
A 1 30  LEU 30  211 211 LEU LEU A . n 
A 1 31  PRO 31  212 212 PRO PRO A . n 
A 1 32  GLN 32  213 213 GLN GLN A . n 
A 1 33  ALA 33  214 214 ALA ALA A . n 
A 1 34  PHE 34  215 215 PHE PHE A . n 
A 1 35  ASP 35  216 216 ASP ASP A . n 
A 1 36  LEU 36  217 217 LEU LEU A . n 
A 1 37  PHE 37  218 218 PHE PHE A . n 
A 1 38  LEU 38  219 219 LEU LEU A . n 
A 1 39  LYS 39  220 220 LYS ALA A . n 
A 1 40  HIS 40  221 221 HIS ALA A . n 
A 1 41  LEU 41  222 222 LEU LEU A . n 
A 1 42  VAL 42  223 223 VAL VAL A . n 
A 1 43  GLY 43  224 224 GLY GLY A . n 
A 1 44  GLY 44  225 225 GLY GLY A . n 
A 1 45  LEU 45  226 226 LEU LEU A . n 
A 1 46  HIS 46  227 227 HIS HIS A . n 
A 1 47  THR 47  228 228 THR THR A . n 
A 1 48  VAL 48  229 229 VAL VAL A . n 
A 1 49  TYR 49  230 230 TYR TYR A . n 
A 1 50  THR 50  231 231 THR THR A . n 
A 1 51  LYS 51  232 232 LYS LYS A . n 
A 1 52  LEU 52  233 233 LEU LEU A . n 
A 1 53  LYS 53  234 234 LYS LYS A . n 
A 1 54  ARG 54  235 235 ARG ARG A . n 
A 1 55  LEU 55  236 236 LEU LEU A . n 
A 1 56  GLU 56  237 237 GLU GLU A . n 
A 1 57  ILE 57  238 238 ILE ILE A . n 
A 1 58  THR 58  239 239 THR THR A . n 
A 1 59  PRO 59  240 240 PRO PRO A . n 
A 1 60  VAL 60  241 241 VAL VAL A . n 
A 1 61  VAL 61  242 242 VAL VAL A . n 
A 1 62  CYS 62  243 243 CYS CYS A . n 
A 1 63  ASN 63  244 244 ASN ASN A . n 
A 1 64  VAL 64  245 245 VAL VAL A . n 
A 1 65  GLU 65  246 246 GLU GLU A . n 
A 1 66  GLN 66  247 247 GLN GLN A . n 
A 1 67  VAL 67  248 248 VAL VAL A . n 
A 1 68  ARG 68  249 249 ARG ARG A . n 
A 1 69  ILE 69  250 250 ILE ILE A . n 
A 1 70  LEU 70  251 251 LEU LEU A . n 
A 1 71  ARG 71  252 252 ARG ARG A . n 
A 1 72  GLY 72  253 253 GLY GLY A . n 
A 1 73  LEU 73  254 254 LEU LEU A . n 
A 1 74  GLY 74  255 255 GLY GLY A . n 
A 1 75  ALA 75  256 256 ALA ALA A . n 
A 1 76  ILE 76  257 257 ILE ILE A . n 
A 1 77  GLN 77  258 258 GLN GLN A . n 
A 1 78  PRO 78  259 259 PRO PRO A . n 
A 1 79  GLY 79  260 260 GLY GLY A . n 
A 1 80  VAL 80  261 261 VAL VAL A . n 
A 1 81  ASN 81  262 262 ASN ASN A . n 
A 1 82  ARG 82  263 263 ARG ARG A . n 
A 1 83  CYS 83  264 264 CYS CYS A . n 
A 1 84  LYS 84  265 265 LYS LYS A . n 
A 1 85  LEU 85  266 266 LEU LEU A . n 
A 1 86  ILE 86  267 267 ILE ILE A . n 
A 1 87  SER 87  268 268 SER SER A . n 
A 1 88  ARG 88  269 269 ARG ARG A . n 
A 1 89  LYS 89  270 270 LYS LYS A . n 
A 1 90  ASP 90  271 271 ASP ASP A . n 
A 1 91  PHE 91  272 272 PHE PHE A . n 
A 1 92  GLU 92  273 273 GLU GLU A . n 
A 1 93  THR 93  274 274 THR THR A . n 
A 1 94  LEU 94  275 275 LEU LEU A . n 
A 1 95  TYR 95  276 276 TYR TYR A . n 
A 1 96  ASN 96  277 277 ASN ASN A . n 
A 1 97  ASP 97  278 278 ASP ASP A . n 
A 1 98  CYS 98  279 279 CYS CYS A . n 
A 1 99  THR 99  280 280 THR THR A . n 
A 1 100 ASN 100 281 281 ASN ASN A . n 
A 1 101 ALA 101 282 282 ALA ALA A . n 
B 1 1   GLY 1   182 ?   ?   ?   B . n 
B 1 2   SER 2   183 ?   ?   ?   B . n 
B 1 3   GLN 3   184 184 GLN GLN B . n 
B 1 4   ASN 4   185 185 ASN ASN B . n 
B 1 5   ASN 5   186 186 ASN ASN B . n 
B 1 6   GLU 6   187 187 GLU GLU B . n 
B 1 7   CYS 7   188 188 CYS CYS B . n 
B 1 8   LYS 8   189 189 LYS LYS B . n 
B 1 9   MSE 9   190 190 MSE MSE B . n 
B 1 10  VAL 10  191 191 VAL VAL B . n 
B 1 11  ASP 11  192 192 ASP ASP B . n 
B 1 12  LEU 12  193 193 LEU LEU B . n 
B 1 13  ARG 13  194 194 ARG ARG B . n 
B 1 14  GLY 14  195 195 GLY GLY B . n 
B 1 15  ALA 15  196 196 ALA ALA B . n 
B 1 16  LYS 16  197 197 LYS LYS B . n 
B 1 17  VAL 17  198 198 VAL VAL B . n 
B 1 18  ALA 18  199 199 ALA ALA B . n 
B 1 19  SER 19  200 200 SER SER B . n 
B 1 20  PHE 20  201 201 PHE PHE B . n 
B 1 21  THR 21  202 202 THR THR B . n 
B 1 22  VAL 22  203 203 VAL VAL B . n 
B 1 23  GLU 23  204 204 GLU GLU B . n 
B 1 24  GLY 24  205 205 GLY GLY B . n 
B 1 25  CYS 25  206 206 CYS CYS B . n 
B 1 26  GLU 26  207 207 GLU GLU B . n 
B 1 27  LEU 27  208 208 LEU LEU B . n 
B 1 28  ILE 28  209 209 ILE ILE B . n 
B 1 29  CYS 29  210 210 CYS CYS B . n 
B 1 30  LEU 30  211 211 LEU LEU B . n 
B 1 31  PRO 31  212 212 PRO PRO B . n 
B 1 32  GLN 32  213 213 GLN GLN B . n 
B 1 33  ALA 33  214 214 ALA ALA B . n 
B 1 34  PHE 34  215 215 PHE PHE B . n 
B 1 35  ASP 35  216 216 ASP ASP B . n 
B 1 36  LEU 36  217 217 LEU LEU B . n 
B 1 37  PHE 37  218 218 PHE PHE B . n 
B 1 38  LEU 38  219 219 LEU LEU B . n 
B 1 39  LYS 39  220 220 LYS ALA B . n 
B 1 40  HIS 40  221 221 HIS GLY B . n 
B 1 41  LEU 41  222 222 LEU LEU B . n 
B 1 42  VAL 42  223 223 VAL VAL B . n 
B 1 43  GLY 43  224 224 GLY GLY B . n 
B 1 44  GLY 44  225 225 GLY GLY B . n 
B 1 45  LEU 45  226 226 LEU LEU B . n 
B 1 46  HIS 46  227 227 HIS HIS B . n 
B 1 47  THR 47  228 228 THR THR B . n 
B 1 48  VAL 48  229 229 VAL VAL B . n 
B 1 49  TYR 49  230 230 TYR TYR B . n 
B 1 50  THR 50  231 231 THR THR B . n 
B 1 51  LYS 51  232 232 LYS LYS B . n 
B 1 52  LEU 52  233 233 LEU LEU B . n 
B 1 53  LYS 53  234 234 LYS LYS B . n 
B 1 54  ARG 54  235 235 ARG ARG B . n 
B 1 55  LEU 55  236 236 LEU LEU B . n 
B 1 56  GLU 56  237 237 GLU GLU B . n 
B 1 57  ILE 57  238 238 ILE ILE B . n 
B 1 58  THR 58  239 239 THR THR B . n 
B 1 59  PRO 59  240 240 PRO PRO B . n 
B 1 60  VAL 60  241 241 VAL VAL B . n 
B 1 61  VAL 61  242 242 VAL VAL B . n 
B 1 62  CYS 62  243 243 CYS CYS B . n 
B 1 63  ASN 63  244 244 ASN ASN B . n 
B 1 64  VAL 64  245 245 VAL VAL B . n 
B 1 65  GLU 65  246 246 GLU GLU B . n 
B 1 66  GLN 66  247 247 GLN GLN B . n 
B 1 67  VAL 67  248 248 VAL VAL B . n 
B 1 68  ARG 68  249 249 ARG ARG B . n 
B 1 69  ILE 69  250 250 ILE ILE B . n 
B 1 70  LEU 70  251 251 LEU LEU B . n 
B 1 71  ARG 71  252 252 ARG ARG B . n 
B 1 72  GLY 72  253 253 GLY GLY B . n 
B 1 73  LEU 73  254 254 LEU LEU B . n 
B 1 74  GLY 74  255 255 GLY GLY B . n 
B 1 75  ALA 75  256 256 ALA ALA B . n 
B 1 76  ILE 76  257 257 ILE ILE B . n 
B 1 77  GLN 77  258 258 GLN GLN B . n 
B 1 78  PRO 78  259 259 PRO PRO B . n 
B 1 79  GLY 79  260 260 GLY GLY B . n 
B 1 80  VAL 80  261 261 VAL VAL B . n 
B 1 81  ASN 81  262 262 ASN ASN B . n 
B 1 82  ARG 82  263 263 ARG ARG B . n 
B 1 83  CYS 83  264 264 CYS CYS B . n 
B 1 84  LYS 84  265 265 LYS LYS B . n 
B 1 85  LEU 85  266 266 LEU LEU B . n 
B 1 86  ILE 86  267 267 ILE ILE B . n 
B 1 87  SER 87  268 268 SER SER B . n 
B 1 88  ARG 88  269 269 ARG ARG B . n 
B 1 89  LYS 89  270 270 LYS LYS B . n 
B 1 90  ASP 90  271 271 ASP ASP B . n 
B 1 91  PHE 91  272 272 PHE PHE B . n 
B 1 92  GLU 92  273 273 GLU GLU B . n 
B 1 93  THR 93  274 274 THR THR B . n 
B 1 94  LEU 94  275 275 LEU LEU B . n 
B 1 95  TYR 95  276 276 TYR TYR B . n 
B 1 96  ASN 96  277 277 ASN ASN B . n 
B 1 97  ASP 97  278 278 ASP ASP B . n 
B 1 98  CYS 98  279 279 CYS CYS B . n 
B 1 99  THR 99  280 280 THR THR B . n 
B 1 100 ASN 100 281 281 ASN ASN B . n 
B 1 101 ALA 101 282 282 ALA ALA B . n 
# 
loop_
_pdbx_nonpoly_scheme.asym_id 
_pdbx_nonpoly_scheme.entity_id 
_pdbx_nonpoly_scheme.mon_id 
_pdbx_nonpoly_scheme.ndb_seq_num 
_pdbx_nonpoly_scheme.pdb_seq_num 
_pdbx_nonpoly_scheme.auth_seq_num 
_pdbx_nonpoly_scheme.pdb_mon_id 
_pdbx_nonpoly_scheme.auth_mon_id 
_pdbx_nonpoly_scheme.pdb_strand_id 
_pdbx_nonpoly_scheme.pdb_ins_code 
C 2 HOH 1  1   1   HOH TIP A . 
C 2 HOH 2  5   5   HOH TIP A . 
C 2 HOH 3  7   7   HOH TIP A . 
C 2 HOH 4  9   9   HOH TIP A . 
C 2 HOH 5  11  11  HOH TIP A . 
C 2 HOH 6  12  12  HOH TIP A . 
C 2 HOH 7  15  15  HOH TIP A . 
C 2 HOH 8  16  16  HOH TIP A . 
C 2 HOH 9  18  18  HOH TIP A . 
C 2 HOH 10 19  19  HOH TIP A . 
C 2 HOH 11 20  20  HOH TIP A . 
C 2 HOH 12 22  22  HOH TIP A . 
C 2 HOH 13 24  24  HOH TIP A . 
C 2 HOH 14 28  28  HOH TIP A . 
C 2 HOH 15 29  29  HOH TIP A . 
C 2 HOH 16 31  31  HOH TIP A . 
C 2 HOH 17 32  32  HOH TIP A . 
C 2 HOH 18 39  39  HOH TIP A . 
C 2 HOH 19 40  40  HOH TIP A . 
C 2 HOH 20 44  44  HOH TIP A . 
C 2 HOH 21 46  46  HOH TIP A . 
C 2 HOH 22 47  47  HOH TIP A . 
C 2 HOH 23 48  48  HOH TIP A . 
C 2 HOH 24 49  49  HOH TIP A . 
C 2 HOH 25 50  50  HOH TIP A . 
C 2 HOH 26 54  54  HOH TIP A . 
C 2 HOH 27 56  56  HOH TIP A . 
C 2 HOH 28 58  58  HOH TIP A . 
C 2 HOH 29 59  59  HOH TIP A . 
C 2 HOH 30 62  62  HOH TIP A . 
C 2 HOH 31 63  63  HOH TIP A . 
C 2 HOH 32 65  65  HOH TIP A . 
C 2 HOH 33 66  66  HOH TIP A . 
C 2 HOH 34 68  68  HOH TIP A . 
C 2 HOH 35 70  70  HOH TIP A . 
C 2 HOH 36 71  71  HOH TIP A . 
C 2 HOH 37 73  73  HOH TIP A . 
C 2 HOH 38 74  74  HOH TIP A . 
C 2 HOH 39 76  76  HOH TIP A . 
C 2 HOH 40 77  77  HOH TIP A . 
C 2 HOH 41 78  78  HOH TIP A . 
C 2 HOH 42 79  79  HOH TIP A . 
C 2 HOH 43 80  80  HOH TIP A . 
C 2 HOH 44 81  81  HOH TIP A . 
C 2 HOH 45 82  82  HOH TIP A . 
C 2 HOH 46 83  83  HOH TIP A . 
C 2 HOH 47 86  86  HOH TIP A . 
C 2 HOH 48 88  88  HOH TIP A . 
C 2 HOH 49 89  89  HOH TIP A . 
C 2 HOH 50 90  90  HOH TIP A . 
C 2 HOH 51 93  93  HOH TIP A . 
C 2 HOH 52 94  94  HOH TIP A . 
C 2 HOH 53 98  98  HOH TIP A . 
C 2 HOH 54 100 100 HOH TIP A . 
C 2 HOH 55 102 102 HOH TIP A . 
C 2 HOH 56 105 105 HOH TIP A . 
C 2 HOH 57 106 106 HOH TIP A . 
C 2 HOH 58 107 107 HOH TIP A . 
C 2 HOH 59 108 108 HOH TIP A . 
C 2 HOH 60 109 109 HOH TIP A . 
C 2 HOH 61 110 110 HOH TIP A . 
C 2 HOH 62 114 114 HOH TIP A . 
C 2 HOH 63 115 115 HOH TIP A . 
C 2 HOH 64 118 118 HOH TIP A . 
C 2 HOH 65 119 119 HOH TIP A . 
C 2 HOH 66 120 120 HOH TIP A . 
C 2 HOH 67 121 121 HOH TIP A . 
C 2 HOH 68 122 122 HOH TIP A . 
C 2 HOH 69 123 123 HOH TIP A . 
C 2 HOH 70 124 124 HOH TIP A . 
C 2 HOH 71 126 126 HOH TIP A . 
C 2 HOH 72 128 128 HOH TIP A . 
C 2 HOH 73 131 131 HOH TIP A . 
C 2 HOH 74 132 132 HOH TIP A . 
C 2 HOH 75 133 133 HOH TIP A . 
C 2 HOH 76 134 134 HOH TIP A . 
C 2 HOH 77 136 136 HOH TIP A . 
C 2 HOH 78 137 137 HOH TIP A . 
C 2 HOH 79 144 144 HOH TIP A . 
C 2 HOH 80 146 146 HOH TIP A . 
C 2 HOH 81 147 147 HOH TIP A . 
C 2 HOH 82 148 148 HOH TIP A . 
C 2 HOH 83 149 149 HOH TIP A . 
C 2 HOH 84 150 150 HOH TIP A . 
C 2 HOH 85 151 151 HOH TIP A . 
C 2 HOH 86 152 152 HOH TIP A . 
C 2 HOH 87 153 153 HOH TIP A . 
D 2 HOH 1  2   2   HOH TIP B . 
D 2 HOH 2  3   3   HOH TIP B . 
D 2 HOH 3  4   4   HOH TIP B . 
D 2 HOH 4  6   6   HOH TIP B . 
D 2 HOH 5  8   8   HOH TIP B . 
D 2 HOH 6  10  10  HOH TIP B . 
D 2 HOH 7  13  13  HOH TIP B . 
D 2 HOH 8  14  14  HOH TIP B . 
D 2 HOH 9  17  17  HOH TIP B . 
D 2 HOH 10 21  21  HOH TIP B . 
D 2 HOH 11 23  23  HOH TIP B . 
D 2 HOH 12 25  25  HOH TIP B . 
D 2 HOH 13 26  26  HOH TIP B . 
D 2 HOH 14 27  27  HOH TIP B . 
D 2 HOH 15 30  30  HOH TIP B . 
D 2 HOH 16 33  33  HOH TIP B . 
D 2 HOH 17 34  34  HOH TIP B . 
D 2 HOH 18 35  35  HOH TIP B . 
D 2 HOH 19 36  36  HOH TIP B . 
D 2 HOH 20 37  37  HOH TIP B . 
D 2 HOH 21 38  38  HOH TIP B . 
D 2 HOH 22 41  41  HOH TIP B . 
D 2 HOH 23 42  42  HOH TIP B . 
D 2 HOH 24 43  43  HOH TIP B . 
D 2 HOH 25 45  45  HOH TIP B . 
D 2 HOH 26 51  51  HOH TIP B . 
D 2 HOH 27 52  52  HOH TIP B . 
D 2 HOH 28 53  53  HOH TIP B . 
D 2 HOH 29 55  55  HOH TIP B . 
D 2 HOH 30 57  57  HOH TIP B . 
D 2 HOH 31 60  60  HOH TIP B . 
D 2 HOH 32 61  61  HOH TIP B . 
D 2 HOH 33 64  64  HOH TIP B . 
D 2 HOH 34 67  67  HOH TIP B . 
D 2 HOH 35 69  69  HOH TIP B . 
D 2 HOH 36 72  72  HOH TIP B . 
D 2 HOH 37 75  75  HOH TIP B . 
D 2 HOH 38 84  84  HOH TIP B . 
D 2 HOH 39 85  85  HOH TIP B . 
D 2 HOH 40 87  87  HOH TIP B . 
D 2 HOH 41 91  91  HOH TIP B . 
D 2 HOH 42 92  92  HOH TIP B . 
D 2 HOH 43 95  95  HOH TIP B . 
D 2 HOH 44 96  96  HOH TIP B . 
D 2 HOH 45 97  97  HOH TIP B . 
D 2 HOH 46 99  99  HOH TIP B . 
D 2 HOH 47 101 101 HOH TIP B . 
D 2 HOH 48 103 103 HOH TIP B . 
D 2 HOH 49 104 104 HOH TIP B . 
D 2 HOH 50 111 111 HOH TIP B . 
D 2 HOH 51 112 112 HOH TIP B . 
D 2 HOH 52 113 113 HOH TIP B . 
D 2 HOH 53 116 116 HOH TIP B . 
D 2 HOH 54 117 117 HOH TIP B . 
D 2 HOH 55 125 125 HOH TIP B . 
D 2 HOH 56 127 127 HOH TIP B . 
D 2 HOH 57 129 129 HOH TIP B . 
D 2 HOH 58 130 130 HOH TIP B . 
D 2 HOH 59 135 135 HOH TIP B . 
D 2 HOH 60 138 138 HOH TIP B . 
D 2 HOH 61 139 139 HOH TIP B . 
D 2 HOH 62 140 140 HOH TIP B . 
D 2 HOH 63 141 141 HOH TIP B . 
D 2 HOH 64 142 142 HOH TIP B . 
D 2 HOH 65 143 143 HOH TIP B . 
D 2 HOH 66 145 145 HOH TIP B . 
# 
loop_
_pdbx_unobs_or_zero_occ_atoms.id 
_pdbx_unobs_or_zero_occ_atoms.PDB_model_num 
_pdbx_unobs_or_zero_occ_atoms.polymer_flag 
_pdbx_unobs_or_zero_occ_atoms.occupancy_flag 
_pdbx_unobs_or_zero_occ_atoms.auth_asym_id 
_pdbx_unobs_or_zero_occ_atoms.auth_comp_id 
_pdbx_unobs_or_zero_occ_atoms.auth_seq_id 
_pdbx_unobs_or_zero_occ_atoms.PDB_ins_code 
_pdbx_unobs_or_zero_occ_atoms.auth_atom_id 
_pdbx_unobs_or_zero_occ_atoms.label_alt_id 
_pdbx_unobs_or_zero_occ_atoms.label_asym_id 
_pdbx_unobs_or_zero_occ_atoms.label_comp_id 
_pdbx_unobs_or_zero_occ_atoms.label_seq_id 
_pdbx_unobs_or_zero_occ_atoms.label_atom_id 
1  1 Y 1 A LYS 220 ? CG  ? A LYS 39 CG  
2  1 Y 1 A LYS 220 ? CD  ? A LYS 39 CD  
3  1 Y 1 A LYS 220 ? CE  ? A LYS 39 CE  
4  1 Y 1 A LYS 220 ? NZ  ? A LYS 39 NZ  
5  1 Y 1 A HIS 221 ? CG  ? A HIS 40 CG  
6  1 Y 1 A HIS 221 ? ND1 ? A HIS 40 ND1 
7  1 Y 1 A HIS 221 ? CD2 ? A HIS 40 CD2 
8  1 Y 1 A HIS 221 ? CE1 ? A HIS 40 CE1 
9  1 Y 1 A HIS 221 ? NE2 ? A HIS 40 NE2 
10 1 Y 1 B LYS 220 ? CG  ? B LYS 39 CG  
11 1 Y 1 B LYS 220 ? CD  ? B LYS 39 CD  
12 1 Y 1 B LYS 220 ? CE  ? B LYS 39 CE  
13 1 Y 1 B LYS 220 ? NZ  ? B LYS 39 NZ  
14 1 Y 1 B HIS 221 ? CB  ? B HIS 40 CB  
15 1 Y 1 B HIS 221 ? CG  ? B HIS 40 CG  
16 1 Y 1 B HIS 221 ? ND1 ? B HIS 40 ND1 
17 1 Y 1 B HIS 221 ? CD2 ? B HIS 40 CD2 
18 1 Y 1 B HIS 221 ? CE1 ? B HIS 40 CE1 
19 1 Y 1 B HIS 221 ? NE2 ? B HIS 40 NE2 
# 
loop_
_software.name 
_software.classification 
_software.version 
_software.citation_id 
_software.pdbx_ordinal 
CNS       refinement       . ? 1 
DENZO     'data reduction' . ? 2 
SCALEPACK 'data scaling'   . ? 3 
CNS       phasing          . ? 4 
# 
_cell.entry_id           1L8R 
_cell.length_a           28.797 
_cell.length_b           47.731 
_cell.length_c           50.436 
_cell.angle_alpha        60.75 
_cell.angle_beta         86.86 
_cell.angle_gamma        84.55 
_cell.Z_PDB              2 
_cell.pdbx_unique_axis   ? 
# 
_symmetry.entry_id                         1L8R 
_symmetry.space_group_name_H-M             'P 1' 
_symmetry.pdbx_full_space_group_name_H-M   ? 
_symmetry.cell_setting                     ? 
_symmetry.Int_Tables_number                1 
# 
_exptl.entry_id          1L8R 
_exptl.method            'X-RAY DIFFRACTION' 
_exptl.crystals_number   1 
# 
_exptl_crystal.id                    1 
_exptl_crystal.density_meas          ? 
_exptl_crystal.density_percent_sol   53.88 
_exptl_crystal.density_Matthews      2.67 
_exptl_crystal.description           ? 
# 
_exptl_crystal_grow.crystal_id      1 
_exptl_crystal_grow.method          'VAPOR DIFFUSION' 
_exptl_crystal_grow.temp            277 
_exptl_crystal_grow.temp_details    ? 
_exptl_crystal_grow.pH              7.5 
_exptl_crystal_grow.pdbx_details    'PEG 10000, Ammonium Sulphate, pH 7.5, VAPOR DIFFUSION, temperature 277K' 
_exptl_crystal_grow.pdbx_pH_range   . 
# 
_diffrn.id                     1 
_diffrn.ambient_temp           100 
_diffrn.ambient_temp_details   ? 
_diffrn.crystal_id             1 
# 
_diffrn_detector.diffrn_id              1 
_diffrn_detector.detector               CCD 
_diffrn_detector.type                   CUSTOM-MADE 
_diffrn_detector.pdbx_collection_date   2001-05-01 
_diffrn_detector.details                ? 
# 
_diffrn_radiation.diffrn_id                        1 
_diffrn_radiation.wavelength_id                    1 
_diffrn_radiation.pdbx_monochromatic_or_laue_m_l   M 
_diffrn_radiation.monochromator                    'Double crystal monochromator' 
_diffrn_radiation.pdbx_diffrn_protocol             MAD 
_diffrn_radiation.pdbx_scattering_type             x-ray 
# 
loop_
_diffrn_radiation_wavelength.id 
_diffrn_radiation_wavelength.wavelength 
_diffrn_radiation_wavelength.wt 
1 0.97981 1.0 
2 0.97904 1.0 
3 0.95366 1.0 
# 
_diffrn_source.diffrn_id                   1 
_diffrn_source.source                      SYNCHROTRON 
_diffrn_source.type                        'APS BEAMLINE 19-ID' 
_diffrn_source.pdbx_synchrotron_site       APS 
_diffrn_source.pdbx_synchrotron_beamline   19-ID 
_diffrn_source.pdbx_wavelength             ? 
_diffrn_source.pdbx_wavelength_list        '0.97981, 0.97904, 0.95366' 
# 
_reflns.entry_id                     1L8R 
_reflns.observed_criterion_sigma_I   0.0 
_reflns.observed_criterion_sigma_F   ? 
_reflns.d_resolution_low             25.14 
_reflns.d_resolution_high            1.65 
_reflns.number_obs                   53166 
_reflns.number_all                   56014 
_reflns.percent_possible_obs         96.5 
_reflns.pdbx_Rmerge_I_obs            ? 
_reflns.pdbx_Rsym_value              ? 
_reflns.pdbx_netI_over_sigmaI        ? 
_reflns.B_iso_Wilson_estimate        ? 
_reflns.pdbx_redundancy              ? 
_reflns.R_free_details               ? 
_reflns.limit_h_max                  ? 
_reflns.limit_h_min                  ? 
_reflns.limit_k_max                  ? 
_reflns.limit_k_min                  ? 
_reflns.limit_l_max                  ? 
_reflns.limit_l_min                  ? 
_reflns.observed_criterion_F_max     ? 
_reflns.observed_criterion_F_min     ? 
_reflns.pdbx_diffrn_id               1 
_reflns.pdbx_ordinal                 1 
# 
_reflns_shell.d_res_high             1.65 
_reflns_shell.d_res_low              1.71 
_reflns_shell.percent_possible_all   91.5 
_reflns_shell.Rmerge_I_obs           ? 
_reflns_shell.pdbx_Rsym_value        ? 
_reflns_shell.meanI_over_sigI_obs    ? 
_reflns_shell.pdbx_redundancy        ? 
_reflns_shell.percent_possible_obs   ? 
_reflns_shell.number_unique_all      ? 
_reflns_shell.pdbx_diffrn_id         ? 
_reflns_shell.pdbx_ordinal           1 
# 
_refine.entry_id                                 1L8R 
_refine.ls_number_reflns_obs                     51275 
_refine.ls_number_reflns_all                     56284 
_refine.pdbx_ls_sigma_I                          ? 
_refine.pdbx_ls_sigma_F                          0 
_refine.pdbx_data_cutoff_high_absF               ? 
_refine.pdbx_data_cutoff_low_absF                ? 
_refine.ls_d_res_low                             50.0 
_refine.ls_d_res_high                            1.65 
_refine.ls_percent_reflns_obs                    ? 
_refine.ls_R_factor_obs                          0.2370000 
_refine.ls_R_factor_all                          0.2370000 
_refine.ls_R_factor_R_work                       0.2370000 
_refine.ls_R_factor_R_free                       0.2590000 
_refine.ls_R_factor_R_free_error                 ? 
_refine.ls_R_factor_R_free_error_details         ? 
_refine.ls_percent_reflns_R_free                 9.8 
_refine.ls_number_reflns_R_free                  5009 
_refine.ls_number_parameters                     ? 
_refine.ls_number_restraints                     ? 
_refine.occupancy_min                            ? 
_refine.occupancy_max                            ? 
_refine.B_iso_mean                               ? 
_refine.aniso_B[1][1]                            ? 
_refine.aniso_B[2][2]                            ? 
_refine.aniso_B[3][3]                            ? 
_refine.aniso_B[1][2]                            ? 
_refine.aniso_B[1][3]                            ? 
_refine.aniso_B[2][3]                            ? 
_refine.solvent_model_details                    ? 
_refine.solvent_model_param_ksol                 ? 
_refine.solvent_model_param_bsol                 ? 
_refine.pdbx_ls_cross_valid_method               ? 
_refine.details                                  ? 
_refine.pdbx_starting_model                      ? 
_refine.pdbx_method_to_determine_struct          MAD 
_refine.pdbx_isotropic_thermal_model             ? 
_refine.pdbx_stereochemistry_target_values       'Engh & Huber' 
_refine.pdbx_stereochem_target_val_spec_case     ? 
_refine.pdbx_R_Free_selection_details            RANDOM 
_refine.pdbx_overall_ESU_R_Free                  ? 
_refine.overall_SU_B                             ? 
_refine.ls_redundancy_reflns_obs                 ? 
_refine.B_iso_min                                ? 
_refine.B_iso_max                                ? 
_refine.correlation_coeff_Fo_to_Fc               ? 
_refine.overall_SU_R_Cruickshank_DPI             ? 
_refine.overall_SU_R_free                        ? 
_refine.overall_SU_ML                            ? 
_refine.pdbx_overall_ESU_R                       ? 
_refine.pdbx_data_cutoff_high_rms_absF           ? 
_refine.correlation_coeff_Fo_to_Fc_free          ? 
_refine.pdbx_solvent_vdw_probe_radii             ? 
_refine.pdbx_solvent_ion_probe_radii             ? 
_refine.pdbx_solvent_shrinkage_radii             ? 
_refine.pdbx_refine_id                           'X-RAY DIFFRACTION' 
_refine.pdbx_diffrn_id                           1 
_refine.pdbx_TLS_residual_ADP_flag               ? 
_refine.pdbx_overall_phase_error                 ? 
_refine.pdbx_overall_SU_R_free_Cruickshank_DPI   ? 
_refine.pdbx_overall_SU_R_Blow_DPI               ? 
_refine.pdbx_overall_SU_R_free_Blow_DPI          ? 
# 
_refine_hist.pdbx_refine_id                   'X-RAY DIFFRACTION' 
_refine_hist.cycle_id                         LAST 
_refine_hist.pdbx_number_atoms_protein        1539 
_refine_hist.pdbx_number_atoms_nucleic_acid   0 
_refine_hist.pdbx_number_atoms_ligand         0 
_refine_hist.number_atoms_solvent             153 
_refine_hist.number_atoms_total               1692 
_refine_hist.d_res_high                       1.65 
_refine_hist.d_res_low                        50.0 
# 
loop_
_refine_ls_restr.type 
_refine_ls_restr.dev_ideal 
_refine_ls_restr.dev_ideal_target 
_refine_ls_restr.weight 
_refine_ls_restr.number 
_refine_ls_restr.pdbx_refine_id 
_refine_ls_restr.pdbx_restraint_function 
x_dihedral_angle_d 22.1  ? ? ? 'X-RAY DIFFRACTION' ? 
x_bond_d           .0049 ? ? ? 'X-RAY DIFFRACTION' ? 
x_angle_d          1.12  ? ? ? 'X-RAY DIFFRACTION' ? 
x_improper_angle_d 0.71  ? ? ? 'X-RAY DIFFRACTION' ? 
# 
_struct.entry_id                  1L8R 
_struct.title                     'Structure of the Retinal Determination Protein Dachshund Reveals a DNA-Binding Motif' 
_struct.pdbx_model_details        ? 
_struct.pdbx_CASP_flag            ? 
_struct.pdbx_model_type_details   ? 
# 
_struct_keywords.entry_id        1L8R 
_struct_keywords.pdbx_keywords   TRANSCRIPTION 
_struct_keywords.text            'winged-helix, TRANSCRIPTION' 
# 
loop_
_struct_asym.id 
_struct_asym.pdbx_blank_PDB_chainid_flag 
_struct_asym.pdbx_modified 
_struct_asym.entity_id 
_struct_asym.details 
A N N 1 ? 
B N N 1 ? 
C N N 2 ? 
D N N 2 ? 
# 
_struct_ref.id                         1 
_struct_ref.db_name                    UNP 
_struct_ref.db_code                    DACH1_HUMAN 
_struct_ref.entity_id                  1 
_struct_ref.pdbx_seq_one_letter_code   
;QNNECKMVDLRGAKVASFTVEGCELICLPQAFDLFLKHLVGGLHTVYTKLKRLEITPVVCNVEQVRILRGLGAIQPGVNR
CKLISRKDFETLYNDCTNA
;
_struct_ref.pdbx_align_begin           184 
_struct_ref.pdbx_db_accession          Q9UI36 
_struct_ref.pdbx_db_isoform            ? 
# 
loop_
_struct_ref_seq.align_id 
_struct_ref_seq.ref_id 
_struct_ref_seq.pdbx_PDB_id_code 
_struct_ref_seq.pdbx_strand_id 
_struct_ref_seq.seq_align_beg 
_struct_ref_seq.pdbx_seq_align_beg_ins_code 
_struct_ref_seq.seq_align_end 
_struct_ref_seq.pdbx_seq_align_end_ins_code 
_struct_ref_seq.pdbx_db_accession 
_struct_ref_seq.db_align_beg 
_struct_ref_seq.pdbx_db_align_beg_ins_code 
_struct_ref_seq.db_align_end 
_struct_ref_seq.pdbx_db_align_end_ins_code 
_struct_ref_seq.pdbx_auth_seq_align_beg 
_struct_ref_seq.pdbx_auth_seq_align_end 
1 1 1L8R A 3 ? 101 ? Q9UI36 184 ? 282 ? 184 282 
2 1 1L8R B 3 ? 101 ? Q9UI36 184 ? 282 ? 184 282 
# 
loop_
_struct_ref_seq_dif.align_id 
_struct_ref_seq_dif.pdbx_pdb_id_code 
_struct_ref_seq_dif.mon_id 
_struct_ref_seq_dif.pdbx_pdb_strand_id 
_struct_ref_seq_dif.seq_num 
_struct_ref_seq_dif.pdbx_pdb_ins_code 
_struct_ref_seq_dif.pdbx_seq_db_name 
_struct_ref_seq_dif.pdbx_seq_db_accession_code 
_struct_ref_seq_dif.db_mon_id 
_struct_ref_seq_dif.pdbx_seq_db_seq_num 
_struct_ref_seq_dif.details 
_struct_ref_seq_dif.pdbx_auth_seq_num 
_struct_ref_seq_dif.pdbx_ordinal 
1 1L8R GLY A 1 ? UNP Q9UI36 ?   ?   'cloning artifact' 182 1 
1 1L8R SER A 2 ? UNP Q9UI36 ?   ?   'cloning artifact' 183 2 
1 1L8R MSE A 9 ? UNP Q9UI36 MET 190 'modified residue' 190 3 
2 1L8R GLY B 1 ? UNP Q9UI36 ?   ?   'cloning artifact' 182 4 
2 1L8R SER B 2 ? UNP Q9UI36 ?   ?   'cloning artifact' 183 5 
2 1L8R MSE B 9 ? UNP Q9UI36 MET 190 'modified residue' 190 6 
# 
loop_
_pdbx_struct_assembly.id 
_pdbx_struct_assembly.details 
_pdbx_struct_assembly.method_details 
_pdbx_struct_assembly.oligomeric_details 
_pdbx_struct_assembly.oligomeric_count 
1 author_defined_assembly ? monomeric 1 
2 author_defined_assembly ? monomeric 1 
# 
loop_
_pdbx_struct_assembly_gen.assembly_id 
_pdbx_struct_assembly_gen.oper_expression 
_pdbx_struct_assembly_gen.asym_id_list 
1 1 A,C 
2 1 B,D 
# 
_pdbx_struct_oper_list.id                   1 
_pdbx_struct_oper_list.type                 'identity operation' 
_pdbx_struct_oper_list.name                 1_555 
_pdbx_struct_oper_list.symmetry_operation   x,y,z 
_pdbx_struct_oper_list.matrix[1][1]         1.0000000000 
_pdbx_struct_oper_list.matrix[1][2]         0.0000000000 
_pdbx_struct_oper_list.matrix[1][3]         0.0000000000 
_pdbx_struct_oper_list.vector[1]            0.0000000000 
_pdbx_struct_oper_list.matrix[2][1]         0.0000000000 
_pdbx_struct_oper_list.matrix[2][2]         1.0000000000 
_pdbx_struct_oper_list.matrix[2][3]         0.0000000000 
_pdbx_struct_oper_list.vector[2]            0.0000000000 
_pdbx_struct_oper_list.matrix[3][1]         0.0000000000 
_pdbx_struct_oper_list.matrix[3][2]         0.0000000000 
_pdbx_struct_oper_list.matrix[3][3]         1.0000000000 
_pdbx_struct_oper_list.vector[3]            0.0000000000 
# 
loop_
_struct_conf.conf_type_id 
_struct_conf.id 
_struct_conf.pdbx_PDB_helix_id 
_struct_conf.beg_label_comp_id 
_struct_conf.beg_label_asym_id 
_struct_conf.beg_label_seq_id 
_struct_conf.pdbx_beg_PDB_ins_code 
_struct_conf.end_label_comp_id 
_struct_conf.end_label_asym_id 
_struct_conf.end_label_seq_id 
_struct_conf.pdbx_end_PDB_ins_code 
_struct_conf.beg_auth_comp_id 
_struct_conf.beg_auth_asym_id 
_struct_conf.beg_auth_seq_id 
_struct_conf.end_auth_comp_id 
_struct_conf.end_auth_asym_id 
_struct_conf.end_auth_seq_id 
_struct_conf.pdbx_PDB_helix_class 
_struct_conf.details 
_struct_conf.pdbx_PDB_helix_length 
HELX_P HELX_P1 1 SER A 2  ? GLU A 6   ? SER A 183 GLU A 187 5 ? 5  
HELX_P HELX_P2 2 LEU A 30 ? LEU A 38  ? LEU A 211 LEU A 219 1 ? 9  
HELX_P HELX_P3 3 GLY A 44 ? LEU A 55  ? GLY A 225 LEU A 236 1 ? 12 
HELX_P HELX_P4 4 ASN A 63 ? LEU A 73  ? ASN A 244 LEU A 254 1 ? 11 
HELX_P HELX_P5 5 ARG A 88 ? ASN A 100 ? ARG A 269 ASN A 281 1 ? 13 
HELX_P HELX_P6 6 LEU B 30 ? LEU B 38  ? LEU B 211 LEU B 219 1 ? 9  
HELX_P HELX_P7 7 GLY B 43 ? LEU B 55  ? GLY B 224 LEU B 236 1 ? 13 
HELX_P HELX_P8 8 ASN B 63 ? LEU B 73  ? ASN B 244 LEU B 254 1 ? 11 
HELX_P HELX_P9 9 ARG B 88 ? ASN B 100 ? ARG B 269 ASN B 281 1 ? 13 
# 
_struct_conf_type.id          HELX_P 
_struct_conf_type.criteria    ? 
_struct_conf_type.reference   ? 
# 
loop_
_struct_conn.id 
_struct_conn.conn_type_id 
_struct_conn.pdbx_leaving_atom_flag 
_struct_conn.pdbx_PDB_id 
_struct_conn.ptnr1_label_asym_id 
_struct_conn.ptnr1_label_comp_id 
_struct_conn.ptnr1_label_seq_id 
_struct_conn.ptnr1_label_atom_id 
_struct_conn.pdbx_ptnr1_label_alt_id 
_struct_conn.pdbx_ptnr1_PDB_ins_code 
_struct_conn.pdbx_ptnr1_standard_comp_id 
_struct_conn.ptnr1_symmetry 
_struct_conn.ptnr2_label_asym_id 
_struct_conn.ptnr2_label_comp_id 
_struct_conn.ptnr2_label_seq_id 
_struct_conn.ptnr2_label_atom_id 
_struct_conn.pdbx_ptnr2_label_alt_id 
_struct_conn.pdbx_ptnr2_PDB_ins_code 
_struct_conn.ptnr1_auth_asym_id 
_struct_conn.ptnr1_auth_comp_id 
_struct_conn.ptnr1_auth_seq_id 
_struct_conn.ptnr2_auth_asym_id 
_struct_conn.ptnr2_auth_comp_id 
_struct_conn.ptnr2_auth_seq_id 
_struct_conn.ptnr2_symmetry 
_struct_conn.pdbx_ptnr3_label_atom_id 
_struct_conn.pdbx_ptnr3_label_seq_id 
_struct_conn.pdbx_ptnr3_label_comp_id 
_struct_conn.pdbx_ptnr3_label_asym_id 
_struct_conn.pdbx_ptnr3_label_alt_id 
_struct_conn.pdbx_ptnr3_PDB_ins_code 
_struct_conn.details 
_struct_conn.pdbx_dist_value 
_struct_conn.pdbx_value_order 
_struct_conn.pdbx_role 
covale1 covale both ? A LYS 8 C ? ? ? 1_555 A MSE 9  N ? ? A LYS 189 A MSE 190 1_555 ? ? ? ? ? ? ? 1.327 ? ? 
covale2 covale both ? A MSE 9 C ? ? ? 1_555 A VAL 10 N ? ? A MSE 190 A VAL 191 1_555 ? ? ? ? ? ? ? 1.327 ? ? 
covale3 covale both ? B LYS 8 C ? ? ? 1_555 B MSE 9  N ? ? B LYS 189 B MSE 190 1_555 ? ? ? ? ? ? ? 1.325 ? ? 
covale4 covale both ? B MSE 9 C ? ? ? 1_555 B VAL 10 N ? ? B MSE 190 B VAL 191 1_555 ? ? ? ? ? ? ? 1.329 ? ? 
# 
_struct_conn_type.id          covale 
_struct_conn_type.criteria    ? 
_struct_conn_type.reference   ? 
# 
loop_
_pdbx_modification_feature.ordinal 
_pdbx_modification_feature.label_comp_id 
_pdbx_modification_feature.label_asym_id 
_pdbx_modification_feature.label_seq_id 
_pdbx_modification_feature.label_alt_id 
_pdbx_modification_feature.modified_residue_label_comp_id 
_pdbx_modification_feature.modified_residue_label_asym_id 
_pdbx_modification_feature.modified_residue_label_seq_id 
_pdbx_modification_feature.modified_residue_label_alt_id 
_pdbx_modification_feature.auth_comp_id 
_pdbx_modification_feature.auth_asym_id 
_pdbx_modification_feature.auth_seq_id 
_pdbx_modification_feature.PDB_ins_code 
_pdbx_modification_feature.symmetry 
_pdbx_modification_feature.modified_residue_auth_comp_id 
_pdbx_modification_feature.modified_residue_auth_asym_id 
_pdbx_modification_feature.modified_residue_auth_seq_id 
_pdbx_modification_feature.modified_residue_PDB_ins_code 
_pdbx_modification_feature.modified_residue_symmetry 
_pdbx_modification_feature.comp_id_linking_atom 
_pdbx_modification_feature.modified_residue_id_linking_atom 
_pdbx_modification_feature.modified_residue_id 
_pdbx_modification_feature.ref_pcm_id 
_pdbx_modification_feature.ref_comp_id 
_pdbx_modification_feature.type 
_pdbx_modification_feature.category 
1 MSE A 9 ? . . . . MSE A 190 ? 1_555 . . . . . . . MET 1 MSE Selenomethionine 'Named protein modification' 
2 MSE B 9 ? . . . . MSE B 190 ? 1_555 . . . . . . . MET 1 MSE Selenomethionine 'Named protein modification' 
# 
loop_
_struct_sheet.id 
_struct_sheet.type 
_struct_sheet.number_strands 
_struct_sheet.details 
A ? 5 ? 
B ? 5 ? 
# 
loop_
_struct_sheet_order.sheet_id 
_struct_sheet_order.range_id_1 
_struct_sheet_order.range_id_2 
_struct_sheet_order.offset 
_struct_sheet_order.sense 
A 1 2 ? anti-parallel 
A 2 3 ? anti-parallel 
A 3 4 ? anti-parallel 
A 4 5 ? anti-parallel 
B 1 2 ? anti-parallel 
B 2 3 ? anti-parallel 
B 3 4 ? anti-parallel 
B 4 5 ? anti-parallel 
# 
loop_
_struct_sheet_range.sheet_id 
_struct_sheet_range.id 
_struct_sheet_range.beg_label_comp_id 
_struct_sheet_range.beg_label_asym_id 
_struct_sheet_range.beg_label_seq_id 
_struct_sheet_range.pdbx_beg_PDB_ins_code 
_struct_sheet_range.end_label_comp_id 
_struct_sheet_range.end_label_asym_id 
_struct_sheet_range.end_label_seq_id 
_struct_sheet_range.pdbx_end_PDB_ins_code 
_struct_sheet_range.beg_auth_comp_id 
_struct_sheet_range.beg_auth_asym_id 
_struct_sheet_range.beg_auth_seq_id 
_struct_sheet_range.end_auth_comp_id 
_struct_sheet_range.end_auth_asym_id 
_struct_sheet_range.end_auth_seq_id 
A 1 LYS A 8  ? LEU A 12 ? LYS A 189 LEU A 193 
A 2 ALA A 15 ? VAL A 22 ? ALA A 196 VAL A 203 
A 3 CYS A 25 ? CYS A 29 ? CYS A 206 CYS A 210 
A 4 LYS A 84 ? SER A 87 ? LYS A 265 SER A 268 
A 5 VAL A 60 ? VAL A 61 ? VAL A 241 VAL A 242 
B 1 CYS B 7  ? LEU B 12 ? CYS B 188 LEU B 193 
B 2 ALA B 15 ? VAL B 22 ? ALA B 196 VAL B 203 
B 3 CYS B 25 ? CYS B 29 ? CYS B 206 CYS B 210 
B 4 LYS B 84 ? SER B 87 ? LYS B 265 SER B 268 
B 5 VAL B 60 ? VAL B 61 ? VAL B 241 VAL B 242 
# 
loop_
_pdbx_struct_sheet_hbond.sheet_id 
_pdbx_struct_sheet_hbond.range_id_1 
_pdbx_struct_sheet_hbond.range_id_2 
_pdbx_struct_sheet_hbond.range_1_label_atom_id 
_pdbx_struct_sheet_hbond.range_1_label_comp_id 
_pdbx_struct_sheet_hbond.range_1_label_asym_id 
_pdbx_struct_sheet_hbond.range_1_label_seq_id 
_pdbx_struct_sheet_hbond.range_1_PDB_ins_code 
_pdbx_struct_sheet_hbond.range_1_auth_atom_id 
_pdbx_struct_sheet_hbond.range_1_auth_comp_id 
_pdbx_struct_sheet_hbond.range_1_auth_asym_id 
_pdbx_struct_sheet_hbond.range_1_auth_seq_id 
_pdbx_struct_sheet_hbond.range_2_label_atom_id 
_pdbx_struct_sheet_hbond.range_2_label_comp_id 
_pdbx_struct_sheet_hbond.range_2_label_asym_id 
_pdbx_struct_sheet_hbond.range_2_label_seq_id 
_pdbx_struct_sheet_hbond.range_2_PDB_ins_code 
_pdbx_struct_sheet_hbond.range_2_auth_atom_id 
_pdbx_struct_sheet_hbond.range_2_auth_comp_id 
_pdbx_struct_sheet_hbond.range_2_auth_asym_id 
_pdbx_struct_sheet_hbond.range_2_auth_seq_id 
A 1 2 N LEU A 12 ? N LEU A 193 O ALA A 15 ? O ALA A 196 
A 2 3 N PHE A 20 ? N PHE A 201 O LEU A 27 ? O LEU A 208 
A 3 4 N ILE A 28 ? N ILE A 209 O ILE A 86 ? O ILE A 267 
A 4 5 O LEU A 85 ? O LEU A 266 N VAL A 60 ? N VAL A 241 
B 1 2 N VAL B 10 ? N VAL B 191 O VAL B 17 ? O VAL B 198 
B 2 3 N VAL B 22 ? N VAL B 203 O CYS B 25 ? O CYS B 206 
B 3 4 N ILE B 28 ? N ILE B 209 O ILE B 86 ? O ILE B 267 
B 4 5 O LEU B 85 ? O LEU B 266 N VAL B 60 ? N VAL B 241 
# 
_pdbx_entry_details.entry_id                   1L8R 
_pdbx_entry_details.compound_details           ? 
_pdbx_entry_details.source_details             ? 
_pdbx_entry_details.nonpolymer_details         ? 
_pdbx_entry_details.sequence_details           ? 
_pdbx_entry_details.has_ligand_of_interest     ? 
_pdbx_entry_details.has_protein_modification   Y 
# 
loop_
_pdbx_validate_torsion.id 
_pdbx_validate_torsion.PDB_model_num 
_pdbx_validate_torsion.auth_comp_id 
_pdbx_validate_torsion.auth_asym_id 
_pdbx_validate_torsion.auth_seq_id 
_pdbx_validate_torsion.PDB_ins_code 
_pdbx_validate_torsion.label_alt_id 
_pdbx_validate_torsion.phi 
_pdbx_validate_torsion.psi 
1 1 VAL A 223 ? ? -141.41 -34.31 
2 1 ASN A 281 ? ? -144.03 54.26  
3 1 LEU B 222 ? ? -38.41  121.29 
4 1 ASN B 281 ? ? -142.15 57.90  
# 
loop_
_pdbx_struct_mod_residue.id 
_pdbx_struct_mod_residue.label_asym_id 
_pdbx_struct_mod_residue.label_comp_id 
_pdbx_struct_mod_residue.label_seq_id 
_pdbx_struct_mod_residue.auth_asym_id 
_pdbx_struct_mod_residue.auth_comp_id 
_pdbx_struct_mod_residue.auth_seq_id 
_pdbx_struct_mod_residue.PDB_ins_code 
_pdbx_struct_mod_residue.parent_comp_id 
_pdbx_struct_mod_residue.details 
1 A MSE 9 A MSE 190 ? MET SELENOMETHIONINE 
2 B MSE 9 B MSE 190 ? MET SELENOMETHIONINE 
# 
loop_
_pdbx_unobs_or_zero_occ_residues.id 
_pdbx_unobs_or_zero_occ_residues.PDB_model_num 
_pdbx_unobs_or_zero_occ_residues.polymer_flag 
_pdbx_unobs_or_zero_occ_residues.occupancy_flag 
_pdbx_unobs_or_zero_occ_residues.auth_asym_id 
_pdbx_unobs_or_zero_occ_residues.auth_comp_id 
_pdbx_unobs_or_zero_occ_residues.auth_seq_id 
_pdbx_unobs_or_zero_occ_residues.PDB_ins_code 
_pdbx_unobs_or_zero_occ_residues.label_asym_id 
_pdbx_unobs_or_zero_occ_residues.label_comp_id 
_pdbx_unobs_or_zero_occ_residues.label_seq_id 
1 1 Y 1 B GLY 182 ? B GLY 1 
2 1 Y 1 B SER 183 ? B SER 2 
# 
loop_
_chem_comp_atom.comp_id 
_chem_comp_atom.atom_id 
_chem_comp_atom.type_symbol 
_chem_comp_atom.pdbx_aromatic_flag 
_chem_comp_atom.pdbx_stereo_config 
_chem_comp_atom.pdbx_ordinal 
ALA N    N  N N 1   
ALA CA   C  N S 2   
ALA C    C  N N 3   
ALA O    O  N N 4   
ALA CB   C  N N 5   
ALA OXT  O  N N 6   
ALA H    H  N N 7   
ALA H2   H  N N 8   
ALA HA   H  N N 9   
ALA HB1  H  N N 10  
ALA HB2  H  N N 11  
ALA HB3  H  N N 12  
ALA HXT  H  N N 13  
ARG N    N  N N 14  
ARG CA   C  N S 15  
ARG C    C  N N 16  
ARG O    O  N N 17  
ARG CB   C  N N 18  
ARG CG   C  N N 19  
ARG CD   C  N N 20  
ARG NE   N  N N 21  
ARG CZ   C  N N 22  
ARG NH1  N  N N 23  
ARG NH2  N  N N 24  
ARG OXT  O  N N 25  
ARG H    H  N N 26  
ARG H2   H  N N 27  
ARG HA   H  N N 28  
ARG HB2  H  N N 29  
ARG HB3  H  N N 30  
ARG HG2  H  N N 31  
ARG HG3  H  N N 32  
ARG HD2  H  N N 33  
ARG HD3  H  N N 34  
ARG HE   H  N N 35  
ARG HH11 H  N N 36  
ARG HH12 H  N N 37  
ARG HH21 H  N N 38  
ARG HH22 H  N N 39  
ARG HXT  H  N N 40  
ASN N    N  N N 41  
ASN CA   C  N S 42  
ASN C    C  N N 43  
ASN O    O  N N 44  
ASN CB   C  N N 45  
ASN CG   C  N N 46  
ASN OD1  O  N N 47  
ASN ND2  N  N N 48  
ASN OXT  O  N N 49  
ASN H    H  N N 50  
ASN H2   H  N N 51  
ASN HA   H  N N 52  
ASN HB2  H  N N 53  
ASN HB3  H  N N 54  
ASN HD21 H  N N 55  
ASN HD22 H  N N 56  
ASN HXT  H  N N 57  
ASP N    N  N N 58  
ASP CA   C  N S 59  
ASP C    C  N N 60  
ASP O    O  N N 61  
ASP CB   C  N N 62  
ASP CG   C  N N 63  
ASP OD1  O  N N 64  
ASP OD2  O  N N 65  
ASP OXT  O  N N 66  
ASP H    H  N N 67  
ASP H2   H  N N 68  
ASP HA   H  N N 69  
ASP HB2  H  N N 70  
ASP HB3  H  N N 71  
ASP HD2  H  N N 72  
ASP HXT  H  N N 73  
CYS N    N  N N 74  
CYS CA   C  N R 75  
CYS C    C  N N 76  
CYS O    O  N N 77  
CYS CB   C  N N 78  
CYS SG   S  N N 79  
CYS OXT  O  N N 80  
CYS H    H  N N 81  
CYS H2   H  N N 82  
CYS HA   H  N N 83  
CYS HB2  H  N N 84  
CYS HB3  H  N N 85  
CYS HG   H  N N 86  
CYS HXT  H  N N 87  
GLN N    N  N N 88  
GLN CA   C  N S 89  
GLN C    C  N N 90  
GLN O    O  N N 91  
GLN CB   C  N N 92  
GLN CG   C  N N 93  
GLN CD   C  N N 94  
GLN OE1  O  N N 95  
GLN NE2  N  N N 96  
GLN OXT  O  N N 97  
GLN H    H  N N 98  
GLN H2   H  N N 99  
GLN HA   H  N N 100 
GLN HB2  H  N N 101 
GLN HB3  H  N N 102 
GLN HG2  H  N N 103 
GLN HG3  H  N N 104 
GLN HE21 H  N N 105 
GLN HE22 H  N N 106 
GLN HXT  H  N N 107 
GLU N    N  N N 108 
GLU CA   C  N S 109 
GLU C    C  N N 110 
GLU O    O  N N 111 
GLU CB   C  N N 112 
GLU CG   C  N N 113 
GLU CD   C  N N 114 
GLU OE1  O  N N 115 
GLU OE2  O  N N 116 
GLU OXT  O  N N 117 
GLU H    H  N N 118 
GLU H2   H  N N 119 
GLU HA   H  N N 120 
GLU HB2  H  N N 121 
GLU HB3  H  N N 122 
GLU HG2  H  N N 123 
GLU HG3  H  N N 124 
GLU HE2  H  N N 125 
GLU HXT  H  N N 126 
GLY N    N  N N 127 
GLY CA   C  N N 128 
GLY C    C  N N 129 
GLY O    O  N N 130 
GLY OXT  O  N N 131 
GLY H    H  N N 132 
GLY H2   H  N N 133 
GLY HA2  H  N N 134 
GLY HA3  H  N N 135 
GLY HXT  H  N N 136 
HIS N    N  N N 137 
HIS CA   C  N S 138 
HIS C    C  N N 139 
HIS O    O  N N 140 
HIS CB   C  N N 141 
HIS CG   C  Y N 142 
HIS ND1  N  Y N 143 
HIS CD2  C  Y N 144 
HIS CE1  C  Y N 145 
HIS NE2  N  Y N 146 
HIS OXT  O  N N 147 
HIS H    H  N N 148 
HIS H2   H  N N 149 
HIS HA   H  N N 150 
HIS HB2  H  N N 151 
HIS HB3  H  N N 152 
HIS HD1  H  N N 153 
HIS HD2  H  N N 154 
HIS HE1  H  N N 155 
HIS HE2  H  N N 156 
HIS HXT  H  N N 157 
HOH O    O  N N 158 
HOH H1   H  N N 159 
HOH H2   H  N N 160 
ILE N    N  N N 161 
ILE CA   C  N S 162 
ILE C    C  N N 163 
ILE O    O  N N 164 
ILE CB   C  N S 165 
ILE CG1  C  N N 166 
ILE CG2  C  N N 167 
ILE CD1  C  N N 168 
ILE OXT  O  N N 169 
ILE H    H  N N 170 
ILE H2   H  N N 171 
ILE HA   H  N N 172 
ILE HB   H  N N 173 
ILE HG12 H  N N 174 
ILE HG13 H  N N 175 
ILE HG21 H  N N 176 
ILE HG22 H  N N 177 
ILE HG23 H  N N 178 
ILE HD11 H  N N 179 
ILE HD12 H  N N 180 
ILE HD13 H  N N 181 
ILE HXT  H  N N 182 
LEU N    N  N N 183 
LEU CA   C  N S 184 
LEU C    C  N N 185 
LEU O    O  N N 186 
LEU CB   C  N N 187 
LEU CG   C  N N 188 
LEU CD1  C  N N 189 
LEU CD2  C  N N 190 
LEU OXT  O  N N 191 
LEU H    H  N N 192 
LEU H2   H  N N 193 
LEU HA   H  N N 194 
LEU HB2  H  N N 195 
LEU HB3  H  N N 196 
LEU HG   H  N N 197 
LEU HD11 H  N N 198 
LEU HD12 H  N N 199 
LEU HD13 H  N N 200 
LEU HD21 H  N N 201 
LEU HD22 H  N N 202 
LEU HD23 H  N N 203 
LEU HXT  H  N N 204 
LYS N    N  N N 205 
LYS CA   C  N S 206 
LYS C    C  N N 207 
LYS O    O  N N 208 
LYS CB   C  N N 209 
LYS CG   C  N N 210 
LYS CD   C  N N 211 
LYS CE   C  N N 212 
LYS NZ   N  N N 213 
LYS OXT  O  N N 214 
LYS H    H  N N 215 
LYS H2   H  N N 216 
LYS HA   H  N N 217 
LYS HB2  H  N N 218 
LYS HB3  H  N N 219 
LYS HG2  H  N N 220 
LYS HG3  H  N N 221 
LYS HD2  H  N N 222 
LYS HD3  H  N N 223 
LYS HE2  H  N N 224 
LYS HE3  H  N N 225 
LYS HZ1  H  N N 226 
LYS HZ2  H  N N 227 
LYS HZ3  H  N N 228 
LYS HXT  H  N N 229 
MET N    N  N N 230 
MET CA   C  N S 231 
MET C    C  N N 232 
MET O    O  N N 233 
MET CB   C  N N 234 
MET CG   C  N N 235 
MET SD   S  N N 236 
MET CE   C  N N 237 
MET OXT  O  N N 238 
MET H    H  N N 239 
MET H2   H  N N 240 
MET HA   H  N N 241 
MET HB2  H  N N 242 
MET HB3  H  N N 243 
MET HG2  H  N N 244 
MET HG3  H  N N 245 
MET HE1  H  N N 246 
MET HE2  H  N N 247 
MET HE3  H  N N 248 
MET HXT  H  N N 249 
MSE N    N  N N 250 
MSE CA   C  N S 251 
MSE C    C  N N 252 
MSE O    O  N N 253 
MSE OXT  O  N N 254 
MSE CB   C  N N 255 
MSE CG   C  N N 256 
MSE SE   SE N N 257 
MSE CE   C  N N 258 
MSE H    H  N N 259 
MSE H2   H  N N 260 
MSE HA   H  N N 261 
MSE HXT  H  N N 262 
MSE HB2  H  N N 263 
MSE HB3  H  N N 264 
MSE HG2  H  N N 265 
MSE HG3  H  N N 266 
MSE HE1  H  N N 267 
MSE HE2  H  N N 268 
MSE HE3  H  N N 269 
PHE N    N  N N 270 
PHE CA   C  N S 271 
PHE C    C  N N 272 
PHE O    O  N N 273 
PHE CB   C  N N 274 
PHE CG   C  Y N 275 
PHE CD1  C  Y N 276 
PHE CD2  C  Y N 277 
PHE CE1  C  Y N 278 
PHE CE2  C  Y N 279 
PHE CZ   C  Y N 280 
PHE OXT  O  N N 281 
PHE H    H  N N 282 
PHE H2   H  N N 283 
PHE HA   H  N N 284 
PHE HB2  H  N N 285 
PHE HB3  H  N N 286 
PHE HD1  H  N N 287 
PHE HD2  H  N N 288 
PHE HE1  H  N N 289 
PHE HE2  H  N N 290 
PHE HZ   H  N N 291 
PHE HXT  H  N N 292 
PRO N    N  N N 293 
PRO CA   C  N S 294 
PRO C    C  N N 295 
PRO O    O  N N 296 
PRO CB   C  N N 297 
PRO CG   C  N N 298 
PRO CD   C  N N 299 
PRO OXT  O  N N 300 
PRO H    H  N N 301 
PRO HA   H  N N 302 
PRO HB2  H  N N 303 
PRO HB3  H  N N 304 
PRO HG2  H  N N 305 
PRO HG3  H  N N 306 
PRO HD2  H  N N 307 
PRO HD3  H  N N 308 
PRO HXT  H  N N 309 
SER N    N  N N 310 
SER CA   C  N S 311 
SER C    C  N N 312 
SER O    O  N N 313 
SER CB   C  N N 314 
SER OG   O  N N 315 
SER OXT  O  N N 316 
SER H    H  N N 317 
SER H2   H  N N 318 
SER HA   H  N N 319 
SER HB2  H  N N 320 
SER HB3  H  N N 321 
SER HG   H  N N 322 
SER HXT  H  N N 323 
THR N    N  N N 324 
THR CA   C  N S 325 
THR C    C  N N 326 
THR O    O  N N 327 
THR CB   C  N R 328 
THR OG1  O  N N 329 
THR CG2  C  N N 330 
THR OXT  O  N N 331 
THR H    H  N N 332 
THR H2   H  N N 333 
THR HA   H  N N 334 
THR HB   H  N N 335 
THR HG1  H  N N 336 
THR HG21 H  N N 337 
THR HG22 H  N N 338 
THR HG23 H  N N 339 
THR HXT  H  N N 340 
TYR N    N  N N 341 
TYR CA   C  N S 342 
TYR C    C  N N 343 
TYR O    O  N N 344 
TYR CB   C  N N 345 
TYR CG   C  Y N 346 
TYR CD1  C  Y N 347 
TYR CD2  C  Y N 348 
TYR CE1  C  Y N 349 
TYR CE2  C  Y N 350 
TYR CZ   C  Y N 351 
TYR OH   O  N N 352 
TYR OXT  O  N N 353 
TYR H    H  N N 354 
TYR H2   H  N N 355 
TYR HA   H  N N 356 
TYR HB2  H  N N 357 
TYR HB3  H  N N 358 
TYR HD1  H  N N 359 
TYR HD2  H  N N 360 
TYR HE1  H  N N 361 
TYR HE2  H  N N 362 
TYR HH   H  N N 363 
TYR HXT  H  N N 364 
VAL N    N  N N 365 
VAL CA   C  N S 366 
VAL C    C  N N 367 
VAL O    O  N N 368 
VAL CB   C  N N 369 
VAL CG1  C  N N 370 
VAL CG2  C  N N 371 
VAL OXT  O  N N 372 
VAL H    H  N N 373 
VAL H2   H  N N 374 
VAL HA   H  N N 375 
VAL HB   H  N N 376 
VAL HG11 H  N N 377 
VAL HG12 H  N N 378 
VAL HG13 H  N N 379 
VAL HG21 H  N N 380 
VAL HG22 H  N N 381 
VAL HG23 H  N N 382 
VAL HXT  H  N N 383 
# 
loop_
_chem_comp_bond.comp_id 
_chem_comp_bond.atom_id_1 
_chem_comp_bond.atom_id_2 
_chem_comp_bond.value_order 
_chem_comp_bond.pdbx_aromatic_flag 
_chem_comp_bond.pdbx_stereo_config 
_chem_comp_bond.pdbx_ordinal 
ALA N   CA   sing N N 1   
ALA N   H    sing N N 2   
ALA N   H2   sing N N 3   
ALA CA  C    sing N N 4   
ALA CA  CB   sing N N 5   
ALA CA  HA   sing N N 6   
ALA C   O    doub N N 7   
ALA C   OXT  sing N N 8   
ALA CB  HB1  sing N N 9   
ALA CB  HB2  sing N N 10  
ALA CB  HB3  sing N N 11  
ALA OXT HXT  sing N N 12  
ARG N   CA   sing N N 13  
ARG N   H    sing N N 14  
ARG N   H2   sing N N 15  
ARG CA  C    sing N N 16  
ARG CA  CB   sing N N 17  
ARG CA  HA   sing N N 18  
ARG C   O    doub N N 19  
ARG C   OXT  sing N N 20  
ARG CB  CG   sing N N 21  
ARG CB  HB2  sing N N 22  
ARG CB  HB3  sing N N 23  
ARG CG  CD   sing N N 24  
ARG CG  HG2  sing N N 25  
ARG CG  HG3  sing N N 26  
ARG CD  NE   sing N N 27  
ARG CD  HD2  sing N N 28  
ARG CD  HD3  sing N N 29  
ARG NE  CZ   sing N N 30  
ARG NE  HE   sing N N 31  
ARG CZ  NH1  sing N N 32  
ARG CZ  NH2  doub N N 33  
ARG NH1 HH11 sing N N 34  
ARG NH1 HH12 sing N N 35  
ARG NH2 HH21 sing N N 36  
ARG NH2 HH22 sing N N 37  
ARG OXT HXT  sing N N 38  
ASN N   CA   sing N N 39  
ASN N   H    sing N N 40  
ASN N   H2   sing N N 41  
ASN CA  C    sing N N 42  
ASN CA  CB   sing N N 43  
ASN CA  HA   sing N N 44  
ASN C   O    doub N N 45  
ASN C   OXT  sing N N 46  
ASN CB  CG   sing N N 47  
ASN CB  HB2  sing N N 48  
ASN CB  HB3  sing N N 49  
ASN CG  OD1  doub N N 50  
ASN CG  ND2  sing N N 51  
ASN ND2 HD21 sing N N 52  
ASN ND2 HD22 sing N N 53  
ASN OXT HXT  sing N N 54  
ASP N   CA   sing N N 55  
ASP N   H    sing N N 56  
ASP N   H2   sing N N 57  
ASP CA  C    sing N N 58  
ASP CA  CB   sing N N 59  
ASP CA  HA   sing N N 60  
ASP C   O    doub N N 61  
ASP C   OXT  sing N N 62  
ASP CB  CG   sing N N 63  
ASP CB  HB2  sing N N 64  
ASP CB  HB3  sing N N 65  
ASP CG  OD1  doub N N 66  
ASP CG  OD2  sing N N 67  
ASP OD2 HD2  sing N N 68  
ASP OXT HXT  sing N N 69  
CYS N   CA   sing N N 70  
CYS N   H    sing N N 71  
CYS N   H2   sing N N 72  
CYS CA  C    sing N N 73  
CYS CA  CB   sing N N 74  
CYS CA  HA   sing N N 75  
CYS C   O    doub N N 76  
CYS C   OXT  sing N N 77  
CYS CB  SG   sing N N 78  
CYS CB  HB2  sing N N 79  
CYS CB  HB3  sing N N 80  
CYS SG  HG   sing N N 81  
CYS OXT HXT  sing N N 82  
GLN N   CA   sing N N 83  
GLN N   H    sing N N 84  
GLN N   H2   sing N N 85  
GLN CA  C    sing N N 86  
GLN CA  CB   sing N N 87  
GLN CA  HA   sing N N 88  
GLN C   O    doub N N 89  
GLN C   OXT  sing N N 90  
GLN CB  CG   sing N N 91  
GLN CB  HB2  sing N N 92  
GLN CB  HB3  sing N N 93  
GLN CG  CD   sing N N 94  
GLN CG  HG2  sing N N 95  
GLN CG  HG3  sing N N 96  
GLN CD  OE1  doub N N 97  
GLN CD  NE2  sing N N 98  
GLN NE2 HE21 sing N N 99  
GLN NE2 HE22 sing N N 100 
GLN OXT HXT  sing N N 101 
GLU N   CA   sing N N 102 
GLU N   H    sing N N 103 
GLU N   H2   sing N N 104 
GLU CA  C    sing N N 105 
GLU CA  CB   sing N N 106 
GLU CA  HA   sing N N 107 
GLU C   O    doub N N 108 
GLU C   OXT  sing N N 109 
GLU CB  CG   sing N N 110 
GLU CB  HB2  sing N N 111 
GLU CB  HB3  sing N N 112 
GLU CG  CD   sing N N 113 
GLU CG  HG2  sing N N 114 
GLU CG  HG3  sing N N 115 
GLU CD  OE1  doub N N 116 
GLU CD  OE2  sing N N 117 
GLU OE2 HE2  sing N N 118 
GLU OXT HXT  sing N N 119 
GLY N   CA   sing N N 120 
GLY N   H    sing N N 121 
GLY N   H2   sing N N 122 
GLY CA  C    sing N N 123 
GLY CA  HA2  sing N N 124 
GLY CA  HA3  sing N N 125 
GLY C   O    doub N N 126 
GLY C   OXT  sing N N 127 
GLY OXT HXT  sing N N 128 
HIS N   CA   sing N N 129 
HIS N   H    sing N N 130 
HIS N   H2   sing N N 131 
HIS CA  C    sing N N 132 
HIS CA  CB   sing N N 133 
HIS CA  HA   sing N N 134 
HIS C   O    doub N N 135 
HIS C   OXT  sing N N 136 
HIS CB  CG   sing N N 137 
HIS CB  HB2  sing N N 138 
HIS CB  HB3  sing N N 139 
HIS CG  ND1  sing Y N 140 
HIS CG  CD2  doub Y N 141 
HIS ND1 CE1  doub Y N 142 
HIS ND1 HD1  sing N N 143 
HIS CD2 NE2  sing Y N 144 
HIS CD2 HD2  sing N N 145 
HIS CE1 NE2  sing Y N 146 
HIS CE1 HE1  sing N N 147 
HIS NE2 HE2  sing N N 148 
HIS OXT HXT  sing N N 149 
HOH O   H1   sing N N 150 
HOH O   H2   sing N N 151 
ILE N   CA   sing N N 152 
ILE N   H    sing N N 153 
ILE N   H2   sing N N 154 
ILE CA  C    sing N N 155 
ILE CA  CB   sing N N 156 
ILE CA  HA   sing N N 157 
ILE C   O    doub N N 158 
ILE C   OXT  sing N N 159 
ILE CB  CG1  sing N N 160 
ILE CB  CG2  sing N N 161 
ILE CB  HB   sing N N 162 
ILE CG1 CD1  sing N N 163 
ILE CG1 HG12 sing N N 164 
ILE CG1 HG13 sing N N 165 
ILE CG2 HG21 sing N N 166 
ILE CG2 HG22 sing N N 167 
ILE CG2 HG23 sing N N 168 
ILE CD1 HD11 sing N N 169 
ILE CD1 HD12 sing N N 170 
ILE CD1 HD13 sing N N 171 
ILE OXT HXT  sing N N 172 
LEU N   CA   sing N N 173 
LEU N   H    sing N N 174 
LEU N   H2   sing N N 175 
LEU CA  C    sing N N 176 
LEU CA  CB   sing N N 177 
LEU CA  HA   sing N N 178 
LEU C   O    doub N N 179 
LEU C   OXT  sing N N 180 
LEU CB  CG   sing N N 181 
LEU CB  HB2  sing N N 182 
LEU CB  HB3  sing N N 183 
LEU CG  CD1  sing N N 184 
LEU CG  CD2  sing N N 185 
LEU CG  HG   sing N N 186 
LEU CD1 HD11 sing N N 187 
LEU CD1 HD12 sing N N 188 
LEU CD1 HD13 sing N N 189 
LEU CD2 HD21 sing N N 190 
LEU CD2 HD22 sing N N 191 
LEU CD2 HD23 sing N N 192 
LEU OXT HXT  sing N N 193 
LYS N   CA   sing N N 194 
LYS N   H    sing N N 195 
LYS N   H2   sing N N 196 
LYS CA  C    sing N N 197 
LYS CA  CB   sing N N 198 
LYS CA  HA   sing N N 199 
LYS C   O    doub N N 200 
LYS C   OXT  sing N N 201 
LYS CB  CG   sing N N 202 
LYS CB  HB2  sing N N 203 
LYS CB  HB3  sing N N 204 
LYS CG  CD   sing N N 205 
LYS CG  HG2  sing N N 206 
LYS CG  HG3  sing N N 207 
LYS CD  CE   sing N N 208 
LYS CD  HD2  sing N N 209 
LYS CD  HD3  sing N N 210 
LYS CE  NZ   sing N N 211 
LYS CE  HE2  sing N N 212 
LYS CE  HE3  sing N N 213 
LYS NZ  HZ1  sing N N 214 
LYS NZ  HZ2  sing N N 215 
LYS NZ  HZ3  sing N N 216 
LYS OXT HXT  sing N N 217 
MET N   CA   sing N N 218 
MET N   H    sing N N 219 
MET N   H2   sing N N 220 
MET CA  C    sing N N 221 
MET CA  CB   sing N N 222 
MET CA  HA   sing N N 223 
MET C   O    doub N N 224 
MET C   OXT  sing N N 225 
MET CB  CG   sing N N 226 
MET CB  HB2  sing N N 227 
MET CB  HB3  sing N N 228 
MET CG  SD   sing N N 229 
MET CG  HG2  sing N N 230 
MET CG  HG3  sing N N 231 
MET SD  CE   sing N N 232 
MET CE  HE1  sing N N 233 
MET CE  HE2  sing N N 234 
MET CE  HE3  sing N N 235 
MET OXT HXT  sing N N 236 
MSE N   CA   sing N N 237 
MSE N   H    sing N N 238 
MSE N   H2   sing N N 239 
MSE CA  C    sing N N 240 
MSE CA  CB   sing N N 241 
MSE CA  HA   sing N N 242 
MSE C   O    doub N N 243 
MSE C   OXT  sing N N 244 
MSE OXT HXT  sing N N 245 
MSE CB  CG   sing N N 246 
MSE CB  HB2  sing N N 247 
MSE CB  HB3  sing N N 248 
MSE CG  SE   sing N N 249 
MSE CG  HG2  sing N N 250 
MSE CG  HG3  sing N N 251 
MSE SE  CE   sing N N 252 
MSE CE  HE1  sing N N 253 
MSE CE  HE2  sing N N 254 
MSE CE  HE3  sing N N 255 
PHE N   CA   sing N N 256 
PHE N   H    sing N N 257 
PHE N   H2   sing N N 258 
PHE CA  C    sing N N 259 
PHE CA  CB   sing N N 260 
PHE CA  HA   sing N N 261 
PHE C   O    doub N N 262 
PHE C   OXT  sing N N 263 
PHE CB  CG   sing N N 264 
PHE CB  HB2  sing N N 265 
PHE CB  HB3  sing N N 266 
PHE CG  CD1  doub Y N 267 
PHE CG  CD2  sing Y N 268 
PHE CD1 CE1  sing Y N 269 
PHE CD1 HD1  sing N N 270 
PHE CD2 CE2  doub Y N 271 
PHE CD2 HD2  sing N N 272 
PHE CE1 CZ   doub Y N 273 
PHE CE1 HE1  sing N N 274 
PHE CE2 CZ   sing Y N 275 
PHE CE2 HE2  sing N N 276 
PHE CZ  HZ   sing N N 277 
PHE OXT HXT  sing N N 278 
PRO N   CA   sing N N 279 
PRO N   CD   sing N N 280 
PRO N   H    sing N N 281 
PRO CA  C    sing N N 282 
PRO CA  CB   sing N N 283 
PRO CA  HA   sing N N 284 
PRO C   O    doub N N 285 
PRO C   OXT  sing N N 286 
PRO CB  CG   sing N N 287 
PRO CB  HB2  sing N N 288 
PRO CB  HB3  sing N N 289 
PRO CG  CD   sing N N 290 
PRO CG  HG2  sing N N 291 
PRO CG  HG3  sing N N 292 
PRO CD  HD2  sing N N 293 
PRO CD  HD3  sing N N 294 
PRO OXT HXT  sing N N 295 
SER N   CA   sing N N 296 
SER N   H    sing N N 297 
SER N   H2   sing N N 298 
SER CA  C    sing N N 299 
SER CA  CB   sing N N 300 
SER CA  HA   sing N N 301 
SER C   O    doub N N 302 
SER C   OXT  sing N N 303 
SER CB  OG   sing N N 304 
SER CB  HB2  sing N N 305 
SER CB  HB3  sing N N 306 
SER OG  HG   sing N N 307 
SER OXT HXT  sing N N 308 
THR N   CA   sing N N 309 
THR N   H    sing N N 310 
THR N   H2   sing N N 311 
THR CA  C    sing N N 312 
THR CA  CB   sing N N 313 
THR CA  HA   sing N N 314 
THR C   O    doub N N 315 
THR C   OXT  sing N N 316 
THR CB  OG1  sing N N 317 
THR CB  CG2  sing N N 318 
THR CB  HB   sing N N 319 
THR OG1 HG1  sing N N 320 
THR CG2 HG21 sing N N 321 
THR CG2 HG22 sing N N 322 
THR CG2 HG23 sing N N 323 
THR OXT HXT  sing N N 324 
TYR N   CA   sing N N 325 
TYR N   H    sing N N 326 
TYR N   H2   sing N N 327 
TYR CA  C    sing N N 328 
TYR CA  CB   sing N N 329 
TYR CA  HA   sing N N 330 
TYR C   O    doub N N 331 
TYR C   OXT  sing N N 332 
TYR CB  CG   sing N N 333 
TYR CB  HB2  sing N N 334 
TYR CB  HB3  sing N N 335 
TYR CG  CD1  doub Y N 336 
TYR CG  CD2  sing Y N 337 
TYR CD1 CE1  sing Y N 338 
TYR CD1 HD1  sing N N 339 
TYR CD2 CE2  doub Y N 340 
TYR CD2 HD2  sing N N 341 
TYR CE1 CZ   doub Y N 342 
TYR CE1 HE1  sing N N 343 
TYR CE2 CZ   sing Y N 344 
TYR CE2 HE2  sing N N 345 
TYR CZ  OH   sing N N 346 
TYR OH  HH   sing N N 347 
TYR OXT HXT  sing N N 348 
VAL N   CA   sing N N 349 
VAL N   H    sing N N 350 
VAL N   H2   sing N N 351 
VAL CA  C    sing N N 352 
VAL CA  CB   sing N N 353 
VAL CA  HA   sing N N 354 
VAL C   O    doub N N 355 
VAL C   OXT  sing N N 356 
VAL CB  CG1  sing N N 357 
VAL CB  CG2  sing N N 358 
VAL CB  HB   sing N N 359 
VAL CG1 HG11 sing N N 360 
VAL CG1 HG12 sing N N 361 
VAL CG1 HG13 sing N N 362 
VAL CG2 HG21 sing N N 363 
VAL CG2 HG22 sing N N 364 
VAL CG2 HG23 sing N N 365 
VAL OXT HXT  sing N N 366 
# 
_atom_sites.entry_id                    1L8R 
_atom_sites.fract_transf_matrix[1][1]   -0.03267081 
_atom_sites.fract_transf_matrix[1][2]   -0.01165121 
_atom_sites.fract_transf_matrix[1][3]   0.00372176 
_atom_sites.fract_transf_matrix[2][1]   0.01005530 
_atom_sites.fract_transf_matrix[2][2]   -0.01918285 
_atom_sites.fract_transf_matrix[2][3]   0.01053855 
_atom_sites.fract_transf_matrix[3][1]   -0.00484446 
_atom_sites.fract_transf_matrix[3][2]   0.01827008 
_atom_sites.fract_transf_matrix[3][3]   0.01261771 
_atom_sites.fract_transf_vector[1]      -0.053615 
_atom_sites.fract_transf_vector[2]      -0.050609 
_atom_sites.fract_transf_vector[3]      0.645587 
# 
loop_
_atom_type.symbol 
C  
N  
O  
S  
SE 
# 
loop_
_atom_site.group_PDB 
_atom_site.id 
_atom_site.type_symbol 
_atom_site.label_atom_id 
_atom_site.label_alt_id 
_atom_site.label_comp_id 
_atom_site.label_asym_id 
_atom_site.label_entity_id 
_atom_site.label_seq_id 
_atom_site.pdbx_PDB_ins_code 
_atom_site.Cartn_x 
_atom_site.Cartn_y 
_atom_site.Cartn_z 
_atom_site.occupancy 
_atom_site.B_iso_or_equiv 
_atom_site.pdbx_formal_charge 
_atom_site.auth_seq_id 
_atom_site.auth_comp_id 
_atom_site.auth_asym_id 
_atom_site.auth_atom_id 
_atom_site.pdbx_PDB_model_num 
ATOM   1    N  N   . GLY A 1 1   ? 7.154   3.979   -21.863 1.00 31.24 ? 182 GLY A N   1 
ATOM   2    C  CA  . GLY A 1 1   ? 6.836   4.484   -20.499 1.00 30.33 ? 182 GLY A CA  1 
ATOM   3    C  C   . GLY A 1 1   ? 7.857   4.016   -19.481 1.00 29.51 ? 182 GLY A C   1 
ATOM   4    O  O   . GLY A 1 1   ? 8.914   3.501   -19.850 1.00 30.77 ? 182 GLY A O   1 
ATOM   5    N  N   . SER A 1 2   ? 7.548   4.190   -18.201 1.00 27.54 ? 183 SER A N   1 
ATOM   6    C  CA  . SER A 1 2   ? 8.459   3.783   -17.138 1.00 25.23 ? 183 SER A CA  1 
ATOM   7    C  C   . SER A 1 2   ? 8.642   2.268   -17.103 1.00 22.58 ? 183 SER A C   1 
ATOM   8    O  O   . SER A 1 2   ? 7.735   1.504   -17.449 1.00 21.96 ? 183 SER A O   1 
ATOM   9    C  CB  . SER A 1 2   ? 7.964   4.302   -15.783 1.00 26.34 ? 183 SER A CB  1 
ATOM   10   O  OG  . SER A 1 2   ? 6.579   4.059   -15.601 1.00 28.89 ? 183 SER A OG  1 
ATOM   11   N  N   . GLN A 1 3   ? 9.826   1.847   -16.678 1.00 20.24 ? 184 GLN A N   1 
ATOM   12   C  CA  . GLN A 1 3   ? 10.178  0.436   -16.623 1.00 18.06 ? 184 GLN A CA  1 
ATOM   13   C  C   . GLN A 1 3   ? 9.301   -0.409  -15.695 1.00 16.90 ? 184 GLN A C   1 
ATOM   14   O  O   . GLN A 1 3   ? 9.176   -1.613  -15.903 1.00 15.72 ? 184 GLN A O   1 
ATOM   15   C  CB  . GLN A 1 3   ? 11.655  0.293   -16.231 1.00 18.49 ? 184 GLN A CB  1 
ATOM   16   C  CG  . GLN A 1 3   ? 12.265  -1.083  -16.479 1.00 18.88 ? 184 GLN A CG  1 
ATOM   17   C  CD  . GLN A 1 3   ? 12.089  -1.566  -17.913 1.00 20.01 ? 184 GLN A CD  1 
ATOM   18   O  OE1 . GLN A 1 3   ? 12.052  -0.772  -18.857 1.00 19.22 ? 184 GLN A OE1 1 
ATOM   19   N  NE2 . GLN A 1 3   ? 11.999  -2.883  -18.081 1.00 21.90 ? 184 GLN A NE2 1 
ATOM   20   N  N   . ASN A 1 4   ? 8.685   0.213   -14.692 1.00 15.72 ? 185 ASN A N   1 
ATOM   21   C  CA  . ASN A 1 4   ? 7.834   -0.532  -13.763 1.00 14.60 ? 185 ASN A CA  1 
ATOM   22   C  C   . ASN A 1 4   ? 6.542   -1.003  -14.422 1.00 13.41 ? 185 ASN A C   1 
ATOM   23   O  O   . ASN A 1 4   ? 5.817   -1.823  -13.856 1.00 13.30 ? 185 ASN A O   1 
ATOM   24   C  CB  . ASN A 1 4   ? 7.497   0.307   -12.523 1.00 12.88 ? 185 ASN A CB  1 
ATOM   25   C  CG  . ASN A 1 4   ? 6.741   1.582   -12.857 1.00 16.08 ? 185 ASN A CG  1 
ATOM   26   O  OD1 . ASN A 1 4   ? 7.196   2.394   -13.665 1.00 18.05 ? 185 ASN A OD1 1 
ATOM   27   N  ND2 . ASN A 1 4   ? 5.579   1.765   -12.232 1.00 16.14 ? 185 ASN A ND2 1 
ATOM   28   N  N   . ASN A 1 5   ? 6.244   -0.487  -15.611 1.00 14.16 ? 186 ASN A N   1 
ATOM   29   C  CA  . ASN A 1 5   ? 5.034   -0.903  -16.305 1.00 14.55 ? 186 ASN A CA  1 
ATOM   30   C  C   . ASN A 1 5   ? 5.292   -1.915  -17.410 1.00 13.83 ? 186 ASN A C   1 
ATOM   31   O  O   . ASN A 1 5   ? 4.385   -2.270  -18.163 1.00 14.94 ? 186 ASN A O   1 
ATOM   32   C  CB  . ASN A 1 5   ? 4.300   0.314   -16.856 1.00 16.08 ? 186 ASN A CB  1 
ATOM   33   C  CG  . ASN A 1 5   ? 3.733   1.170   -15.751 1.00 18.39 ? 186 ASN A CG  1 
ATOM   34   O  OD1 . ASN A 1 5   ? 3.093   0.653   -14.832 1.00 18.04 ? 186 ASN A OD1 1 
ATOM   35   N  ND2 . ASN A 1 5   ? 3.971   2.475   -15.819 1.00 20.35 ? 186 ASN A ND2 1 
ATOM   36   N  N   . GLU A 1 6   ? 6.536   -2.371  -17.508 1.00 13.97 ? 187 GLU A N   1 
ATOM   37   C  CA  . GLU A 1 6   ? 6.906   -3.362  -18.507 1.00 14.22 ? 187 GLU A CA  1 
ATOM   38   C  C   . GLU A 1 6   ? 6.742   -4.747  -17.894 1.00 13.53 ? 187 GLU A C   1 
ATOM   39   O  O   . GLU A 1 6   ? 7.370   -5.074  -16.892 1.00 13.65 ? 187 GLU A O   1 
ATOM   40   C  CB  . GLU A 1 6   ? 8.353   -3.156  -18.957 1.00 16.71 ? 187 GLU A CB  1 
ATOM   41   C  CG  . GLU A 1 6   ? 8.550   -1.923  -19.818 1.00 21.69 ? 187 GLU A CG  1 
ATOM   42   C  CD  . GLU A 1 6   ? 7.718   -1.979  -21.086 1.00 23.43 ? 187 GLU A CD  1 
ATOM   43   O  OE1 . GLU A 1 6   ? 7.821   -2.985  -21.816 1.00 26.57 ? 187 GLU A OE1 1 
ATOM   44   O  OE2 . GLU A 1 6   ? 6.965   -1.020  -21.353 1.00 27.82 ? 187 GLU A OE2 1 
ATOM   45   N  N   . CYS A 1 7   ? 5.881   -5.553  -18.498 1.00 12.41 ? 188 CYS A N   1 
ATOM   46   C  CA  . CYS A 1 7   ? 5.621   -6.895  -17.996 1.00 13.75 ? 188 CYS A CA  1 
ATOM   47   C  C   . CYS A 1 7   ? 6.547   -7.924  -18.628 1.00 14.19 ? 188 CYS A C   1 
ATOM   48   O  O   . CYS A 1 7   ? 7.110   -7.705  -19.705 1.00 13.39 ? 188 CYS A O   1 
ATOM   49   C  CB  . CYS A 1 7   ? 4.169   -7.279  -18.302 1.00 13.51 ? 188 CYS A CB  1 
ATOM   50   S  SG  . CYS A 1 7   ? 3.560   -8.740  -17.435 1.00 18.82 ? 188 CYS A SG  1 
ATOM   51   N  N   . LYS A 1 8   ? 6.714   -9.042  -17.936 1.00 14.87 ? 189 LYS A N   1 
ATOM   52   C  CA  . LYS A 1 8   ? 7.514   -10.144 -18.448 1.00 17.25 ? 189 LYS A CA  1 
ATOM   53   C  C   . LYS A 1 8   ? 7.111   -11.402 -17.699 1.00 17.41 ? 189 LYS A C   1 
ATOM   54   O  O   . LYS A 1 8   ? 6.691   -11.346 -16.536 1.00 15.39 ? 189 LYS A O   1 
ATOM   55   C  CB  . LYS A 1 8   ? 9.019   -9.874  -18.299 1.00 19.19 ? 189 LYS A CB  1 
ATOM   56   C  CG  . LYS A 1 8   ? 9.587   -10.014 -16.905 1.00 22.81 ? 189 LYS A CG  1 
ATOM   57   C  CD  . LYS A 1 8   ? 11.109  -9.880  -16.946 1.00 27.42 ? 189 LYS A CD  1 
ATOM   58   C  CE  . LYS A 1 8   ? 11.730  -10.059 -15.573 1.00 30.09 ? 189 LYS A CE  1 
ATOM   59   N  NZ  . LYS A 1 8   ? 13.213  -9.912  -15.623 1.00 33.92 ? 189 LYS A NZ  1 
HETATM 60   N  N   . MSE A 1 9   ? 7.204   -12.538 -18.378 1.00 17.74 ? 190 MSE A N   1 
HETATM 61   C  CA  . MSE A 1 9   ? 6.845   -13.803 -17.759 1.00 20.79 ? 190 MSE A CA  1 
HETATM 62   C  C   . MSE A 1 9   ? 8.093   -14.361 -17.087 1.00 19.64 ? 190 MSE A C   1 
HETATM 63   O  O   . MSE A 1 9   ? 9.189   -14.317 -17.657 1.00 19.66 ? 190 MSE A O   1 
HETATM 64   C  CB  . MSE A 1 9   ? 6.319   -14.788 -18.810 1.00 23.11 ? 190 MSE A CB  1 
HETATM 65   C  CG  . MSE A 1 9   ? 5.168   -14.266 -19.678 1.00 26.02 ? 190 MSE A CG  1 
HETATM 66   SE SE  . MSE A 1 9   ? 3.604   -13.690 -18.689 1.00 33.48 ? 190 MSE A SE  1 
HETATM 67   C  CE  . MSE A 1 9   ? 3.938   -11.793 -18.744 1.00 33.67 ? 190 MSE A CE  1 
ATOM   68   N  N   . VAL A 1 10  ? 7.925   -14.864 -15.871 1.00 17.50 ? 191 VAL A N   1 
ATOM   69   C  CA  . VAL A 1 10  ? 9.032   -15.415 -15.103 1.00 19.64 ? 191 VAL A CA  1 
ATOM   70   C  C   . VAL A 1 10  ? 8.610   -16.753 -14.522 1.00 19.61 ? 191 VAL A C   1 
ATOM   71   O  O   . VAL A 1 10  ? 7.422   -17.060 -14.456 1.00 18.11 ? 191 VAL A O   1 
ATOM   72   C  CB  . VAL A 1 10  ? 9.445   -14.469 -13.955 1.00 19.92 ? 191 VAL A CB  1 
ATOM   73   C  CG1 . VAL A 1 10  ? 9.885   -13.129 -14.525 1.00 21.64 ? 191 VAL A CG1 1 
ATOM   74   C  CG2 . VAL A 1 10  ? 8.288   -14.287 -12.984 1.00 19.26 ? 191 VAL A CG2 1 
ATOM   75   N  N   . ASP A 1 11  ? 9.579   -17.551 -14.094 1.00 21.13 ? 192 ASP A N   1 
ATOM   76   C  CA  . ASP A 1 11  ? 9.258   -18.857 -13.547 1.00 23.19 ? 192 ASP A CA  1 
ATOM   77   C  C   . ASP A 1 11  ? 8.932   -18.797 -12.066 1.00 22.19 ? 192 ASP A C   1 
ATOM   78   O  O   . ASP A 1 11  ? 9.591   -18.099 -11.295 1.00 24.65 ? 192 ASP A O   1 
ATOM   79   C  CB  . ASP A 1 11  ? 10.418  -19.834 -13.765 1.00 26.63 ? 192 ASP A CB  1 
ATOM   80   C  CG  . ASP A 1 11  ? 10.035  -21.275 -13.447 1.00 30.33 ? 192 ASP A CG  1 
ATOM   81   O  OD1 . ASP A 1 11  ? 9.342   -21.905 -14.278 1.00 32.95 ? 192 ASP A OD1 1 
ATOM   82   O  OD2 . ASP A 1 11  ? 10.414  -21.774 -12.364 1.00 33.19 ? 192 ASP A OD2 1 
ATOM   83   N  N   . LEU A 1 12  ? 7.892   -19.523 -11.682 1.00 20.97 ? 193 LEU A N   1 
ATOM   84   C  CA  . LEU A 1 12  ? 7.480   -19.611 -10.294 1.00 21.55 ? 193 LEU A CA  1 
ATOM   85   C  C   . LEU A 1 12  ? 7.080   -21.050 -10.053 1.00 22.15 ? 193 LEU A C   1 
ATOM   86   O  O   . LEU A 1 12  ? 6.053   -21.511 -10.556 1.00 23.29 ? 193 LEU A O   1 
ATOM   87   C  CB  . LEU A 1 12  ? 6.293   -18.689 -9.996  1.00 20.48 ? 193 LEU A CB  1 
ATOM   88   C  CG  . LEU A 1 12  ? 5.834   -18.738 -8.533  1.00 21.13 ? 193 LEU A CG  1 
ATOM   89   C  CD1 . LEU A 1 12  ? 7.013   -18.412 -7.621  1.00 22.30 ? 193 LEU A CD1 1 
ATOM   90   C  CD2 . LEU A 1 12  ? 4.698   -17.752 -8.301  1.00 19.81 ? 193 LEU A CD2 1 
ATOM   91   N  N   . ARG A 1 13  ? 7.906   -21.767 -9.299  1.00 22.49 ? 194 ARG A N   1 
ATOM   92   C  CA  . ARG A 1 13  ? 7.628   -23.160 -8.988  1.00 23.99 ? 194 ARG A CA  1 
ATOM   93   C  C   . ARG A 1 13  ? 7.315   -23.967 -10.253 1.00 23.67 ? 194 ARG A C   1 
ATOM   94   O  O   . ARG A 1 13  ? 6.379   -24.760 -10.279 1.00 24.20 ? 194 ARG A O   1 
ATOM   95   C  CB  . ARG A 1 13  ? 6.455   -23.245 -8.004  1.00 24.00 ? 194 ARG A CB  1 
ATOM   96   C  CG  . ARG A 1 13  ? 6.640   -22.421 -6.734  1.00 23.28 ? 194 ARG A CG  1 
ATOM   97   C  CD  . ARG A 1 13  ? 5.406   -22.503 -5.831  1.00 23.70 ? 194 ARG A CD  1 
ATOM   98   N  NE  . ARG A 1 13  ? 5.184   -23.847 -5.301  1.00 24.24 ? 194 ARG A NE  1 
ATOM   99   C  CZ  . ARG A 1 13  ? 5.830   -24.366 -4.260  1.00 24.08 ? 194 ARG A CZ  1 
ATOM   100  N  NH1 . ARG A 1 13  ? 6.747   -23.657 -3.616  1.00 21.69 ? 194 ARG A NH1 1 
ATOM   101  N  NH2 . ARG A 1 13  ? 5.559   -25.601 -3.861  1.00 25.04 ? 194 ARG A NH2 1 
ATOM   102  N  N   . GLY A 1 14  ? 8.091   -23.739 -11.308 1.00 25.17 ? 195 GLY A N   1 
ATOM   103  C  CA  . GLY A 1 14  ? 7.894   -24.477 -12.546 1.00 24.86 ? 195 GLY A CA  1 
ATOM   104  C  C   . GLY A 1 14  ? 6.839   -23.942 -13.494 1.00 25.26 ? 195 GLY A C   1 
ATOM   105  O  O   . GLY A 1 14  ? 6.642   -24.483 -14.582 1.00 26.64 ? 195 GLY A O   1 
ATOM   106  N  N   . ALA A 1 15  ? 6.153   -22.878 -13.095 1.00 24.77 ? 196 ALA A N   1 
ATOM   107  C  CA  . ALA A 1 15  ? 5.127   -22.298 -13.944 1.00 24.44 ? 196 ALA A CA  1 
ATOM   108  C  C   . ALA A 1 15  ? 5.541   -20.903 -14.388 1.00 24.32 ? 196 ALA A C   1 
ATOM   109  O  O   . ALA A 1 15  ? 6.479   -20.317 -13.845 1.00 25.54 ? 196 ALA A O   1 
ATOM   110  C  CB  . ALA A 1 15  ? 3.801   -22.237 -13.199 1.00 23.66 ? 196 ALA A CB  1 
ATOM   111  N  N   . LYS A 1 16  ? 4.844   -20.391 -15.394 1.00 23.02 ? 197 LYS A N   1 
ATOM   112  C  CA  . LYS A 1 16  ? 5.110   -19.057 -15.912 1.00 22.22 ? 197 LYS A CA  1 
ATOM   113  C  C   . LYS A 1 16  ? 4.069   -18.108 -15.330 1.00 19.73 ? 197 LYS A C   1 
ATOM   114  O  O   . LYS A 1 16  ? 2.873   -18.401 -15.353 1.00 20.20 ? 197 LYS A O   1 
ATOM   115  C  CB  . LYS A 1 16  ? 5.019   -19.057 -17.439 1.00 24.93 ? 197 LYS A CB  1 
ATOM   116  C  CG  . LYS A 1 16  ? 6.251   -19.615 -18.137 1.00 31.19 ? 197 LYS A CG  1 
ATOM   117  C  CD  . LYS A 1 16  ? 7.391   -18.610 -18.108 1.00 33.44 ? 197 LYS A CD  1 
ATOM   118  C  CE  . LYS A 1 16  ? 8.673   -19.188 -18.694 1.00 36.49 ? 197 LYS A CE  1 
ATOM   119  N  NZ  . LYS A 1 16  ? 9.244   -20.259 -17.832 1.00 38.73 ? 197 LYS A NZ  1 
ATOM   120  N  N   . VAL A 1 17  ? 4.528   -16.983 -14.795 1.00 16.69 ? 198 VAL A N   1 
ATOM   121  C  CA  . VAL A 1 17  ? 3.630   -15.987 -14.224 1.00 15.63 ? 198 VAL A CA  1 
ATOM   122  C  C   . VAL A 1 17  ? 4.065   -14.590 -14.653 1.00 15.39 ? 198 VAL A C   1 
ATOM   123  O  O   . VAL A 1 17  ? 5.236   -14.354 -14.972 1.00 13.76 ? 198 VAL A O   1 
ATOM   124  C  CB  . VAL A 1 17  ? 3.604   -16.053 -12.677 1.00 14.63 ? 198 VAL A CB  1 
ATOM   125  C  CG1 . VAL A 1 17  ? 3.104   -17.427 -12.222 1.00 15.80 ? 198 VAL A CG1 1 
ATOM   126  C  CG2 . VAL A 1 17  ? 4.985   -15.764 -12.112 1.00 14.26 ? 198 VAL A CG2 1 
ATOM   127  N  N   . ALA A 1 18  ? 3.109   -13.669 -14.662 1.00 12.95 ? 199 ALA A N   1 
ATOM   128  C  CA  . ALA A 1 18  ? 3.374   -12.292 -15.047 1.00 14.17 ? 199 ALA A CA  1 
ATOM   129  C  C   . ALA A 1 18  ? 4.082   -11.557 -13.918 1.00 14.10 ? 199 ALA A C   1 
ATOM   130  O  O   . ALA A 1 18  ? 3.826   -11.796 -12.735 1.00 13.66 ? 199 ALA A O   1 
ATOM   131  C  CB  . ALA A 1 18  ? 2.076   -11.596 -15.407 1.00 11.77 ? 199 ALA A CB  1 
ATOM   132  N  N   . SER A 1 19  ? 4.967   -10.650 -14.294 1.00 11.00 ? 200 SER A N   1 
ATOM   133  C  CA  . SER A 1 19  ? 5.748   -9.908  -13.323 1.00 12.41 ? 200 SER A CA  1 
ATOM   134  C  C   . SER A 1 19  ? 6.006   -8.478  -13.774 1.00 10.96 ? 200 SER A C   1 
ATOM   135  O  O   . SER A 1 19  ? 5.984   -8.184  -14.969 1.00 9.74  ? 200 SER A O   1 
ATOM   136  C  CB  . SER A 1 19  ? 7.096   -10.612 -13.118 1.00 15.98 ? 200 SER A CB  1 
ATOM   137  O  OG  . SER A 1 19  ? 8.035   -9.779  -12.458 1.00 22.45 ? 200 SER A OG  1 
ATOM   138  N  N   . PHE A 1 20  ? 6.242   -7.606  -12.798 1.00 12.13 ? 201 PHE A N   1 
ATOM   139  C  CA  . PHE A 1 20  ? 6.606   -6.208  -13.039 1.00 11.43 ? 201 PHE A CA  1 
ATOM   140  C  C   . PHE A 1 20  ? 7.692   -5.925  -12.016 1.00 11.53 ? 201 PHE A C   1 
ATOM   141  O  O   . PHE A 1 20  ? 7.637   -6.427  -10.893 1.00 12.44 ? 201 PHE A O   1 
ATOM   142  C  CB  . PHE A 1 20  ? 5.446   -5.235  -12.784 1.00 10.16 ? 201 PHE A CB  1 
ATOM   143  C  CG  . PHE A 1 20  ? 4.369   -5.287  -13.817 1.00 6.83  ? 201 PHE A CG  1 
ATOM   144  C  CD1 . PHE A 1 20  ? 4.559   -4.745  -15.086 1.00 7.17  ? 201 PHE A CD1 1 
ATOM   145  C  CD2 . PHE A 1 20  ? 3.168   -5.925  -13.538 1.00 9.52  ? 201 PHE A CD2 1 
ATOM   146  C  CE1 . PHE A 1 20  ? 3.570   -4.841  -16.064 1.00 8.92  ? 201 PHE A CE1 1 
ATOM   147  C  CE2 . PHE A 1 20  ? 2.168   -6.034  -14.506 1.00 7.02  ? 201 PHE A CE2 1 
ATOM   148  C  CZ  . PHE A 1 20  ? 2.362   -5.494  -15.774 1.00 8.16  ? 201 PHE A CZ  1 
ATOM   149  N  N   . THR A 1 21  ? 8.693   -5.139  -12.397 1.00 10.59 ? 202 THR A N   1 
ATOM   150  C  CA  . THR A 1 21  ? 9.737   -4.796  -11.448 1.00 11.87 ? 202 THR A CA  1 
ATOM   151  C  C   . THR A 1 21  ? 9.445   -3.390  -10.936 1.00 12.35 ? 202 THR A C   1 
ATOM   152  O  O   . THR A 1 21  ? 9.514   -2.414  -11.683 1.00 15.54 ? 202 THR A O   1 
ATOM   153  C  CB  . THR A 1 21  ? 11.107  -4.866  -12.104 1.00 11.37 ? 202 THR A CB  1 
ATOM   154  O  OG1 . THR A 1 21  ? 11.368  -6.228  -12.468 1.00 14.68 ? 202 THR A OG1 1 
ATOM   155  C  CG2 . THR A 1 21  ? 12.186  -4.390  -11.139 1.00 13.94 ? 202 THR A CG2 1 
ATOM   156  N  N   . VAL A 1 22  ? 9.110   -3.317  -9.652  1.00 13.81 ? 203 VAL A N   1 
ATOM   157  C  CA  . VAL A 1 22  ? 8.734   -2.076  -8.973  1.00 14.00 ? 203 VAL A CA  1 
ATOM   158  C  C   . VAL A 1 22  ? 9.697   -1.736  -7.836  1.00 15.40 ? 203 VAL A C   1 
ATOM   159  O  O   . VAL A 1 22  ? 10.004  -2.585  -7.006  1.00 13.68 ? 203 VAL A O   1 
ATOM   160  C  CB  . VAL A 1 22  ? 7.310   -2.221  -8.387  1.00 17.12 ? 203 VAL A CB  1 
ATOM   161  C  CG1 . VAL A 1 22  ? 6.858   -0.920  -7.736  1.00 17.36 ? 203 VAL A CG1 1 
ATOM   162  C  CG2 . VAL A 1 22  ? 6.359   -2.651  -9.480  1.00 15.41 ? 203 VAL A CG2 1 
ATOM   163  N  N   . GLU A 1 23  ? 10.166  -0.491  -7.796  1.00 16.72 ? 204 GLU A N   1 
ATOM   164  C  CA  . GLU A 1 23  ? 11.097  -0.071  -6.754  1.00 18.39 ? 204 GLU A CA  1 
ATOM   165  C  C   . GLU A 1 23  ? 12.284  -1.019  -6.644  1.00 18.92 ? 204 GLU A C   1 
ATOM   166  O  O   . GLU A 1 23  ? 12.699  -1.369  -5.537  1.00 18.37 ? 204 GLU A O   1 
ATOM   167  C  CB  . GLU A 1 23  ? 10.407  -0.013  -5.387  1.00 21.77 ? 204 GLU A CB  1 
ATOM   168  C  CG  . GLU A 1 23  ? 9.573   1.222   -5.112  1.00 26.54 ? 204 GLU A CG  1 
ATOM   169  C  CD  . GLU A 1 23  ? 9.406   1.463   -3.617  1.00 28.71 ? 204 GLU A CD  1 
ATOM   170  O  OE1 . GLU A 1 23  ? 10.353  1.977   -2.983  1.00 31.48 ? 204 GLU A OE1 1 
ATOM   171  O  OE2 . GLU A 1 23  ? 8.341   1.125   -3.067  1.00 30.96 ? 204 GLU A OE2 1 
ATOM   172  N  N   . GLY A 1 24  ? 12.811  -1.442  -7.788  1.00 19.02 ? 205 GLY A N   1 
ATOM   173  C  CA  . GLY A 1 24  ? 13.963  -2.330  -7.804  1.00 19.88 ? 205 GLY A CA  1 
ATOM   174  C  C   . GLY A 1 24  ? 13.742  -3.773  -7.393  1.00 21.27 ? 205 GLY A C   1 
ATOM   175  O  O   . GLY A 1 24  ? 14.704  -4.512  -7.184  1.00 22.84 ? 205 GLY A O   1 
ATOM   176  N  N   . CYS A 1 25  ? 12.488  -4.196  -7.286  1.00 17.73 ? 206 CYS A N   1 
ATOM   177  C  CA  . CYS A 1 25  ? 12.217  -5.571  -6.890  1.00 17.25 ? 206 CYS A CA  1 
ATOM   178  C  C   . CYS A 1 25  ? 11.285  -6.246  -7.886  1.00 15.07 ? 206 CYS A C   1 
ATOM   179  O  O   . CYS A 1 25  ? 10.290  -5.668  -8.306  1.00 14.93 ? 206 CYS A O   1 
ATOM   180  C  CB  . CYS A 1 25  ? 11.587  -5.605  -5.499  1.00 18.41 ? 206 CYS A CB  1 
ATOM   181  S  SG  . CYS A 1 25  ? 11.497  -7.259  -4.790  1.00 26.59 ? 206 CYS A SG  1 
ATOM   182  N  N   . GLU A 1 26  ? 11.619  -7.473  -8.267  1.00 13.72 ? 207 GLU A N   1 
ATOM   183  C  CA  . GLU A 1 26  ? 10.802  -8.219  -9.205  1.00 13.84 ? 207 GLU A CA  1 
ATOM   184  C  C   . GLU A 1 26  ? 9.587   -8.756  -8.456  1.00 12.73 ? 207 GLU A C   1 
ATOM   185  O  O   . GLU A 1 26  ? 9.721   -9.521  -7.500  1.00 14.48 ? 207 GLU A O   1 
ATOM   186  C  CB  . GLU A 1 26  ? 11.604  -9.376  -9.801  1.00 15.73 ? 207 GLU A CB  1 
ATOM   187  C  CG  . GLU A 1 26  ? 10.898  -10.093 -10.928 1.00 21.18 ? 207 GLU A CG  1 
ATOM   188  C  CD  . GLU A 1 26  ? 11.795  -11.099 -11.616 1.00 25.48 ? 207 GLU A CD  1 
ATOM   189  O  OE1 . GLU A 1 26  ? 12.766  -10.673 -12.280 1.00 27.77 ? 207 GLU A OE1 1 
ATOM   190  O  OE2 . GLU A 1 26  ? 11.528  -12.310 -11.491 1.00 28.09 ? 207 GLU A OE2 1 
ATOM   191  N  N   . LEU A 1 27  ? 8.404   -8.357  -8.897  1.00 13.05 ? 208 LEU A N   1 
ATOM   192  C  CA  . LEU A 1 27  ? 7.180   -8.797  -8.248  1.00 11.87 ? 208 LEU A CA  1 
ATOM   193  C  C   . LEU A 1 27  ? 6.328   -9.590  -9.218  1.00 14.33 ? 208 LEU A C   1 
ATOM   194  O  O   . LEU A 1 27  ? 6.359   -9.347  -10.422 1.00 15.44 ? 208 LEU A O   1 
ATOM   195  C  CB  . LEU A 1 27  ? 6.391   -7.587  -7.763  1.00 12.06 ? 208 LEU A CB  1 
ATOM   196  C  CG  . LEU A 1 27  ? 7.162   -6.559  -6.942  1.00 13.88 ? 208 LEU A CG  1 
ATOM   197  C  CD1 . LEU A 1 27  ? 6.229   -5.397  -6.619  1.00 15.18 ? 208 LEU A CD1 1 
ATOM   198  C  CD2 . LEU A 1 27  ? 7.709   -7.187  -5.668  1.00 13.07 ? 208 LEU A CD2 1 
ATOM   199  N  N   . ILE A 1 28  ? 5.575   -10.551 -8.698  1.00 12.90 ? 209 ILE A N   1 
ATOM   200  C  CA  . ILE A 1 28  ? 4.713   -11.327 -9.565  1.00 13.41 ? 209 ILE A CA  1 
ATOM   201  C  C   . ILE A 1 28  ? 3.248   -11.114 -9.208  1.00 13.49 ? 209 ILE A C   1 
ATOM   202  O  O   . ILE A 1 28  ? 2.908   -10.622 -8.117  1.00 10.90 ? 209 ILE A O   1 
ATOM   203  C  CB  . ILE A 1 28  ? 5.074   -12.847 -9.547  1.00 14.85 ? 209 ILE A CB  1 
ATOM   204  C  CG1 . ILE A 1 28  ? 4.948   -13.426 -8.139  1.00 16.06 ? 209 ILE A CG1 1 
ATOM   205  C  CG2 . ILE A 1 28  ? 6.511   -13.029 -10.046 1.00 15.89 ? 209 ILE A CG2 1 
ATOM   206  C  CD1 . ILE A 1 28  ? 6.086   -13.068 -7.233  1.00 23.02 ? 209 ILE A CD1 1 
ATOM   207  N  N   . CYS A 1 29  ? 2.387   -11.465 -10.152 1.00 11.98 ? 210 CYS A N   1 
ATOM   208  C  CA  . CYS A 1 29  ? 0.947   -11.315 -9.997  1.00 12.89 ? 210 CYS A CA  1 
ATOM   209  C  C   . CYS A 1 29  ? 0.416   -12.271 -8.927  1.00 13.32 ? 210 CYS A C   1 
ATOM   210  O  O   . CYS A 1 29  ? 0.404   -13.487 -9.119  1.00 12.29 ? 210 CYS A O   1 
ATOM   211  C  CB  . CYS A 1 29  ? 0.283   -11.579 -11.339 1.00 13.58 ? 210 CYS A CB  1 
ATOM   212  S  SG  . CYS A 1 29  ? -1.492  -11.549 -11.283 1.00 12.56 ? 210 CYS A SG  1 
ATOM   213  N  N   . LEU A 1 30  ? -0.014  -11.717 -7.800  1.00 13.19 ? 211 LEU A N   1 
ATOM   214  C  CA  . LEU A 1 30  ? -0.513  -12.525 -6.689  1.00 13.30 ? 211 LEU A CA  1 
ATOM   215  C  C   . LEU A 1 30  ? -1.717  -13.417 -7.007  1.00 14.37 ? 211 LEU A C   1 
ATOM   216  O  O   . LEU A 1 30  ? -1.688  -14.620 -6.722  1.00 13.79 ? 211 LEU A O   1 
ATOM   217  C  CB  . LEU A 1 30  ? -0.834  -11.632 -5.488  1.00 13.82 ? 211 LEU A CB  1 
ATOM   218  C  CG  . LEU A 1 30  ? -1.408  -12.336 -4.251  1.00 11.47 ? 211 LEU A CG  1 
ATOM   219  C  CD1 . LEU A 1 30  ? -0.469  -13.449 -3.803  1.00 13.83 ? 211 LEU A CD1 1 
ATOM   220  C  CD2 . LEU A 1 30  ? -1.611  -11.315 -3.138  1.00 12.60 ? 211 LEU A CD2 1 
ATOM   221  N  N   . PRO A 1 31  ? -2.788  -12.854 -7.592  1.00 15.27 ? 212 PRO A N   1 
ATOM   222  C  CA  . PRO A 1 31  ? -3.954  -13.689 -7.909  1.00 14.36 ? 212 PRO A CA  1 
ATOM   223  C  C   . PRO A 1 31  ? -3.606  -14.849 -8.833  1.00 16.15 ? 212 PRO A C   1 
ATOM   224  O  O   . PRO A 1 31  ? -4.152  -15.949 -8.695  1.00 15.60 ? 212 PRO A O   1 
ATOM   225  C  CB  . PRO A 1 31  ? -4.923  -12.706 -8.560  1.00 16.65 ? 212 PRO A CB  1 
ATOM   226  C  CG  . PRO A 1 31  ? -4.585  -11.417 -7.899  1.00 19.56 ? 212 PRO A CG  1 
ATOM   227  C  CD  . PRO A 1 31  ? -3.073  -11.435 -7.883  1.00 14.73 ? 212 PRO A CD  1 
ATOM   228  N  N   . GLN A 1 32  ? -2.701  -14.603 -9.776  1.00 14.43 ? 213 GLN A N   1 
ATOM   229  C  CA  . GLN A 1 32  ? -2.291  -15.640 -10.715 1.00 14.15 ? 213 GLN A CA  1 
ATOM   230  C  C   . GLN A 1 32  ? -1.545  -16.748 -9.984  1.00 14.69 ? 213 GLN A C   1 
ATOM   231  O  O   . GLN A 1 32  ? -1.828  -17.930 -10.195 1.00 15.12 ? 213 GLN A O   1 
ATOM   232  C  CB  . GLN A 1 32  ? -1.404  -15.053 -11.817 1.00 13.62 ? 213 GLN A CB  1 
ATOM   233  C  CG  . GLN A 1 32  ? -0.904  -16.077 -12.831 1.00 15.31 ? 213 GLN A CG  1 
ATOM   234  C  CD  . GLN A 1 32  ? -0.137  -15.430 -13.968 1.00 14.61 ? 213 GLN A CD  1 
ATOM   235  O  OE1 . GLN A 1 32  ? 0.639   -14.501 -13.751 1.00 18.41 ? 213 GLN A OE1 1 
ATOM   236  N  NE2 . GLN A 1 32  ? -0.339  -15.928 -15.183 1.00 16.41 ? 213 GLN A NE2 1 
ATOM   237  N  N   . ALA A 1 33  ? -0.598  -16.372 -9.125  1.00 14.02 ? 214 ALA A N   1 
ATOM   238  C  CA  . ALA A 1 33  ? 0.171   -17.353 -8.359  1.00 14.60 ? 214 ALA A CA  1 
ATOM   239  C  C   . ALA A 1 33  ? -0.775  -18.130 -7.450  1.00 15.45 ? 214 ALA A C   1 
ATOM   240  O  O   . ALA A 1 33  ? -0.612  -19.334 -7.248  1.00 17.93 ? 214 ALA A O   1 
ATOM   241  C  CB  . ALA A 1 33  ? 1.255   -16.656 -7.533  1.00 13.53 ? 214 ALA A CB  1 
ATOM   242  N  N   . PHE A 1 34  ? -1.759  -17.429 -6.897  1.00 16.38 ? 215 PHE A N   1 
ATOM   243  C  CA  . PHE A 1 34  ? -2.752  -18.048 -6.030  1.00 18.56 ? 215 PHE A CA  1 
ATOM   244  C  C   . PHE A 1 34  ? -3.507  -19.139 -6.795  1.00 19.72 ? 215 PHE A C   1 
ATOM   245  O  O   . PHE A 1 34  ? -3.593  -20.278 -6.333  1.00 19.49 ? 215 PHE A O   1 
ATOM   246  C  CB  . PHE A 1 34  ? -3.741  -16.992 -5.531  1.00 20.09 ? 215 PHE A CB  1 
ATOM   247  C  CG  . PHE A 1 34  ? -4.960  -17.566 -4.859  1.00 21.56 ? 215 PHE A CG  1 
ATOM   248  C  CD1 . PHE A 1 34  ? -4.882  -18.091 -3.576  1.00 22.97 ? 215 PHE A CD1 1 
ATOM   249  C  CD2 . PHE A 1 34  ? -6.181  -17.595 -5.522  1.00 24.03 ? 215 PHE A CD2 1 
ATOM   250  C  CE1 . PHE A 1 34  ? -6.008  -18.637 -2.958  1.00 26.14 ? 215 PHE A CE1 1 
ATOM   251  C  CE2 . PHE A 1 34  ? -7.310  -18.139 -4.914  1.00 24.39 ? 215 PHE A CE2 1 
ATOM   252  C  CZ  . PHE A 1 34  ? -7.222  -18.660 -3.630  1.00 25.09 ? 215 PHE A CZ  1 
ATOM   253  N  N   . ASP A 1 35  ? -4.035  -18.798 -7.969  1.00 20.18 ? 216 ASP A N   1 
ATOM   254  C  CA  . ASP A 1 35  ? -4.794  -19.762 -8.769  1.00 21.42 ? 216 ASP A CA  1 
ATOM   255  C  C   . ASP A 1 35  ? -3.970  -20.979 -9.154  1.00 21.27 ? 216 ASP A C   1 
ATOM   256  O  O   . ASP A 1 35  ? -4.503  -22.082 -9.284  1.00 23.74 ? 216 ASP A O   1 
ATOM   257  C  CB  . ASP A 1 35  ? -5.323  -19.129 -10.061 1.00 22.91 ? 216 ASP A CB  1 
ATOM   258  C  CG  . ASP A 1 35  ? -6.234  -17.955 -9.809  1.00 23.90 ? 216 ASP A CG  1 
ATOM   259  O  OD1 . ASP A 1 35  ? -6.949  -17.953 -8.782  1.00 25.66 ? 216 ASP A OD1 1 
ATOM   260  O  OD2 . ASP A 1 35  ? -6.244  -17.039 -10.656 1.00 26.95 ? 216 ASP A OD2 1 
ATOM   261  N  N   . LEU A 1 36  ? -2.672  -20.775 -9.345  1.00 21.14 ? 217 LEU A N   1 
ATOM   262  C  CA  . LEU A 1 36  ? -1.786  -21.861 -9.745  1.00 21.71 ? 217 LEU A CA  1 
ATOM   263  C  C   . LEU A 1 36  ? -1.333  -22.783 -8.625  1.00 23.12 ? 217 LEU A C   1 
ATOM   264  O  O   . LEU A 1 36  ? -1.184  -23.991 -8.838  1.00 23.11 ? 217 LEU A O   1 
ATOM   265  C  CB  . LEU A 1 36  ? -0.539  -21.299 -10.434 1.00 21.73 ? 217 LEU A CB  1 
ATOM   266  C  CG  . LEU A 1 36  ? -0.677  -20.687 -11.829 1.00 21.16 ? 217 LEU A CG  1 
ATOM   267  C  CD1 . LEU A 1 36  ? 0.619   -19.981 -12.199 1.00 22.11 ? 217 LEU A CD1 1 
ATOM   268  C  CD2 . LEU A 1 36  ? -1.007  -21.780 -12.842 1.00 23.53 ? 217 LEU A CD2 1 
ATOM   269  N  N   . PHE A 1 37  ? -1.125  -22.233 -7.432  1.00 23.01 ? 218 PHE A N   1 
ATOM   270  C  CA  . PHE A 1 37  ? -0.610  -23.046 -6.337  1.00 22.75 ? 218 PHE A CA  1 
ATOM   271  C  C   . PHE A 1 37  ? -1.384  -23.148 -5.026  1.00 23.80 ? 218 PHE A C   1 
ATOM   272  O  O   . PHE A 1 37  ? -1.098  -24.031 -4.216  1.00 24.54 ? 218 PHE A O   1 
ATOM   273  C  CB  . PHE A 1 37  ? 0.818   -22.590 -6.037  1.00 23.88 ? 218 PHE A CB  1 
ATOM   274  C  CG  . PHE A 1 37  ? 1.711   -22.583 -7.240  1.00 25.15 ? 218 PHE A CG  1 
ATOM   275  C  CD1 . PHE A 1 37  ? 2.084   -23.776 -7.852  1.00 25.70 ? 218 PHE A CD1 1 
ATOM   276  C  CD2 . PHE A 1 37  ? 2.163   -21.383 -7.779  1.00 24.48 ? 218 PHE A CD2 1 
ATOM   277  C  CE1 . PHE A 1 37  ? 2.894   -23.773 -8.988  1.00 27.69 ? 218 PHE A CE1 1 
ATOM   278  C  CE2 . PHE A 1 37  ? 2.972   -21.369 -8.914  1.00 26.70 ? 218 PHE A CE2 1 
ATOM   279  C  CZ  . PHE A 1 37  ? 3.339   -22.568 -9.520  1.00 26.24 ? 218 PHE A CZ  1 
ATOM   280  N  N   . LEU A 1 38  ? -2.349  -22.265 -4.797  1.00 23.84 ? 219 LEU A N   1 
ATOM   281  C  CA  . LEU A 1 38  ? -3.100  -22.299 -3.546  1.00 25.92 ? 219 LEU A CA  1 
ATOM   282  C  C   . LEU A 1 38  ? -4.609  -22.358 -3.743  1.00 27.97 ? 219 LEU A C   1 
ATOM   283  O  O   . LEU A 1 38  ? -5.368  -22.193 -2.792  1.00 28.57 ? 219 LEU A O   1 
ATOM   284  C  CB  . LEU A 1 38  ? -2.747  -21.073 -2.699  1.00 23.80 ? 219 LEU A CB  1 
ATOM   285  C  CG  . LEU A 1 38  ? -1.290  -20.922 -2.243  1.00 22.41 ? 219 LEU A CG  1 
ATOM   286  C  CD1 . LEU A 1 38  ? -1.091  -19.548 -1.619  1.00 21.19 ? 219 LEU A CD1 1 
ATOM   287  C  CD2 . LEU A 1 38  ? -0.936  -22.022 -1.250  1.00 21.19 ? 219 LEU A CD2 1 
ATOM   288  N  N   . LYS A 1 39  ? -5.035  -22.602 -4.977  1.00 32.41 ? 220 LYS A N   1 
ATOM   289  C  CA  . LYS A 1 39  ? -6.454  -22.677 -5.316  1.00 35.52 ? 220 LYS A CA  1 
ATOM   290  C  C   . LYS A 1 39  ? -7.275  -23.482 -4.307  1.00 37.44 ? 220 LYS A C   1 
ATOM   291  O  O   . LYS A 1 39  ? -8.352  -23.055 -3.890  1.00 38.40 ? 220 LYS A O   1 
ATOM   292  C  CB  . LYS A 1 39  ? -6.620  -23.270 -6.715  1.00 34.79 ? 220 LYS A CB  1 
ATOM   293  N  N   . HIS A 1 40  ? -6.765  -24.645 -3.919  1.00 39.09 ? 221 HIS A N   1 
ATOM   294  C  CA  . HIS A 1 40  ? -7.471  -25.499 -2.971  1.00 41.27 ? 221 HIS A CA  1 
ATOM   295  C  C   . HIS A 1 40  ? -6.790  -25.534 -1.608  1.00 42.63 ? 221 HIS A C   1 
ATOM   296  O  O   . HIS A 1 40  ? -7.457  -25.585 -0.574  1.00 43.36 ? 221 HIS A O   1 
ATOM   297  C  CB  . HIS A 1 40  ? -7.582  -26.911 -3.532  1.00 41.72 ? 221 HIS A CB  1 
ATOM   298  N  N   . LEU A 1 41  ? -5.461  -25.500 -1.614  1.00 44.26 ? 222 LEU A N   1 
ATOM   299  C  CA  . LEU A 1 41  ? -4.683  -25.541 -0.381  1.00 45.45 ? 222 LEU A CA  1 
ATOM   300  C  C   . LEU A 1 41  ? -5.172  -24.562 0.680   1.00 46.00 ? 222 LEU A C   1 
ATOM   301  O  O   . LEU A 1 41  ? -4.910  -24.746 1.870   1.00 47.17 ? 222 LEU A O   1 
ATOM   302  C  CB  . LEU A 1 41  ? -3.206  -25.277 -0.683  1.00 45.58 ? 222 LEU A CB  1 
ATOM   303  C  CG  . LEU A 1 41  ? -2.504  -26.312 -1.566  1.00 46.33 ? 222 LEU A CG  1 
ATOM   304  C  CD1 . LEU A 1 41  ? -1.048  -25.919 -1.763  1.00 45.79 ? 222 LEU A CD1 1 
ATOM   305  C  CD2 . LEU A 1 41  ? -2.604  -27.689 -0.920  1.00 47.28 ? 222 LEU A CD2 1 
ATOM   306  N  N   . VAL A 1 42  ? -5.883  -23.522 0.254   1.00 46.14 ? 223 VAL A N   1 
ATOM   307  C  CA  . VAL A 1 42  ? -6.399  -22.527 1.188   1.00 46.04 ? 223 VAL A CA  1 
ATOM   308  C  C   . VAL A 1 42  ? -7.794  -22.061 0.793   1.00 45.64 ? 223 VAL A C   1 
ATOM   309  O  O   . VAL A 1 42  ? -8.625  -21.766 1.652   1.00 45.91 ? 223 VAL A O   1 
ATOM   310  C  CB  . VAL A 1 42  ? -5.468  -21.293 1.267   1.00 45.94 ? 223 VAL A CB  1 
ATOM   311  C  CG1 . VAL A 1 42  ? -5.304  -20.674 -0.112  1.00 46.74 ? 223 VAL A CG1 1 
ATOM   312  C  CG2 . VAL A 1 42  ? -6.037  -20.276 2.240   1.00 45.96 ? 223 VAL A CG2 1 
ATOM   313  N  N   . GLY A 1 43  ? -8.040  -21.995 -0.511  1.00 44.98 ? 224 GLY A N   1 
ATOM   314  C  CA  . GLY A 1 43  ? -9.337  -21.561 -1.002  1.00 44.07 ? 224 GLY A CA  1 
ATOM   315  C  C   . GLY A 1 43  ? -9.756  -20.204 -0.466  1.00 43.63 ? 224 GLY A C   1 
ATOM   316  O  O   . GLY A 1 43  ? -10.295 -20.101 0.639   1.00 44.49 ? 224 GLY A O   1 
ATOM   317  N  N   . GLY A 1 44  ? -9.511  -19.156 -1.247  1.00 41.83 ? 225 GLY A N   1 
ATOM   318  C  CA  . GLY A 1 44  ? -9.887  -17.822 -0.822  1.00 39.19 ? 225 GLY A CA  1 
ATOM   319  C  C   . GLY A 1 44  ? -8.735  -16.836 -0.780  1.00 37.20 ? 225 GLY A C   1 
ATOM   320  O  O   . GLY A 1 44  ? -7.799  -16.995 0.004   1.00 35.76 ? 225 GLY A O   1 
ATOM   321  N  N   . LEU A 1 45  ? -8.808  -15.814 -1.628  1.00 35.42 ? 226 LEU A N   1 
ATOM   322  C  CA  . LEU A 1 45  ? -7.776  -14.787 -1.680  1.00 33.39 ? 226 LEU A CA  1 
ATOM   323  C  C   . LEU A 1 45  ? -7.945  -13.902 -0.456  1.00 32.70 ? 226 LEU A C   1 
ATOM   324  O  O   . LEU A 1 45  ? -7.022  -13.200 -0.046  1.00 31.65 ? 226 LEU A O   1 
ATOM   325  C  CB  . LEU A 1 45  ? -7.923  -13.950 -2.954  1.00 31.98 ? 226 LEU A CB  1 
ATOM   326  C  CG  . LEU A 1 45  ? -6.735  -13.073 -3.358  1.00 30.26 ? 226 LEU A CG  1 
ATOM   327  C  CD1 . LEU A 1 45  ? -5.525  -13.954 -3.645  1.00 28.82 ? 226 LEU A CD1 1 
ATOM   328  C  CD2 . LEU A 1 45  ? -7.095  -12.263 -4.590  1.00 29.04 ? 226 LEU A CD2 1 
ATOM   329  N  N   . HIS A 1 46  ? -9.141  -13.939 0.125   1.00 31.43 ? 227 HIS A N   1 
ATOM   330  C  CA  . HIS A 1 46  ? -9.444  -13.153 1.314   1.00 30.91 ? 227 HIS A CA  1 
ATOM   331  C  C   . HIS A 1 46  ? -8.568  -13.657 2.459   1.00 30.29 ? 227 HIS A C   1 
ATOM   332  O  O   . HIS A 1 46  ? -8.050  -12.870 3.256   1.00 30.60 ? 227 HIS A O   1 
ATOM   333  C  CB  . HIS A 1 46  ? -10.930 -13.299 1.667   1.00 33.26 ? 227 HIS A CB  1 
ATOM   334  C  CG  . HIS A 1 46  ? -11.381 -12.411 2.787   1.00 34.06 ? 227 HIS A CG  1 
ATOM   335  N  ND1 . HIS A 1 46  ? -11.152 -12.706 4.112   1.00 34.47 ? 227 HIS A ND1 1 
ATOM   336  C  CD2 . HIS A 1 46  ? -12.047 -11.229 2.775   1.00 35.64 ? 227 HIS A CD2 1 
ATOM   337  C  CE1 . HIS A 1 46  ? -11.655 -11.748 4.871   1.00 35.66 ? 227 HIS A CE1 1 
ATOM   338  N  NE2 . HIS A 1 46  ? -12.204 -10.840 4.082   1.00 35.55 ? 227 HIS A NE2 1 
ATOM   339  N  N   . THR A 1 47  ? -8.396  -14.974 2.523   1.00 28.49 ? 228 THR A N   1 
ATOM   340  C  CA  . THR A 1 47  ? -7.577  -15.593 3.555   1.00 28.52 ? 228 THR A CA  1 
ATOM   341  C  C   . THR A 1 47  ? -6.118  -15.236 3.303   1.00 27.86 ? 228 THR A C   1 
ATOM   342  O  O   . THR A 1 47  ? -5.355  -15.014 4.243   1.00 27.26 ? 228 THR A O   1 
ATOM   343  C  CB  . THR A 1 47  ? -7.729  -17.126 3.545   1.00 29.46 ? 228 THR A CB  1 
ATOM   344  O  OG1 . THR A 1 47  ? -9.115  -17.465 3.684   1.00 32.36 ? 228 THR A OG1 1 
ATOM   345  C  CG2 . THR A 1 47  ? -6.944  -17.753 4.695   1.00 30.30 ? 228 THR A CG2 1 
ATOM   346  N  N   . VAL A 1 48  ? -5.736  -15.184 2.027   1.00 26.21 ? 229 VAL A N   1 
ATOM   347  C  CA  . VAL A 1 48  ? -4.369  -14.826 1.661   1.00 24.58 ? 229 VAL A CA  1 
ATOM   348  C  C   . VAL A 1 48  ? -4.048  -13.454 2.244   1.00 23.50 ? 229 VAL A C   1 
ATOM   349  O  O   . VAL A 1 48  ? -3.026  -13.278 2.904   1.00 21.50 ? 229 VAL A O   1 
ATOM   350  C  CB  . VAL A 1 48  ? -4.179  -14.769 0.122   1.00 24.58 ? 229 VAL A CB  1 
ATOM   351  C  CG1 . VAL A 1 48  ? -2.834  -14.139 -0.214  1.00 24.91 ? 229 VAL A CG1 1 
ATOM   352  C  CG2 . VAL A 1 48  ? -4.254  -16.170 -0.468  1.00 25.60 ? 229 VAL A CG2 1 
ATOM   353  N  N   . TYR A 1 49  ? -4.926  -12.485 2.004   1.00 22.41 ? 230 TYR A N   1 
ATOM   354  C  CA  . TYR A 1 49  ? -4.718  -11.136 2.522   1.00 22.53 ? 230 TYR A CA  1 
ATOM   355  C  C   . TYR A 1 49  ? -4.597  -11.155 4.046   1.00 22.59 ? 230 TYR A C   1 
ATOM   356  O  O   . TYR A 1 49  ? -3.786  -10.432 4.623   1.00 20.55 ? 230 TYR A O   1 
ATOM   357  C  CB  . TYR A 1 49  ? -5.869  -10.216 2.099   1.00 23.23 ? 230 TYR A CB  1 
ATOM   358  C  CG  . TYR A 1 49  ? -5.896  -9.869  0.621   1.00 25.80 ? 230 TYR A CG  1 
ATOM   359  C  CD1 . TYR A 1 49  ? -6.988  -9.200  0.067   1.00 27.82 ? 230 TYR A CD1 1 
ATOM   360  C  CD2 . TYR A 1 49  ? -4.824  -10.184 -0.219  1.00 27.69 ? 230 TYR A CD2 1 
ATOM   361  C  CE1 . TYR A 1 49  ? -7.017  -8.851  -1.285  1.00 28.59 ? 230 TYR A CE1 1 
ATOM   362  C  CE2 . TYR A 1 49  ? -4.842  -9.841  -1.573  1.00 27.29 ? 230 TYR A CE2 1 
ATOM   363  C  CZ  . TYR A 1 49  ? -5.942  -9.173  -2.097  1.00 28.31 ? 230 TYR A CZ  1 
ATOM   364  O  OH  . TYR A 1 49  ? -5.967  -8.816  -3.427  1.00 27.70 ? 230 TYR A OH  1 
ATOM   365  N  N   . THR A 1 50  ? -5.407  -11.984 4.699   1.00 22.77 ? 231 THR A N   1 
ATOM   366  C  CA  . THR A 1 50  ? -5.359  -12.091 6.154   1.00 23.80 ? 231 THR A CA  1 
ATOM   367  C  C   . THR A 1 50  ? -3.988  -12.609 6.598   1.00 22.31 ? 231 THR A C   1 
ATOM   368  O  O   . THR A 1 50  ? -3.361  -12.056 7.505   1.00 22.60 ? 231 THR A O   1 
ATOM   369  C  CB  . THR A 1 50  ? -6.440  -13.055 6.681   1.00 25.59 ? 231 THR A CB  1 
ATOM   370  O  OG1 . THR A 1 50  ? -7.733  -12.604 6.254   1.00 28.42 ? 231 THR A OG1 1 
ATOM   371  C  CG2 . THR A 1 50  ? -6.403  -13.114 8.201   1.00 27.34 ? 231 THR A CG2 1 
ATOM   372  N  N   . LYS A 1 51  ? -3.522  -13.670 5.952   1.00 21.33 ? 232 LYS A N   1 
ATOM   373  C  CA  . LYS A 1 51  ? -2.227  -14.245 6.295   1.00 21.81 ? 232 LYS A CA  1 
ATOM   374  C  C   . LYS A 1 51  ? -1.091  -13.277 5.984   1.00 21.42 ? 232 LYS A C   1 
ATOM   375  O  O   . LYS A 1 51  ? -0.160  -13.122 6.775   1.00 20.09 ? 232 LYS A O   1 
ATOM   376  C  CB  . LYS A 1 51  ? -2.015  -15.555 5.534   1.00 21.91 ? 232 LYS A CB  1 
ATOM   377  C  CG  . LYS A 1 51  ? -2.995  -16.650 5.918   1.00 25.74 ? 232 LYS A CG  1 
ATOM   378  C  CD  . LYS A 1 51  ? -2.697  -17.932 5.160   1.00 27.93 ? 232 LYS A CD  1 
ATOM   379  C  CE  . LYS A 1 51  ? -3.629  -19.051 5.589   1.00 29.86 ? 232 LYS A CE  1 
ATOM   380  N  NZ  . LYS A 1 51  ? -3.502  -19.342 7.043   1.00 30.96 ? 232 LYS A NZ  1 
ATOM   381  N  N   . LEU A 1 52  ? -1.171  -12.625 4.828   1.00 21.19 ? 233 LEU A N   1 
ATOM   382  C  CA  . LEU A 1 52  ? -0.150  -11.665 4.421   1.00 21.55 ? 233 LEU A CA  1 
ATOM   383  C  C   . LEU A 1 52  ? -0.005  -10.570 5.481   1.00 22.25 ? 233 LEU A C   1 
ATOM   384  O  O   . LEU A 1 52  ? 1.105   -10.159 5.810   1.00 19.90 ? 233 LEU A O   1 
ATOM   385  C  CB  . LEU A 1 52  ? -0.535  -11.060 3.068   1.00 19.98 ? 233 LEU A CB  1 
ATOM   386  C  CG  . LEU A 1 52  ? 0.411   -11.177 1.868   1.00 21.17 ? 233 LEU A CG  1 
ATOM   387  C  CD1 . LEU A 1 52  ? 1.195   -12.491 1.880   1.00 18.82 ? 233 LEU A CD1 1 
ATOM   388  C  CD2 . LEU A 1 52  ? -0.412  -11.062 0.601   1.00 19.06 ? 233 LEU A CD2 1 
ATOM   389  N  N   . LYS A 1 53  ? -1.125  -10.101 6.022   1.00 24.85 ? 234 LYS A N   1 
ATOM   390  C  CA  . LYS A 1 53  ? -1.071  -9.072  7.054   1.00 27.98 ? 234 LYS A CA  1 
ATOM   391  C  C   . LYS A 1 53  ? -0.262  -9.583  8.241   1.00 28.54 ? 234 LYS A C   1 
ATOM   392  O  O   . LYS A 1 53  ? 0.699   -8.946  8.674   1.00 29.79 ? 234 LYS A O   1 
ATOM   393  C  CB  . LYS A 1 53  ? -2.480  -8.694  7.518   1.00 29.75 ? 234 LYS A CB  1 
ATOM   394  C  CG  . LYS A 1 53  ? -3.330  -8.014  6.456   1.00 33.67 ? 234 LYS A CG  1 
ATOM   395  C  CD  . LYS A 1 53  ? -4.592  -7.413  7.060   1.00 36.05 ? 234 LYS A CD  1 
ATOM   396  C  CE  . LYS A 1 53  ? -4.252  -6.326  8.069   1.00 37.79 ? 234 LYS A CE  1 
ATOM   397  N  NZ  . LYS A 1 53  ? -5.467  -5.709  8.666   1.00 40.61 ? 234 LYS A NZ  1 
ATOM   398  N  N   . ARG A 1 54  ? -0.650  -10.747 8.752   1.00 29.07 ? 235 ARG A N   1 
ATOM   399  C  CA  . ARG A 1 54  ? 0.027   -11.354 9.891   1.00 29.39 ? 235 ARG A CA  1 
ATOM   400  C  C   . ARG A 1 54  ? 1.522   -11.563 9.640   1.00 28.58 ? 235 ARG A C   1 
ATOM   401  O  O   . ARG A 1 54  ? 2.340   -11.391 10.549  1.00 27.68 ? 235 ARG A O   1 
ATOM   402  C  CB  . ARG A 1 54  ? -0.629  -12.693 10.223  1.00 31.33 ? 235 ARG A CB  1 
ATOM   403  C  CG  . ARG A 1 54  ? -0.241  -13.262 11.573  1.00 34.84 ? 235 ARG A CG  1 
ATOM   404  C  CD  . ARG A 1 54  ? -0.754  -14.679 11.711  1.00 36.76 ? 235 ARG A CD  1 
ATOM   405  N  NE  . ARG A 1 54  ? 0.019   -15.608 10.894  1.00 40.56 ? 235 ARG A NE  1 
ATOM   406  C  CZ  . ARG A 1 54  ? -0.471  -16.723 10.363  1.00 41.46 ? 235 ARG A CZ  1 
ATOM   407  N  NH1 . ARG A 1 54  ? -1.740  -17.057 10.556  1.00 43.78 ? 235 ARG A NH1 1 
ATOM   408  N  NH2 . ARG A 1 54  ? 0.314   -17.512 9.645   1.00 42.62 ? 235 ARG A NH2 1 
ATOM   409  N  N   . LEU A 1 55  ? 1.878   -11.935 8.412   1.00 27.26 ? 236 LEU A N   1 
ATOM   410  C  CA  . LEU A 1 55  ? 3.278   -12.162 8.050   1.00 26.34 ? 236 LEU A CA  1 
ATOM   411  C  C   . LEU A 1 55  ? 4.032   -10.856 7.827   1.00 27.16 ? 236 LEU A C   1 
ATOM   412  O  O   . LEU A 1 55  ? 5.216   -10.864 7.479   1.00 26.67 ? 236 LEU A O   1 
ATOM   413  C  CB  . LEU A 1 55  ? 3.369   -13.017 6.783   1.00 25.76 ? 236 LEU A CB  1 
ATOM   414  C  CG  . LEU A 1 55  ? 2.920   -14.475 6.881   1.00 25.31 ? 236 LEU A CG  1 
ATOM   415  C  CD1 . LEU A 1 55  ? 2.733   -15.058 5.485   1.00 23.14 ? 236 LEU A CD1 1 
ATOM   416  C  CD2 . LEU A 1 55  ? 3.949   -15.270 7.671   1.00 22.75 ? 236 LEU A CD2 1 
ATOM   417  N  N   . GLU A 1 56  ? 3.345   -9.736  8.024   1.00 27.16 ? 237 GLU A N   1 
ATOM   418  C  CA  . GLU A 1 56  ? 3.943   -8.416  7.842   1.00 27.94 ? 237 GLU A CA  1 
ATOM   419  C  C   . GLU A 1 56  ? 4.379   -8.164  6.401   1.00 26.02 ? 237 GLU A C   1 
ATOM   420  O  O   . GLU A 1 56  ? 5.406   -7.529  6.153   1.00 26.64 ? 237 GLU A O   1 
ATOM   421  C  CB  . GLU A 1 56  ? 5.141   -8.235  8.784   1.00 30.74 ? 237 GLU A CB  1 
ATOM   422  C  CG  . GLU A 1 56  ? 4.781   -8.306  10.263  1.00 34.74 ? 237 GLU A CG  1 
ATOM   423  C  CD  . GLU A 1 56  ? 3.745   -7.267  10.673  1.00 37.56 ? 237 GLU A CD  1 
ATOM   424  O  OE1 . GLU A 1 56  ? 3.334   -7.272  11.852  1.00 40.54 ? 237 GLU A OE1 1 
ATOM   425  O  OE2 . GLU A 1 56  ? 3.341   -6.441  9.826   1.00 40.03 ? 237 GLU A OE2 1 
ATOM   426  N  N   . ILE A 1 57  ? 3.598   -8.674  5.458   1.00 23.04 ? 238 ILE A N   1 
ATOM   427  C  CA  . ILE A 1 57  ? 3.875   -8.489  4.040   1.00 21.13 ? 238 ILE A CA  1 
ATOM   428  C  C   . ILE A 1 57  ? 2.782   -7.598  3.445   1.00 19.50 ? 238 ILE A C   1 
ATOM   429  O  O   . ILE A 1 57  ? 1.597   -7.952  3.472   1.00 17.48 ? 238 ILE A O   1 
ATOM   430  C  CB  . ILE A 1 57  ? 3.880   -9.836  3.284   1.00 20.22 ? 238 ILE A CB  1 
ATOM   431  C  CG1 . ILE A 1 57  ? 4.999   -10.734 3.824   1.00 21.23 ? 238 ILE A CG1 1 
ATOM   432  C  CG2 . ILE A 1 57  ? 4.061   -9.596  1.793   1.00 17.76 ? 238 ILE A CG2 1 
ATOM   433  C  CD1 . ILE A 1 57  ? 4.958   -12.163 3.292   1.00 19.99 ? 238 ILE A CD1 1 
ATOM   434  N  N   . THR A 1 58  ? 3.176   -6.440  2.924   1.00 19.58 ? 239 THR A N   1 
ATOM   435  C  CA  . THR A 1 58  ? 2.231   -5.508  2.318   1.00 17.75 ? 239 THR A CA  1 
ATOM   436  C  C   . THR A 1 58  ? 2.419   -5.538  0.805   1.00 16.69 ? 239 THR A C   1 
ATOM   437  O  O   . THR A 1 58  ? 3.425   -5.051  0.287   1.00 16.26 ? 239 THR A O   1 
ATOM   438  C  CB  . THR A 1 58  ? 2.454   -4.067  2.818   1.00 18.62 ? 239 THR A CB  1 
ATOM   439  O  OG1 . THR A 1 58  ? 2.311   -4.025  4.244   1.00 21.14 ? 239 THR A OG1 1 
ATOM   440  C  CG2 . THR A 1 58  ? 1.445   -3.120  2.189   1.00 18.27 ? 239 THR A CG2 1 
ATOM   441  N  N   . PRO A 1 59  ? 1.460   -6.127  0.079   1.00 16.40 ? 240 PRO A N   1 
ATOM   442  C  CA  . PRO A 1 59  ? 1.502   -6.238  -1.382  1.00 15.81 ? 240 PRO A CA  1 
ATOM   443  C  C   . PRO A 1 59  ? 1.489   -4.900  -2.096  1.00 15.44 ? 240 PRO A C   1 
ATOM   444  O  O   . PRO A 1 59  ? 0.872   -3.942  -1.624  1.00 14.32 ? 240 PRO A O   1 
ATOM   445  C  CB  . PRO A 1 59  ? 0.243   -7.045  -1.704  1.00 18.30 ? 240 PRO A CB  1 
ATOM   446  C  CG  . PRO A 1 59  ? 0.053   -7.873  -0.487  1.00 17.56 ? 240 PRO A CG  1 
ATOM   447  C  CD  . PRO A 1 59  ? 0.321   -6.890  0.619   1.00 17.87 ? 240 PRO A CD  1 
ATOM   448  N  N   . VAL A 1 60  ? 2.175   -4.844  -3.232  1.00 14.30 ? 241 VAL A N   1 
ATOM   449  C  CA  . VAL A 1 60  ? 2.211   -3.640  -4.050  1.00 13.48 ? 241 VAL A CA  1 
ATOM   450  C  C   . VAL A 1 60  ? 0.899   -3.556  -4.825  1.00 13.73 ? 241 VAL A C   1 
ATOM   451  O  O   . VAL A 1 60  ? 0.385   -4.560  -5.316  1.00 13.85 ? 241 VAL A O   1 
ATOM   452  C  CB  . VAL A 1 60  ? 3.392   -3.677  -5.050  1.00 13.56 ? 241 VAL A CB  1 
ATOM   453  C  CG1 . VAL A 1 60  ? 3.153   -2.695  -6.194  1.00 14.96 ? 241 VAL A CG1 1 
ATOM   454  C  CG2 . VAL A 1 60  ? 4.693   -3.351  -4.319  1.00 15.69 ? 241 VAL A CG2 1 
ATOM   455  N  N   . VAL A 1 61  ? 0.343   -2.354  -4.924  1.00 11.67 ? 242 VAL A N   1 
ATOM   456  C  CA  . VAL A 1 61  ? -0.904  -2.182  -5.654  1.00 10.56 ? 242 VAL A CA  1 
ATOM   457  C  C   . VAL A 1 61  ? -0.651  -1.868  -7.125  1.00 10.50 ? 242 VAL A C   1 
ATOM   458  O  O   . VAL A 1 61  ? 0.084   -0.933  -7.456  1.00 11.46 ? 242 VAL A O   1 
ATOM   459  C  CB  . VAL A 1 61  ? -1.766  -1.054  -5.040  1.00 10.78 ? 242 VAL A CB  1 
ATOM   460  C  CG1 . VAL A 1 61  ? -3.037  -0.839  -5.889  1.00 10.06 ? 242 VAL A CG1 1 
ATOM   461  C  CG2 . VAL A 1 61  ? -2.157  -1.427  -3.618  1.00 11.97 ? 242 VAL A CG2 1 
ATOM   462  N  N   . CYS A 1 62  ? -1.250  -2.665  -8.004  1.00 8.74  ? 243 CYS A N   1 
ATOM   463  C  CA  . CYS A 1 62  ? -1.111  -2.478  -9.445  1.00 10.80 ? 243 CYS A CA  1 
ATOM   464  C  C   . CYS A 1 62  ? -1.763  -1.189  -9.898  1.00 11.66 ? 243 CYS A C   1 
ATOM   465  O  O   . CYS A 1 62  ? -2.856  -0.846  -9.445  1.00 12.63 ? 243 CYS A O   1 
ATOM   466  C  CB  . CYS A 1 62  ? -1.786  -3.607  -10.214 1.00 9.28  ? 243 CYS A CB  1 
ATOM   467  S  SG  . CYS A 1 62  ? -0.856  -5.127  -10.259 1.00 14.11 ? 243 CYS A SG  1 
ATOM   468  N  N   . ASN A 1 63  ? -1.105  -0.482  -10.808 1.00 12.16 ? 244 ASN A N   1 
ATOM   469  C  CA  . ASN A 1 63  ? -1.696  0.742   -11.330 1.00 13.01 ? 244 ASN A CA  1 
ATOM   470  C  C   . ASN A 1 63  ? -2.631  0.365   -12.487 1.00 13.43 ? 244 ASN A C   1 
ATOM   471  O  O   . ASN A 1 63  ? -2.689  -0.797  -12.910 1.00 11.35 ? 244 ASN A O   1 
ATOM   472  C  CB  . ASN A 1 63  ? -0.612  1.743   -11.772 1.00 12.62 ? 244 ASN A CB  1 
ATOM   473  C  CG  . ASN A 1 63  ? 0.348   1.172   -12.801 1.00 10.31 ? 244 ASN A CG  1 
ATOM   474  O  OD1 . ASN A 1 63  ? -0.070  0.630   -13.816 1.00 10.44 ? 244 ASN A OD1 1 
ATOM   475  N  ND2 . ASN A 1 63  ? 1.644   1.316   -12.548 1.00 12.02 ? 244 ASN A ND2 1 
ATOM   476  N  N   . VAL A 1 64  ? -3.378  1.333   -12.997 1.00 13.28 ? 245 VAL A N   1 
ATOM   477  C  CA  . VAL A 1 64  ? -4.315  1.053   -14.072 1.00 15.62 ? 245 VAL A CA  1 
ATOM   478  C  C   . VAL A 1 64  ? -3.708  0.345   -15.286 1.00 14.86 ? 245 VAL A C   1 
ATOM   479  O  O   . VAL A 1 64  ? -4.322  -0.568  -15.849 1.00 14.47 ? 245 VAL A O   1 
ATOM   480  C  CB  . VAL A 1 64  ? -5.012  2.348   -14.533 1.00 18.57 ? 245 VAL A CB  1 
ATOM   481  C  CG1 . VAL A 1 64  ? -5.813  2.085   -15.804 1.00 21.26 ? 245 VAL A CG1 1 
ATOM   482  C  CG2 . VAL A 1 64  ? -5.944  2.840   -13.434 1.00 18.65 ? 245 VAL A CG2 1 
ATOM   483  N  N   . GLU A 1 65  ? -2.514  0.763   -15.692 1.00 12.58 ? 246 GLU A N   1 
ATOM   484  C  CA  . GLU A 1 65  ? -1.861  0.164   -16.846 1.00 12.39 ? 246 GLU A CA  1 
ATOM   485  C  C   . GLU A 1 65  ? -1.503  -1.299  -16.611 1.00 10.75 ? 246 GLU A C   1 
ATOM   486  O  O   . GLU A 1 65  ? -1.710  -2.135  -17.492 1.00 12.64 ? 246 GLU A O   1 
ATOM   487  C  CB  . GLU A 1 65  ? -0.596  0.943   -17.207 1.00 14.84 ? 246 GLU A CB  1 
ATOM   488  C  CG  . GLU A 1 65  ? -0.002  0.527   -18.533 1.00 19.84 ? 246 GLU A CG  1 
ATOM   489  C  CD  . GLU A 1 65  ? 1.282   1.261   -18.856 1.00 21.04 ? 246 GLU A CD  1 
ATOM   490  O  OE1 . GLU A 1 65  ? 1.409   2.435   -18.453 1.00 24.48 ? 246 GLU A OE1 1 
ATOM   491  O  OE2 . GLU A 1 65  ? 2.152   0.666   -19.526 1.00 23.58 ? 246 GLU A OE2 1 
ATOM   492  N  N   . GLN A 1 66  ? -0.982  -1.598  -15.424 1.00 9.35  ? 247 GLN A N   1 
ATOM   493  C  CA  . GLN A 1 66  ? -0.585  -2.964  -15.072 1.00 9.12  ? 247 GLN A CA  1 
ATOM   494  C  C   . GLN A 1 66  ? -1.805  -3.875  -15.004 1.00 9.95  ? 247 GLN A C   1 
ATOM   495  O  O   . GLN A 1 66  ? -1.762  -5.024  -15.448 1.00 10.38 ? 247 GLN A O   1 
ATOM   496  C  CB  . GLN A 1 66  ? 0.158   -2.972  -13.735 1.00 8.88  ? 247 GLN A CB  1 
ATOM   497  C  CG  . GLN A 1 66  ? 1.537   -2.287  -13.804 1.00 6.06  ? 247 GLN A CG  1 
ATOM   498  C  CD  . GLN A 1 66  ? 2.124   -2.017  -12.441 1.00 8.39  ? 247 GLN A CD  1 
ATOM   499  O  OE1 . GLN A 1 66  ? 1.397   -1.903  -11.445 1.00 10.70 ? 247 GLN A OE1 1 
ATOM   500  N  NE2 . GLN A 1 66  ? 3.446   -1.882  -12.381 1.00 9.46  ? 247 GLN A NE2 1 
ATOM   501  N  N   . VAL A 1 67  ? -2.895  -3.370  -14.438 1.00 10.98 ? 248 VAL A N   1 
ATOM   502  C  CA  . VAL A 1 67  ? -4.112  -4.179  -14.350 1.00 11.13 ? 248 VAL A CA  1 
ATOM   503  C  C   . VAL A 1 67  ? -4.592  -4.568  -15.751 1.00 12.33 ? 248 VAL A C   1 
ATOM   504  O  O   . VAL A 1 67  ? -4.925  -5.734  -16.007 1.00 13.23 ? 248 VAL A O   1 
ATOM   505  C  CB  . VAL A 1 67  ? -5.238  -3.419  -13.614 1.00 11.53 ? 248 VAL A CB  1 
ATOM   506  C  CG1 . VAL A 1 67  ? -6.573  -4.161  -13.792 1.00 12.38 ? 248 VAL A CG1 1 
ATOM   507  C  CG2 . VAL A 1 67  ? -4.897  -3.295  -12.137 1.00 10.22 ? 248 VAL A CG2 1 
ATOM   508  N  N   . ARG A 1 68  ? -4.606  -3.605  -16.667 1.00 11.99 ? 249 ARG A N   1 
ATOM   509  C  CA  . ARG A 1 68  ? -5.049  -3.868  -18.030 1.00 11.97 ? 249 ARG A CA  1 
ATOM   510  C  C   . ARG A 1 68  ? -4.155  -4.889  -18.739 1.00 12.30 ? 249 ARG A C   1 
ATOM   511  O  O   . ARG A 1 68  ? -4.645  -5.753  -19.465 1.00 12.90 ? 249 ARG A O   1 
ATOM   512  C  CB  . ARG A 1 68  ? -5.100  -2.562  -18.826 1.00 16.10 ? 249 ARG A CB  1 
ATOM   513  C  CG  . ARG A 1 68  ? -6.123  -1.572  -18.288 1.00 20.49 ? 249 ARG A CG  1 
ATOM   514  C  CD  . ARG A 1 68  ? -6.173  -0.322  -19.143 1.00 24.24 ? 249 ARG A CD  1 
ATOM   515  N  NE  . ARG A 1 68  ? -6.554  -0.636  -20.515 1.00 27.54 ? 249 ARG A NE  1 
ATOM   516  C  CZ  . ARG A 1 68  ? -6.617  0.256   -21.498 1.00 31.56 ? 249 ARG A CZ  1 
ATOM   517  N  NH1 . ARG A 1 68  ? -6.323  1.530   -21.261 1.00 32.03 ? 249 ARG A NH1 1 
ATOM   518  N  NH2 . ARG A 1 68  ? -6.970  -0.128  -22.720 1.00 32.04 ? 249 ARG A NH2 1 
ATOM   519  N  N   . ILE A 1 69  ? -2.846  -4.793  -18.528 1.00 10.57 ? 250 ILE A N   1 
ATOM   520  C  CA  . ILE A 1 69  ? -1.930  -5.743  -19.156 1.00 11.34 ? 250 ILE A CA  1 
ATOM   521  C  C   . ILE A 1 69  ? -2.179  -7.148  -18.600 1.00 11.02 ? 250 ILE A C   1 
ATOM   522  O  O   . ILE A 1 69  ? -2.252  -8.120  -19.356 1.00 11.88 ? 250 ILE A O   1 
ATOM   523  C  CB  . ILE A 1 69  ? -0.453  -5.340  -18.914 1.00 9.24  ? 250 ILE A CB  1 
ATOM   524  C  CG1 . ILE A 1 69  ? -0.119  -4.098  -19.743 1.00 11.79 ? 250 ILE A CG1 1 
ATOM   525  C  CG2 . ILE A 1 69  ? 0.484   -6.497  -19.290 1.00 9.49  ? 250 ILE A CG2 1 
ATOM   526  C  CD1 . ILE A 1 69  ? 1.159   -3.413  -19.329 1.00 11.69 ? 250 ILE A CD1 1 
ATOM   527  N  N   . LEU A 1 70  ? -2.333  -7.258  -17.287 1.00 10.81 ? 251 LEU A N   1 
ATOM   528  C  CA  . LEU A 1 70  ? -2.561  -8.561  -16.669 1.00 9.95  ? 251 LEU A CA  1 
ATOM   529  C  C   . LEU A 1 70  ? -3.866  -9.170  -17.162 1.00 12.33 ? 251 LEU A C   1 
ATOM   530  O  O   . LEU A 1 70  ? -3.953  -10.379 -17.361 1.00 11.00 ? 251 LEU A O   1 
ATOM   531  C  CB  . LEU A 1 70  ? -2.563  -8.429  -15.147 1.00 10.18 ? 251 LEU A CB  1 
ATOM   532  C  CG  . LEU A 1 70  ? -1.207  -7.985  -14.585 1.00 8.30  ? 251 LEU A CG  1 
ATOM   533  C  CD1 . LEU A 1 70  ? -1.323  -7.615  -13.129 1.00 10.95 ? 251 LEU A CD1 1 
ATOM   534  C  CD2 . LEU A 1 70  ? -0.205  -9.123  -14.769 1.00 11.61 ? 251 LEU A CD2 1 
ATOM   535  N  N   . ARG A 1 71  ? -4.884  -8.339  -17.367 1.00 12.78 ? 252 ARG A N   1 
ATOM   536  C  CA  . ARG A 1 71  ? -6.148  -8.866  -17.880 1.00 15.99 ? 252 ARG A CA  1 
ATOM   537  C  C   . ARG A 1 71  ? -5.958  -9.361  -19.318 1.00 16.16 ? 252 ARG A C   1 
ATOM   538  O  O   . ARG A 1 71  ? -6.483  -10.411 -19.705 1.00 16.23 ? 252 ARG A O   1 
ATOM   539  C  CB  . ARG A 1 71  ? -7.240  -7.793  -17.850 1.00 18.30 ? 252 ARG A CB  1 
ATOM   540  C  CG  . ARG A 1 71  ? -7.733  -7.460  -16.461 1.00 21.46 ? 252 ARG A CG  1 
ATOM   541  C  CD  . ARG A 1 71  ? -9.140  -6.886  -16.521 1.00 25.33 ? 252 ARG A CD  1 
ATOM   542  N  NE  . ARG A 1 71  ? -9.233  -5.729  -17.404 1.00 26.71 ? 252 ARG A NE  1 
ATOM   543  C  CZ  . ARG A 1 71  ? -9.457  -4.487  -16.986 1.00 28.02 ? 252 ARG A CZ  1 
ATOM   544  N  NH1 . ARG A 1 71  ? -9.610  -4.239  -15.693 1.00 27.44 ? 252 ARG A NH1 1 
ATOM   545  N  NH2 . ARG A 1 71  ? -9.536  -3.496  -17.863 1.00 28.54 ? 252 ARG A NH2 1 
ATOM   546  N  N   . GLY A 1 72  ? -5.191  -8.605  -20.099 1.00 16.00 ? 253 GLY A N   1 
ATOM   547  C  CA  . GLY A 1 72  ? -4.939  -8.967  -21.484 1.00 17.11 ? 253 GLY A CA  1 
ATOM   548  C  C   . GLY A 1 72  ? -4.138  -10.247 -21.628 1.00 17.03 ? 253 GLY A C   1 
ATOM   549  O  O   . GLY A 1 72  ? -4.320  -10.989 -22.592 1.00 17.35 ? 253 GLY A O   1 
ATOM   550  N  N   . LEU A 1 73  ? -3.258  -10.500 -20.662 1.00 16.38 ? 254 LEU A N   1 
ATOM   551  C  CA  . LEU A 1 73  ? -2.402  -11.686 -20.650 1.00 16.71 ? 254 LEU A CA  1 
ATOM   552  C  C   . LEU A 1 73  ? -3.118  -12.894 -20.086 1.00 17.65 ? 254 LEU A C   1 
ATOM   553  O  O   . LEU A 1 73  ? -2.606  -14.011 -20.162 1.00 18.62 ? 254 LEU A O   1 
ATOM   554  C  CB  . LEU A 1 73  ? -1.158  -11.434 -19.789 1.00 18.49 ? 254 LEU A CB  1 
ATOM   555  C  CG  . LEU A 1 73  ? -0.087  -10.468 -20.283 1.00 18.51 ? 254 LEU A CG  1 
ATOM   556  C  CD1 . LEU A 1 73  ? 0.886   -10.176 -19.160 1.00 20.01 ? 254 LEU A CD1 1 
ATOM   557  C  CD2 . LEU A 1 73  ? 0.642   -11.075 -21.474 1.00 22.01 ? 254 LEU A CD2 1 
ATOM   558  N  N   . GLY A 1 74  ? -4.287  -12.666 -19.501 1.00 16.13 ? 255 GLY A N   1 
ATOM   559  C  CA  . GLY A 1 74  ? -5.039  -13.751 -18.904 1.00 16.66 ? 255 GLY A CA  1 
ATOM   560  C  C   . GLY A 1 74  ? -4.568  -14.053 -17.491 1.00 16.25 ? 255 GLY A C   1 
ATOM   561  O  O   . GLY A 1 74  ? -5.011  -15.034 -16.889 1.00 16.15 ? 255 GLY A O   1 
ATOM   562  N  N   . ALA A 1 75  ? -3.667  -13.221 -16.963 1.00 14.59 ? 256 ALA A N   1 
ATOM   563  C  CA  . ALA A 1 75  ? -3.142  -13.400 -15.610 1.00 14.01 ? 256 ALA A CA  1 
ATOM   564  C  C   . ALA A 1 75  ? -4.251  -13.230 -14.580 1.00 14.77 ? 256 ALA A C   1 
ATOM   565  O  O   . ALA A 1 75  ? -4.255  -13.891 -13.540 1.00 16.65 ? 256 ALA A O   1 
ATOM   566  C  CB  . ALA A 1 75  ? -2.015  -12.410 -15.346 1.00 16.47 ? 256 ALA A CB  1 
ATOM   567  N  N   . ILE A 1 76  ? -5.167  -12.308 -14.863 1.00 12.40 ? 257 ILE A N   1 
ATOM   568  C  CA  . ILE A 1 76  ? -6.334  -12.073 -14.014 1.00 13.58 ? 257 ILE A CA  1 
ATOM   569  C  C   . ILE A 1 76  ? -7.550  -12.112 -14.945 1.00 12.02 ? 257 ILE A C   1 
ATOM   570  O  O   . ILE A 1 76  ? -7.416  -11.926 -16.163 1.00 12.35 ? 257 ILE A O   1 
ATOM   571  C  CB  . ILE A 1 76  ? -6.271  -10.702 -13.284 1.00 13.22 ? 257 ILE A CB  1 
ATOM   572  C  CG1 . ILE A 1 76  ? -6.004  -9.578  -14.293 1.00 14.68 ? 257 ILE A CG1 1 
ATOM   573  C  CG2 . ILE A 1 76  ? -5.205  -10.746 -12.191 1.00 13.72 ? 257 ILE A CG2 1 
ATOM   574  C  CD1 . ILE A 1 76  ? -6.061  -8.174  -13.678 1.00 13.04 ? 257 ILE A CD1 1 
ATOM   575  N  N   . GLN A 1 77  ? -8.724  -12.363 -14.378 1.00 13.61 ? 258 GLN A N   1 
ATOM   576  C  CA  . GLN A 1 77  ? -9.951  -12.456 -15.161 1.00 16.19 ? 258 GLN A CA  1 
ATOM   577  C  C   . GLN A 1 77  ? -10.439 -11.120 -15.721 1.00 18.07 ? 258 GLN A C   1 
ATOM   578  O  O   . GLN A 1 77  ? -10.167 -10.060 -15.162 1.00 18.34 ? 258 GLN A O   1 
ATOM   579  C  CB  . GLN A 1 77  ? -11.045 -13.117 -14.322 1.00 18.12 ? 258 GLN A CB  1 
ATOM   580  C  CG  . GLN A 1 77  ? -10.791 -14.595 -14.069 1.00 20.73 ? 258 GLN A CG  1 
ATOM   581  C  CD  . GLN A 1 77  ? -10.778 -15.407 -15.354 1.00 24.13 ? 258 GLN A CD  1 
ATOM   582  O  OE1 . GLN A 1 77  ? -11.804 -15.554 -16.020 1.00 24.25 ? 258 GLN A OE1 1 
ATOM   583  N  NE2 . GLN A 1 77  ? -9.610  -15.935 -15.711 1.00 27.10 ? 258 GLN A NE2 1 
ATOM   584  N  N   . PRO A 1 78  ? -11.177 -11.165 -16.845 1.00 21.44 ? 259 PRO A N   1 
ATOM   585  C  CA  . PRO A 1 78  ? -11.719 -9.983  -17.523 1.00 21.83 ? 259 PRO A CA  1 
ATOM   586  C  C   . PRO A 1 78  ? -12.477 -8.976  -16.663 1.00 22.17 ? 259 PRO A C   1 
ATOM   587  O  O   . PRO A 1 78  ? -12.427 -7.777  -16.933 1.00 23.64 ? 259 PRO A O   1 
ATOM   588  C  CB  . PRO A 1 78  ? -12.605 -10.590 -18.607 1.00 23.27 ? 259 PRO A CB  1 
ATOM   589  C  CG  . PRO A 1 78  ? -11.875 -11.834 -18.957 1.00 22.94 ? 259 PRO A CG  1 
ATOM   590  C  CD  . PRO A 1 78  ? -11.515 -12.388 -17.596 1.00 21.40 ? 259 PRO A CD  1 
ATOM   591  N  N   . GLY A 1 79  ? -13.180 -9.456  -15.641 1.00 23.34 ? 260 GLY A N   1 
ATOM   592  C  CA  . GLY A 1 79  ? -13.941 -8.560  -14.783 1.00 24.20 ? 260 GLY A CA  1 
ATOM   593  C  C   . GLY A 1 79  ? -13.164 -7.970  -13.618 1.00 23.67 ? 260 GLY A C   1 
ATOM   594  O  O   . GLY A 1 79  ? -13.712 -7.210  -12.820 1.00 25.15 ? 260 GLY A O   1 
ATOM   595  N  N   . VAL A 1 80  ? -11.883 -8.312  -13.520 1.00 21.84 ? 261 VAL A N   1 
ATOM   596  C  CA  . VAL A 1 80  ? -11.046 -7.817  -12.432 1.00 19.46 ? 261 VAL A CA  1 
ATOM   597  C  C   . VAL A 1 80  ? -10.507 -6.413  -12.716 1.00 19.06 ? 261 VAL A C   1 
ATOM   598  O  O   . VAL A 1 80  ? -9.938  -6.151  -13.780 1.00 18.58 ? 261 VAL A O   1 
ATOM   599  C  CB  . VAL A 1 80  ? -9.874  -8.797  -12.168 1.00 19.98 ? 261 VAL A CB  1 
ATOM   600  C  CG1 . VAL A 1 80  ? -8.982  -8.280  -11.047 1.00 18.38 ? 261 VAL A CG1 1 
ATOM   601  C  CG2 . VAL A 1 80  ? -10.434 -10.171 -11.793 1.00 21.09 ? 261 VAL A CG2 1 
ATOM   602  N  N   . ASN A 1 81  ? -10.696 -5.510  -11.759 1.00 17.74 ? 262 ASN A N   1 
ATOM   603  C  CA  . ASN A 1 81  ? -10.237 -4.138  -11.921 1.00 19.80 ? 262 ASN A CA  1 
ATOM   604  C  C   . ASN A 1 81  ? -9.154  -3.740  -10.933 1.00 18.06 ? 262 ASN A C   1 
ATOM   605  O  O   . ASN A 1 81  ? -8.646  -2.622  -10.988 1.00 17.27 ? 262 ASN A O   1 
ATOM   606  C  CB  . ASN A 1 81  ? -11.418 -3.174  -11.804 1.00 23.36 ? 262 ASN A CB  1 
ATOM   607  C  CG  . ASN A 1 81  ? -12.400 -3.332  -12.939 1.00 27.90 ? 262 ASN A CG  1 
ATOM   608  O  OD1 . ASN A 1 81  ? -12.031 -3.216  -14.109 1.00 30.64 ? 262 ASN A OD1 1 
ATOM   609  N  ND2 . ASN A 1 81  ? -13.659 -3.603  -12.607 1.00 30.16 ? 262 ASN A ND2 1 
ATOM   610  N  N   . ARG A 1 82  ? -8.811  -4.653  -10.028 1.00 17.39 ? 263 ARG A N   1 
ATOM   611  C  CA  . ARG A 1 82  ? -7.771  -4.403  -9.027  1.00 17.46 ? 263 ARG A CA  1 
ATOM   612  C  C   . ARG A 1 82  ? -6.852  -5.619  -8.945  1.00 16.47 ? 263 ARG A C   1 
ATOM   613  O  O   . ARG A 1 82  ? -7.300  -6.755  -9.114  1.00 16.68 ? 263 ARG A O   1 
ATOM   614  C  CB  . ARG A 1 82  ? -8.381  -4.172  -7.640  1.00 19.77 ? 263 ARG A CB  1 
ATOM   615  C  CG  . ARG A 1 82  ? -9.459  -3.110  -7.564  1.00 26.14 ? 263 ARG A CG  1 
ATOM   616  C  CD  . ARG A 1 82  ? -9.935  -2.942  -6.125  1.00 29.00 ? 263 ARG A CD  1 
ATOM   617  N  NE  . ARG A 1 82  ? -10.360 -4.208  -5.524  1.00 34.00 ? 263 ARG A NE  1 
ATOM   618  C  CZ  . ARG A 1 82  ? -11.413 -4.919  -5.922  1.00 37.12 ? 263 ARG A CZ  1 
ATOM   619  N  NH1 . ARG A 1 82  ? -12.168 -4.496  -6.927  1.00 38.36 ? 263 ARG A NH1 1 
ATOM   620  N  NH2 . ARG A 1 82  ? -11.711 -6.061  -5.314  1.00 38.87 ? 263 ARG A NH2 1 
ATOM   621  N  N   . CYS A 1 83  ? -5.567  -5.387  -8.683  1.00 13.09 ? 264 CYS A N   1 
ATOM   622  C  CA  . CYS A 1 83  ? -4.622  -6.492  -8.573  1.00 13.65 ? 264 CYS A CA  1 
ATOM   623  C  C   . CYS A 1 83  ? -3.426  -6.119  -7.723  1.00 14.11 ? 264 CYS A C   1 
ATOM   624  O  O   . CYS A 1 83  ? -2.990  -4.972  -7.721  1.00 14.65 ? 264 CYS A O   1 
ATOM   625  C  CB  . CYS A 1 83  ? -4.125  -6.922  -9.953  1.00 11.91 ? 264 CYS A CB  1 
ATOM   626  S  SG  . CYS A 1 83  ? -3.247  -8.504  -9.917  1.00 15.54 ? 264 CYS A SG  1 
ATOM   627  N  N   . LYS A 1 84  ? -2.896  -7.099  -6.998  1.00 12.75 ? 265 LYS A N   1 
ATOM   628  C  CA  . LYS A 1 84  ? -1.733  -6.880  -6.153  1.00 12.31 ? 265 LYS A CA  1 
ATOM   629  C  C   . LYS A 1 84  ? -0.558  -7.737  -6.587  1.00 12.73 ? 265 LYS A C   1 
ATOM   630  O  O   . LYS A 1 84  ? -0.733  -8.787  -7.212  1.00 11.97 ? 265 LYS A O   1 
ATOM   631  C  CB  . LYS A 1 84  ? -2.089  -7.137  -4.692  1.00 15.64 ? 265 LYS A CB  1 
ATOM   632  C  CG  . LYS A 1 84  ? -2.956  -6.022  -4.116  1.00 17.90 ? 265 LYS A CG  1 
ATOM   633  C  CD  . LYS A 1 84  ? -3.476  -6.346  -2.738  1.00 23.76 ? 265 LYS A CD  1 
ATOM   634  C  CE  . LYS A 1 84  ? -4.291  -5.185  -2.191  1.00 24.41 ? 265 LYS A CE  1 
ATOM   635  N  NZ  . LYS A 1 84  ? -4.982  -5.548  -0.915  1.00 29.14 ? 265 LYS A NZ  1 
ATOM   636  N  N   . LEU A 1 85  ? 0.641   -7.263  -6.255  1.00 10.44 ? 266 LEU A N   1 
ATOM   637  C  CA  . LEU A 1 85  ? 1.883   -7.927  -6.617  1.00 11.94 ? 266 LEU A CA  1 
ATOM   638  C  C   . LEU A 1 85  ? 2.761   -8.154  -5.389  1.00 11.69 ? 266 LEU A C   1 
ATOM   639  O  O   . LEU A 1 85  ? 2.810   -7.316  -4.493  1.00 15.45 ? 266 LEU A O   1 
ATOM   640  C  CB  . LEU A 1 85  ? 2.672   -7.042  -7.590  1.00 11.78 ? 266 LEU A CB  1 
ATOM   641  C  CG  . LEU A 1 85  ? 2.017   -6.493  -8.861  1.00 12.19 ? 266 LEU A CG  1 
ATOM   642  C  CD1 . LEU A 1 85  ? 2.994   -5.547  -9.559  1.00 13.42 ? 266 LEU A CD1 1 
ATOM   643  C  CD2 . LEU A 1 85  ? 1.618   -7.639  -9.791  1.00 10.86 ? 266 LEU A CD2 1 
ATOM   644  N  N   . ILE A 1 86  ? 3.454   -9.287  -5.335  1.00 13.04 ? 267 ILE A N   1 
ATOM   645  C  CA  . ILE A 1 86  ? 4.383   -9.523  -4.231  1.00 13.12 ? 267 ILE A CA  1 
ATOM   646  C  C   . ILE A 1 86  ? 5.610   -10.246 -4.774  1.00 13.95 ? 267 ILE A C   1 
ATOM   647  O  O   . ILE A 1 86  ? 5.547   -10.866 -5.828  1.00 13.90 ? 267 ILE A O   1 
ATOM   648  C  CB  . ILE A 1 86  ? 3.767   -10.335 -3.050  1.00 16.32 ? 267 ILE A CB  1 
ATOM   649  C  CG1 . ILE A 1 86  ? 3.289   -11.707 -3.513  1.00 18.29 ? 267 ILE A CG1 1 
ATOM   650  C  CG2 . ILE A 1 86  ? 2.656   -9.518  -2.386  1.00 15.98 ? 267 ILE A CG2 1 
ATOM   651  C  CD1 . ILE A 1 86  ? 2.956   -12.635 -2.338  1.00 16.85 ? 267 ILE A CD1 1 
ATOM   652  N  N   . SER A 1 87  ? 6.734   -10.137 -4.071  1.00 14.27 ? 268 SER A N   1 
ATOM   653  C  CA  . SER A 1 87  ? 7.964   -10.781 -4.525  1.00 16.79 ? 268 SER A CA  1 
ATOM   654  C  C   . SER A 1 87  ? 7.856   -12.301 -4.477  1.00 18.59 ? 268 SER A C   1 
ATOM   655  O  O   . SER A 1 87  ? 7.040   -12.856 -3.741  1.00 18.26 ? 268 SER A O   1 
ATOM   656  C  CB  . SER A 1 87  ? 9.150   -10.311 -3.673  1.00 17.77 ? 268 SER A CB  1 
ATOM   657  O  OG  . SER A 1 87  ? 9.026   -10.737 -2.324  1.00 17.81 ? 268 SER A OG  1 
ATOM   658  N  N   . ARG A 1 88  ? 8.677   -12.988 -5.265  1.00 19.98 ? 269 ARG A N   1 
ATOM   659  C  CA  . ARG A 1 88  ? 8.627   -14.442 -5.260  1.00 22.04 ? 269 ARG A CA  1 
ATOM   660  C  C   . ARG A 1 88  ? 8.999   -14.985 -3.886  1.00 22.83 ? 269 ARG A C   1 
ATOM   661  O  O   . ARG A 1 88  ? 8.444   -15.989 -3.446  1.00 23.86 ? 269 ARG A O   1 
ATOM   662  C  CB  . ARG A 1 88  ? 9.533   -15.022 -6.350  1.00 22.76 ? 269 ARG A CB  1 
ATOM   663  C  CG  . ARG A 1 88  ? 8.883   -14.983 -7.731  1.00 24.27 ? 269 ARG A CG  1 
ATOM   664  C  CD  . ARG A 1 88  ? 9.694   -15.706 -8.794  1.00 26.09 ? 269 ARG A CD  1 
ATOM   665  N  NE  . ARG A 1 88  ? 11.005  -15.095 -8.989  1.00 29.74 ? 269 ARG A NE  1 
ATOM   666  C  CZ  . ARG A 1 88  ? 11.806  -15.362 -10.015 1.00 30.83 ? 269 ARG A CZ  1 
ATOM   667  N  NH1 . ARG A 1 88  ? 11.432  -16.231 -10.945 1.00 31.00 ? 269 ARG A NH1 1 
ATOM   668  N  NH2 . ARG A 1 88  ? 12.980  -14.756 -10.111 1.00 32.07 ? 269 ARG A NH2 1 
ATOM   669  N  N   . LYS A 1 89  ? 9.919   -14.309 -3.201  1.00 24.44 ? 270 LYS A N   1 
ATOM   670  C  CA  . LYS A 1 89  ? 10.333  -14.738 -1.867  1.00 25.78 ? 270 LYS A CA  1 
ATOM   671  C  C   . LYS A 1 89  ? 9.156   -14.602 -0.902  1.00 24.47 ? 270 LYS A C   1 
ATOM   672  O  O   . LYS A 1 89  ? 8.931   -15.467 -0.056  1.00 24.85 ? 270 LYS A O   1 
ATOM   673  C  CB  . LYS A 1 89  ? 11.503  -13.893 -1.357  1.00 27.92 ? 270 LYS A CB  1 
ATOM   674  C  CG  . LYS A 1 89  ? 12.164  -14.472 -0.112  1.00 32.59 ? 270 LYS A CG  1 
ATOM   675  C  CD  . LYS A 1 89  ? 13.255  -13.560 0.442   1.00 34.77 ? 270 LYS A CD  1 
ATOM   676  C  CE  . LYS A 1 89  ? 12.677  -12.483 1.349   1.00 35.03 ? 270 LYS A CE  1 
ATOM   677  N  NZ  . LYS A 1 89  ? 12.109  -13.080 2.593   1.00 36.98 ? 270 LYS A NZ  1 
ATOM   678  N  N   . ASP A 1 90  ? 8.414   -13.504 -1.026  1.00 22.12 ? 271 ASP A N   1 
ATOM   679  C  CA  . ASP A 1 90  ? 7.261   -13.283 -0.165  1.00 21.30 ? 271 ASP A CA  1 
ATOM   680  C  C   . ASP A 1 90  ? 6.146   -14.265 -0.501  1.00 19.49 ? 271 ASP A C   1 
ATOM   681  O  O   . ASP A 1 90  ? 5.381   -14.681 0.379   1.00 18.06 ? 271 ASP A O   1 
ATOM   682  C  CB  . ASP A 1 90  ? 6.758   -11.839 -0.285  1.00 22.32 ? 271 ASP A CB  1 
ATOM   683  C  CG  . ASP A 1 90  ? 7.594   -10.859 0.532   1.00 25.36 ? 271 ASP A CG  1 
ATOM   684  O  OD1 . ASP A 1 90  ? 8.369   -11.311 1.401   1.00 26.45 ? 271 ASP A OD1 1 
ATOM   685  O  OD2 . ASP A 1 90  ? 7.469   -9.635  0.320   1.00 24.50 ? 271 ASP A OD2 1 
ATOM   686  N  N   . PHE A 1 91  ? 6.042   -14.651 -1.768  1.00 16.63 ? 272 PHE A N   1 
ATOM   687  C  CA  . PHE A 1 91  ? 5.006   -15.599 -2.117  1.00 16.32 ? 272 PHE A CA  1 
ATOM   688  C  C   . PHE A 1 91  ? 5.352   -16.938 -1.472  1.00 16.30 ? 272 PHE A C   1 
ATOM   689  O  O   . PHE A 1 91  ? 4.480   -17.623 -0.956  1.00 15.47 ? 272 PHE A O   1 
ATOM   690  C  CB  . PHE A 1 91  ? 4.892   -15.804 -3.623  1.00 16.78 ? 272 PHE A CB  1 
ATOM   691  C  CG  . PHE A 1 91  ? 3.809   -16.768 -4.000  1.00 17.87 ? 272 PHE A CG  1 
ATOM   692  C  CD1 . PHE A 1 91  ? 2.472   -16.394 -3.923  1.00 17.39 ? 272 PHE A CD1 1 
ATOM   693  C  CD2 . PHE A 1 91  ? 4.116   -18.075 -4.358  1.00 19.22 ? 272 PHE A CD2 1 
ATOM   694  C  CE1 . PHE A 1 91  ? 1.453   -17.304 -4.186  1.00 19.32 ? 272 PHE A CE1 1 
ATOM   695  C  CE2 . PHE A 1 91  ? 3.107   -18.994 -4.622  1.00 19.90 ? 272 PHE A CE2 1 
ATOM   696  C  CZ  . PHE A 1 91  ? 1.772   -18.610 -4.539  1.00 20.60 ? 272 PHE A CZ  1 
ATOM   697  N  N   . GLU A 1 92  ? 6.630   -17.306 -1.505  1.00 19.13 ? 273 GLU A N   1 
ATOM   698  C  CA  . GLU A 1 92  ? 7.037   -18.577 -0.915  1.00 19.27 ? 273 GLU A CA  1 
ATOM   699  C  C   . GLU A 1 92  ? 6.770   -18.562 0.588   1.00 19.03 ? 273 GLU A C   1 
ATOM   700  O  O   . GLU A 1 92  ? 6.342   -19.563 1.155   1.00 20.65 ? 273 GLU A O   1 
ATOM   701  C  CB  . GLU A 1 92  ? 8.517   -18.868 -1.197  1.00 21.00 ? 273 GLU A CB  1 
ATOM   702  C  CG  . GLU A 1 92  ? 8.871   -19.006 -2.683  1.00 24.98 ? 273 GLU A CG  1 
ATOM   703  C  CD  . GLU A 1 92  ? 8.006   -20.016 -3.440  1.00 25.57 ? 273 GLU A CD  1 
ATOM   704  O  OE1 . GLU A 1 92  ? 7.259   -20.790 -2.806  1.00 26.78 ? 273 GLU A OE1 1 
ATOM   705  O  OE2 . GLU A 1 92  ? 8.082   -20.041 -4.688  1.00 28.94 ? 273 GLU A OE2 1 
ATOM   706  N  N   . THR A 1 93  ? 7.016   -17.423 1.229   1.00 18.27 ? 274 THR A N   1 
ATOM   707  C  CA  . THR A 1 93  ? 6.758   -17.290 2.657   1.00 18.53 ? 274 THR A CA  1 
ATOM   708  C  C   . THR A 1 93  ? 5.261   -17.511 2.866   1.00 19.64 ? 274 THR A C   1 
ATOM   709  O  O   . THR A 1 93  ? 4.845   -18.210 3.789   1.00 19.25 ? 274 THR A O   1 
ATOM   710  C  CB  . THR A 1 93  ? 7.141   -15.887 3.174   1.00 17.82 ? 274 THR A CB  1 
ATOM   711  O  OG1 . THR A 1 93  ? 8.555   -15.691 3.027   1.00 20.41 ? 274 THR A OG1 1 
ATOM   712  C  CG2 . THR A 1 93  ? 6.769   -15.733 4.642   1.00 17.88 ? 274 THR A CG2 1 
ATOM   713  N  N   . LEU A 1 94  ? 4.454   -16.902 2.002   1.00 18.13 ? 275 LEU A N   1 
ATOM   714  C  CA  . LEU A 1 94  ? 3.007   -17.060 2.079   1.00 18.45 ? 275 LEU A CA  1 
ATOM   715  C  C   . LEU A 1 94  ? 2.645   -18.522 1.833   1.00 16.69 ? 275 LEU A C   1 
ATOM   716  O  O   . LEU A 1 94  ? 1.857   -19.113 2.568   1.00 16.47 ? 275 LEU A O   1 
ATOM   717  C  CB  . LEU A 1 94  ? 2.319   -16.183 1.030   1.00 16.91 ? 275 LEU A CB  1 
ATOM   718  C  CG  . LEU A 1 94  ? 0.843   -16.501 0.792   1.00 20.24 ? 275 LEU A CG  1 
ATOM   719  C  CD1 . LEU A 1 94  ? 0.039   -16.129 2.038   1.00 19.54 ? 275 LEU A CD1 1 
ATOM   720  C  CD2 . LEU A 1 94  ? 0.343   -15.745 -0.424  1.00 18.87 ? 275 LEU A CD2 1 
ATOM   721  N  N   . TYR A 1 95  ? 3.234   -19.103 0.795   1.00 16.36 ? 276 TYR A N   1 
ATOM   722  C  CA  . TYR A 1 95  ? 2.962   -20.487 0.455   1.00 17.82 ? 276 TYR A CA  1 
ATOM   723  C  C   . TYR A 1 95  ? 3.311   -21.418 1.613   1.00 16.83 ? 276 TYR A C   1 
ATOM   724  O  O   . TYR A 1 95  ? 2.533   -22.304 1.959   1.00 17.33 ? 276 TYR A O   1 
ATOM   725  C  CB  . TYR A 1 95  ? 3.735   -20.881 -0.810  1.00 19.18 ? 276 TYR A CB  1 
ATOM   726  C  CG  . TYR A 1 95  ? 3.454   -22.294 -1.265  1.00 20.28 ? 276 TYR A CG  1 
ATOM   727  C  CD1 . TYR A 1 95  ? 4.154   -23.371 -0.725  1.00 22.54 ? 276 TYR A CD1 1 
ATOM   728  C  CD2 . TYR A 1 95  ? 2.455   -22.561 -2.203  1.00 19.65 ? 276 TYR A CD2 1 
ATOM   729  C  CE1 . TYR A 1 95  ? 3.865   -24.676 -1.105  1.00 20.54 ? 276 TYR A CE1 1 
ATOM   730  C  CE2 . TYR A 1 95  ? 2.158   -23.862 -2.591  1.00 21.59 ? 276 TYR A CE2 1 
ATOM   731  C  CZ  . TYR A 1 95  ? 2.869   -24.917 -2.035  1.00 21.81 ? 276 TYR A CZ  1 
ATOM   732  O  OH  . TYR A 1 95  ? 2.579   -26.208 -2.404  1.00 21.96 ? 276 TYR A OH  1 
ATOM   733  N  N   . ASN A 1 96  ? 4.475   -21.211 2.220   1.00 18.53 ? 277 ASN A N   1 
ATOM   734  C  CA  . ASN A 1 96  ? 4.887   -22.049 3.338   1.00 19.09 ? 277 ASN A CA  1 
ATOM   735  C  C   . ASN A 1 96  ? 3.902   -21.920 4.496   1.00 19.96 ? 277 ASN A C   1 
ATOM   736  O  O   . ASN A 1 96  ? 3.561   -22.905 5.146   1.00 20.65 ? 277 ASN A O   1 
ATOM   737  C  CB  . ASN A 1 96  ? 6.298   -21.669 3.797   1.00 18.18 ? 277 ASN A CB  1 
ATOM   738  C  CG  . ASN A 1 96  ? 7.335   -21.864 2.704   1.00 18.88 ? 277 ASN A CG  1 
ATOM   739  O  OD1 . ASN A 1 96  ? 7.133   -22.651 1.774   1.00 19.79 ? 277 ASN A OD1 1 
ATOM   740  N  ND2 . ASN A 1 96  ? 8.459   -21.164 2.821   1.00 18.49 ? 277 ASN A ND2 1 
ATOM   741  N  N   . ASP A 1 97  ? 3.431   -20.701 4.735   1.00 20.91 ? 278 ASP A N   1 
ATOM   742  C  CA  . ASP A 1 97  ? 2.493   -20.443 5.821   1.00 22.13 ? 278 ASP A CA  1 
ATOM   743  C  C   . ASP A 1 97  ? 1.120   -21.078 5.597   1.00 21.96 ? 278 ASP A C   1 
ATOM   744  O  O   . ASP A 1 97  ? 0.407   -21.382 6.552   1.00 23.12 ? 278 ASP A O   1 
ATOM   745  C  CB  . ASP A 1 97  ? 2.343   -18.933 6.021   1.00 23.41 ? 278 ASP A CB  1 
ATOM   746  C  CG  . ASP A 1 97  ? 1.502   -18.589 7.232   1.00 26.28 ? 278 ASP A CG  1 
ATOM   747  O  OD1 . ASP A 1 97  ? 1.813   -19.088 8.335   1.00 26.08 ? 278 ASP A OD1 1 
ATOM   748  O  OD2 . ASP A 1 97  ? 0.534   -17.815 7.083   1.00 29.05 ? 278 ASP A OD2 1 
ATOM   749  N  N   . CYS A 1 98  ? 0.753   -21.283 4.337   1.00 22.93 ? 279 CYS A N   1 
ATOM   750  C  CA  . CYS A 1 98  ? -0.534  -21.883 3.995   1.00 23.05 ? 279 CYS A CA  1 
ATOM   751  C  C   . CYS A 1 98  ? -0.506  -23.401 3.956   1.00 24.15 ? 279 CYS A C   1 
ATOM   752  O  O   . CYS A 1 98  ? -1.545  -24.053 4.084   1.00 25.46 ? 279 CYS A O   1 
ATOM   753  C  CB  . CYS A 1 98  ? -0.999  -21.399 2.620   1.00 22.54 ? 279 CYS A CB  1 
ATOM   754  S  SG  . CYS A 1 98  ? -1.390  -19.650 2.518   1.00 25.55 ? 279 CYS A SG  1 
ATOM   755  N  N   . THR A 1 99  ? 0.681   -23.967 3.780   1.00 23.16 ? 280 THR A N   1 
ATOM   756  C  CA  . THR A 1 99  ? 0.800   -25.411 3.649   1.00 22.37 ? 280 THR A CA  1 
ATOM   757  C  C   . THR A 1 99  ? 1.615   -26.163 4.688   1.00 21.67 ? 280 THR A C   1 
ATOM   758  O  O   . THR A 1 99  ? 1.330   -27.327 4.973   1.00 22.49 ? 280 THR A O   1 
ATOM   759  C  CB  . THR A 1 99  ? 1.385   -25.754 2.281   1.00 22.85 ? 280 THR A CB  1 
ATOM   760  O  OG1 . THR A 1 99  ? 2.650   -25.094 2.135   1.00 22.34 ? 280 THR A OG1 1 
ATOM   761  C  CG2 . THR A 1 99  ? 0.451   -25.290 1.175   1.00 23.14 ? 280 THR A CG2 1 
ATOM   762  N  N   . ASN A 1 100 ? 2.632   -25.514 5.241   1.00 20.72 ? 281 ASN A N   1 
ATOM   763  C  CA  . ASN A 1 100 ? 3.498   -26.165 6.211   1.00 20.59 ? 281 ASN A CA  1 
ATOM   764  C  C   . ASN A 1 100 ? 3.947   -25.194 7.299   1.00 20.34 ? 281 ASN A C   1 
ATOM   765  O  O   . ASN A 1 100 ? 5.143   -25.032 7.552   1.00 19.75 ? 281 ASN A O   1 
ATOM   766  C  CB  . ASN A 1 100 ? 4.709   -26.745 5.469   1.00 20.24 ? 281 ASN A CB  1 
ATOM   767  C  CG  . ASN A 1 100 ? 5.611   -27.553 6.366   1.00 18.50 ? 281 ASN A CG  1 
ATOM   768  O  OD1 . ASN A 1 100 ? 5.138   -28.326 7.192   1.00 17.96 ? 281 ASN A OD1 1 
ATOM   769  N  ND2 . ASN A 1 100 ? 6.921   -27.391 6.198   1.00 17.46 ? 281 ASN A ND2 1 
ATOM   770  N  N   . ALA A 1 101 ? 2.978   -24.551 7.943   1.00 21.66 ? 282 ALA A N   1 
ATOM   771  C  CA  . ALA A 1 101 ? 3.268   -23.576 8.991   1.00 22.93 ? 282 ALA A CA  1 
ATOM   772  C  C   . ALA A 1 101 ? 3.793   -24.207 10.277  1.00 24.40 ? 282 ALA A C   1 
ATOM   773  O  O   . ALA A 1 101 ? 3.410   -25.359 10.583  1.00 22.95 ? 282 ALA A O   1 
ATOM   774  C  CB  . ALA A 1 101 ? 2.017   -22.764 9.292   1.00 22.16 ? 282 ALA A CB  1 
ATOM   775  O  OXT . ALA A 1 101 ? 4.568   -23.518 10.979  1.00 24.90 ? 282 ALA A OXT 1 
ATOM   776  N  N   . GLN B 1 3   ? -15.273 15.052  19.782  1.00 32.72 ? 184 GLN B N   1 
ATOM   777  C  CA  . GLN B 1 3   ? -15.809 14.750  18.424  1.00 31.11 ? 184 GLN B CA  1 
ATOM   778  C  C   . GLN B 1 3   ? -14.655 14.473  17.463  1.00 28.78 ? 184 GLN B C   1 
ATOM   779  O  O   . GLN B 1 3   ? -14.205 13.336  17.316  1.00 28.41 ? 184 GLN B O   1 
ATOM   780  C  CB  . GLN B 1 3   ? -16.627 15.937  17.900  1.00 33.70 ? 184 GLN B CB  1 
ATOM   781  C  CG  . GLN B 1 3   ? -17.219 16.828  18.985  1.00 36.71 ? 184 GLN B CG  1 
ATOM   782  C  CD  . GLN B 1 3   ? -16.166 17.679  19.678  1.00 38.34 ? 184 GLN B CD  1 
ATOM   783  O  OE1 . GLN B 1 3   ? -15.525 18.526  19.051  1.00 39.89 ? 184 GLN B OE1 1 
ATOM   784  N  NE2 . GLN B 1 3   ? -15.980 17.454  20.974  1.00 38.67 ? 184 GLN B NE2 1 
ATOM   785  N  N   . ASN B 1 4   ? -14.179 15.529  16.814  1.00 26.28 ? 185 ASN B N   1 
ATOM   786  C  CA  . ASN B 1 4   ? -13.078 15.418  15.867  1.00 23.23 ? 185 ASN B CA  1 
ATOM   787  C  C   . ASN B 1 4   ? -11.709 15.579  16.527  1.00 22.69 ? 185 ASN B C   1 
ATOM   788  O  O   . ASN B 1 4   ? -10.685 15.529  15.842  1.00 20.32 ? 185 ASN B O   1 
ATOM   789  C  CB  . ASN B 1 4   ? -13.228 16.463  14.758  1.00 20.88 ? 185 ASN B CB  1 
ATOM   790  C  CG  . ASN B 1 4   ? -13.285 17.881  15.293  1.00 21.56 ? 185 ASN B CG  1 
ATOM   791  O  OD1 . ASN B 1 4   ? -12.682 18.790  14.726  1.00 23.47 ? 185 ASN B OD1 1 
ATOM   792  N  ND2 . ASN B 1 4   ? -14.018 18.079  16.384  1.00 22.60 ? 185 ASN B ND2 1 
ATOM   793  N  N   . ASN B 1 5   ? -11.680 15.777  17.846  1.00 22.27 ? 186 ASN B N   1 
ATOM   794  C  CA  . ASN B 1 5   ? -10.410 15.940  18.549  1.00 24.48 ? 186 ASN B CA  1 
ATOM   795  C  C   . ASN B 1 5   ? -10.043 14.741  19.413  1.00 25.19 ? 186 ASN B C   1 
ATOM   796  O  O   . ASN B 1 5   ? -9.178  14.834  20.284  1.00 25.53 ? 186 ASN B O   1 
ATOM   797  C  CB  . ASN B 1 5   ? -10.423 17.205  19.413  1.00 25.48 ? 186 ASN B CB  1 
ATOM   798  C  CG  . ASN B 1 5   ? -10.505 18.469  18.590  1.00 26.59 ? 186 ASN B CG  1 
ATOM   799  O  OD1 . ASN B 1 5   ? -9.830  18.604  17.573  1.00 28.19 ? 186 ASN B OD1 1 
ATOM   800  N  ND2 . ASN B 1 5   ? -11.326 19.411  19.031  1.00 30.25 ? 186 ASN B ND2 1 
ATOM   801  N  N   . GLU B 1 6   ? -10.710 13.618  19.173  1.00 25.16 ? 187 GLU B N   1 
ATOM   802  C  CA  . GLU B 1 6   ? -10.441 12.389  19.914  1.00 25.36 ? 187 GLU B CA  1 
ATOM   803  C  C   . GLU B 1 6   ? -9.511  11.549  19.045  1.00 23.81 ? 187 GLU B C   1 
ATOM   804  O  O   . GLU B 1 6   ? -9.907  11.069  17.979  1.00 21.92 ? 187 GLU B O   1 
ATOM   805  C  CB  . GLU B 1 6   ? -11.752 11.643  20.179  1.00 28.24 ? 187 GLU B CB  1 
ATOM   806  C  CG  . GLU B 1 6   ? -11.629 10.446  21.109  1.00 35.64 ? 187 GLU B CG  1 
ATOM   807  C  CD  . GLU B 1 6   ? -12.982 9.885   21.524  1.00 38.49 ? 187 GLU B CD  1 
ATOM   808  O  OE1 . GLU B 1 6   ? -13.014 8.925   22.327  1.00 41.25 ? 187 GLU B OE1 1 
ATOM   809  O  OE2 . GLU B 1 6   ? -14.016 10.407  21.049  1.00 41.26 ? 187 GLU B OE2 1 
ATOM   810  N  N   . CYS B 1 7   ? -8.272  11.386  19.496  1.00 21.90 ? 188 CYS B N   1 
ATOM   811  C  CA  . CYS B 1 7   ? -7.277  10.633  18.743  1.00 23.00 ? 188 CYS B CA  1 
ATOM   812  C  C   . CYS B 1 7   ? -7.232  9.144   19.065  1.00 23.89 ? 188 CYS B C   1 
ATOM   813  O  O   . CYS B 1 7   ? -7.252  8.750   20.227  1.00 24.54 ? 188 CYS B O   1 
ATOM   814  C  CB  . CYS B 1 7   ? -5.891  11.240  18.980  1.00 22.62 ? 188 CYS B CB  1 
ATOM   815  S  SG  . CYS B 1 7   ? -4.605  10.638  17.870  1.00 25.45 ? 188 CYS B SG  1 
ATOM   816  N  N   . LYS B 1 8   ? -7.167  8.324   18.020  1.00 24.34 ? 189 LYS B N   1 
ATOM   817  C  CA  . LYS B 1 8   ? -7.084  6.874   18.172  1.00 25.69 ? 189 LYS B CA  1 
ATOM   818  C  C   . LYS B 1 8   ? -5.961  6.353   17.283  1.00 24.75 ? 189 LYS B C   1 
ATOM   819  O  O   . LYS B 1 8   ? -5.683  6.918   16.226  1.00 24.15 ? 189 LYS B O   1 
ATOM   820  C  CB  . LYS B 1 8   ? -8.390  6.204   17.751  1.00 26.96 ? 189 LYS B CB  1 
ATOM   821  C  CG  . LYS B 1 8   ? -8.375  4.688   17.920  1.00 32.26 ? 189 LYS B CG  1 
ATOM   822  C  CD  . LYS B 1 8   ? -9.068  3.968   16.768  1.00 34.22 ? 189 LYS B CD  1 
ATOM   823  C  CE  . LYS B 1 8   ? -10.524 4.373   16.635  1.00 34.32 ? 189 LYS B CE  1 
ATOM   824  N  NZ  . LYS B 1 8   ? -11.161 3.736   15.450  1.00 36.21 ? 189 LYS B NZ  1 
HETATM 825  N  N   . MSE B 1 9   ? -5.318  5.275   17.709  1.00 25.30 ? 190 MSE B N   1 
HETATM 826  C  CA  . MSE B 1 9   ? -4.240  4.682   16.927  1.00 25.64 ? 190 MSE B CA  1 
HETATM 827  C  C   . MSE B 1 9   ? -4.855  3.634   15.999  1.00 24.48 ? 190 MSE B C   1 
HETATM 828  O  O   . MSE B 1 9   ? -5.609  2.773   16.449  1.00 24.04 ? 190 MSE B O   1 
HETATM 829  C  CB  . MSE B 1 9   ? -3.212  4.037   17.859  1.00 27.72 ? 190 MSE B CB  1 
HETATM 830  C  CG  . MSE B 1 9   ? -1.793  4.556   17.677  1.00 33.38 ? 190 MSE B CG  1 
HETATM 831  SE SE  . MSE B 1 9   ? -1.592  6.462   18.018  1.00 34.85 ? 190 MSE B SE  1 
HETATM 832  C  CE  . MSE B 1 9   ? -0.951  6.372   19.843  1.00 37.89 ? 190 MSE B CE  1 
ATOM   833  N  N   . VAL B 1 10  ? -4.546  3.713   14.709  1.00 22.29 ? 191 VAL B N   1 
ATOM   834  C  CA  . VAL B 1 10  ? -5.102  2.773   13.739  1.00 22.51 ? 191 VAL B CA  1 
ATOM   835  C  C   . VAL B 1 10  ? -4.016  2.105   12.908  1.00 22.11 ? 191 VAL B C   1 
ATOM   836  O  O   . VAL B 1 10  ? -2.882  2.571   12.862  1.00 20.52 ? 191 VAL B O   1 
ATOM   837  C  CB  . VAL B 1 10  ? -6.083  3.475   12.779  1.00 22.76 ? 191 VAL B CB  1 
ATOM   838  C  CG1 . VAL B 1 10  ? -7.179  4.169   13.571  1.00 24.10 ? 191 VAL B CG1 1 
ATOM   839  C  CG2 . VAL B 1 10  ? -5.335  4.466   11.903  1.00 22.52 ? 191 VAL B CG2 1 
ATOM   840  N  N   . ASP B 1 11  ? -4.373  1.012   12.241  1.00 22.66 ? 192 ASP B N   1 
ATOM   841  C  CA  . ASP B 1 11  ? -3.412  0.287   11.423  1.00 23.71 ? 192 ASP B CA  1 
ATOM   842  C  C   . ASP B 1 11  ? -3.189  0.896   10.048  1.00 20.89 ? 192 ASP B C   1 
ATOM   843  O  O   . ASP B 1 11  ? -4.132  1.301   9.376   1.00 22.61 ? 192 ASP B O   1 
ATOM   844  C  CB  . ASP B 1 11  ? -3.846  -1.170  11.241  1.00 26.30 ? 192 ASP B CB  1 
ATOM   845  C  CG  . ASP B 1 11  ? -3.706  -1.983  12.505  1.00 30.95 ? 192 ASP B CG  1 
ATOM   846  O  OD1 . ASP B 1 11  ? -2.639  -1.899  13.150  1.00 34.10 ? 192 ASP B OD1 1 
ATOM   847  O  OD2 . ASP B 1 11  ? -4.657  -2.716  12.845  1.00 35.98 ? 192 ASP B OD2 1 
ATOM   848  N  N   . LEU B 1 12  ? -1.926  0.956   9.647   1.00 20.53 ? 193 LEU B N   1 
ATOM   849  C  CA  . LEU B 1 12  ? -1.544  1.470   8.337   1.00 20.02 ? 193 LEU B CA  1 
ATOM   850  C  C   . LEU B 1 12  ? -0.304  0.721   7.879   1.00 21.48 ? 193 LEU B C   1 
ATOM   851  O  O   . LEU B 1 12  ? 0.780   0.887   8.442   1.00 20.69 ? 193 LEU B O   1 
ATOM   852  C  CB  . LEU B 1 12  ? -1.243  2.971   8.381   1.00 20.09 ? 193 LEU B CB  1 
ATOM   853  C  CG  . LEU B 1 12  ? -0.833  3.554   7.021   1.00 20.12 ? 193 LEU B CG  1 
ATOM   854  C  CD1 . LEU B 1 12  ? -1.986  3.415   6.039   1.00 21.24 ? 193 LEU B CD1 1 
ATOM   855  C  CD2 . LEU B 1 12  ? -0.441  5.022   7.169   1.00 18.17 ? 193 LEU B CD2 1 
ATOM   856  N  N   . ARG B 1 13  ? -0.478  -0.110  6.855   1.00 21.06 ? 194 ARG B N   1 
ATOM   857  C  CA  . ARG B 1 13  ? 0.613   -0.902  6.297   1.00 22.16 ? 194 ARG B CA  1 
ATOM   858  C  C   . ARG B 1 13  ? 1.422   -1.617  7.384   1.00 22.82 ? 194 ARG B C   1 
ATOM   859  O  O   . ARG B 1 13  ? 2.651   -1.574  7.394   1.00 21.02 ? 194 ARG B O   1 
ATOM   860  C  CB  . ARG B 1 13  ? 1.520   -0.007  5.439   1.00 20.53 ? 194 ARG B CB  1 
ATOM   861  C  CG  . ARG B 1 13  ? 0.772   0.724   4.315   1.00 19.17 ? 194 ARG B CG  1 
ATOM   862  C  CD  . ARG B 1 13  ? 1.686   1.641   3.514   1.00 20.23 ? 194 ARG B CD  1 
ATOM   863  N  NE  . ARG B 1 13  ? 2.691   0.894   2.761   1.00 21.12 ? 194 ARG B NE  1 
ATOM   864  C  CZ  . ARG B 1 13  ? 2.476   0.312   1.584   1.00 21.04 ? 194 ARG B CZ  1 
ATOM   865  N  NH1 . ARG B 1 13  ? 1.286   0.389   1.000   1.00 18.25 ? 194 ARG B NH1 1 
ATOM   866  N  NH2 . ARG B 1 13  ? 3.455   -0.363  0.999   1.00 22.74 ? 194 ARG B NH2 1 
ATOM   867  N  N   . GLY B 1 14  ? 0.715   -2.260  8.310   1.00 24.37 ? 195 GLY B N   1 
ATOM   868  C  CA  . GLY B 1 14  ? 1.377   -2.994  9.374   1.00 25.17 ? 195 GLY B CA  1 
ATOM   869  C  C   . GLY B 1 14  ? 1.825   -2.191  10.579  1.00 26.25 ? 195 GLY B C   1 
ATOM   870  O  O   . GLY B 1 14  ? 2.218   -2.763  11.593  1.00 27.86 ? 195 GLY B O   1 
ATOM   871  N  N   . ALA B 1 15  ? 1.771   -0.866  10.481  1.00 24.83 ? 196 ALA B N   1 
ATOM   872  C  CA  . ALA B 1 15  ? 2.184   -0.019  11.591  1.00 22.95 ? 196 ALA B CA  1 
ATOM   873  C  C   . ALA B 1 15  ? 0.991   0.683   12.225  1.00 22.78 ? 196 ALA B C   1 
ATOM   874  O  O   . ALA B 1 15  ? -0.133  0.592   11.731  1.00 21.97 ? 196 ALA B O   1 
ATOM   875  C  CB  . ALA B 1 15  ? 3.203   1.008   11.114  1.00 23.16 ? 196 ALA B CB  1 
ATOM   876  N  N   . LYS B 1 16  ? 1.246   1.365   13.336  1.00 21.81 ? 197 LYS B N   1 
ATOM   877  C  CA  . LYS B 1 16  ? 0.213   2.106   14.050  1.00 22.87 ? 197 LYS B CA  1 
ATOM   878  C  C   . LYS B 1 16  ? 0.432   3.597   13.822  1.00 21.42 ? 197 LYS B C   1 
ATOM   879  O  O   . LYS B 1 16  ? 1.536   4.109   14.019  1.00 21.78 ? 197 LYS B O   1 
ATOM   880  C  CB  . LYS B 1 16  ? 0.280   1.807   15.553  1.00 25.47 ? 197 LYS B CB  1 
ATOM   881  C  CG  . LYS B 1 16  ? -0.106  0.385   15.937  1.00 29.99 ? 197 LYS B CG  1 
ATOM   882  C  CD  . LYS B 1 16  ? -1.585  0.133   15.695  1.00 31.94 ? 197 LYS B CD  1 
ATOM   883  C  CE  . LYS B 1 16  ? -1.976  -1.279  16.099  1.00 33.91 ? 197 LYS B CE  1 
ATOM   884  N  NZ  . LYS B 1 16  ? -3.432  -1.528  15.910  1.00 33.90 ? 197 LYS B NZ  1 
ATOM   885  N  N   . VAL B 1 17  ? -0.617  4.289   13.389  1.00 18.51 ? 198 VAL B N   1 
ATOM   886  C  CA  . VAL B 1 17  ? -0.531  5.728   13.152  1.00 18.02 ? 198 VAL B CA  1 
ATOM   887  C  C   . VAL B 1 17  ? -1.670  6.433   13.874  1.00 18.66 ? 198 VAL B C   1 
ATOM   888  O  O   . VAL B 1 17  ? -2.726  5.841   14.109  1.00 17.89 ? 198 VAL B O   1 
ATOM   889  C  CB  . VAL B 1 17  ? -0.601  6.065   11.644  1.00 17.00 ? 198 VAL B CB  1 
ATOM   890  C  CG1 . VAL B 1 17  ? 0.630   5.518   10.934  1.00 17.30 ? 198 VAL B CG1 1 
ATOM   891  C  CG2 . VAL B 1 17  ? -1.871  5.482   11.032  1.00 14.84 ? 198 VAL B CG2 1 
ATOM   892  N  N   . ALA B 1 18  ? -1.445  7.696   14.230  1.00 16.66 ? 199 ALA B N   1 
ATOM   893  C  CA  . ALA B 1 18  ? -2.448  8.496   14.924  1.00 17.54 ? 199 ALA B CA  1 
ATOM   894  C  C   . ALA B 1 18  ? -3.509  8.938   13.933  1.00 17.54 ? 199 ALA B C   1 
ATOM   895  O  O   . ALA B 1 18  ? -3.200  9.238   12.778  1.00 14.85 ? 199 ALA B O   1 
ATOM   896  C  CB  . ALA B 1 18  ? -1.793  9.712   15.562  1.00 15.53 ? 199 ALA B CB  1 
ATOM   897  N  N   . SER B 1 19  ? -4.760  8.976   14.380  1.00 16.38 ? 200 SER B N   1 
ATOM   898  C  CA  . SER B 1 19  ? -5.848  9.381   13.507  1.00 18.21 ? 200 SER B CA  1 
ATOM   899  C  C   . SER B 1 19  ? -6.931  10.140  14.256  1.00 16.96 ? 200 SER B C   1 
ATOM   900  O  O   . SER B 1 19  ? -7.079  10.008  15.474  1.00 17.53 ? 200 SER B O   1 
ATOM   901  C  CB  . SER B 1 19  ? -6.477  8.154   12.841  1.00 20.42 ? 200 SER B CB  1 
ATOM   902  O  OG  . SER B 1 19  ? -7.194  7.376   13.782  1.00 25.93 ? 200 SER B OG  1 
ATOM   903  N  N   . PHE B 1 20  ? -7.675  10.945  13.504  1.00 17.13 ? 201 PHE B N   1 
ATOM   904  C  CA  . PHE B 1 20  ? -8.800  11.716  14.029  1.00 17.50 ? 201 PHE B CA  1 
ATOM   905  C  C   . PHE B 1 20  ? -9.957  11.473  13.074  1.00 18.27 ? 201 PHE B C   1 
ATOM   906  O  O   . PHE B 1 20  ? -9.752  11.366  11.865  1.00 19.68 ? 201 PHE B O   1 
ATOM   907  C  CB  . PHE B 1 20  ? -8.487  13.217  14.050  1.00 14.37 ? 201 PHE B CB  1 
ATOM   908  C  CG  . PHE B 1 20  ? -7.485  13.613  15.091  1.00 11.43 ? 201 PHE B CG  1 
ATOM   909  C  CD1 . PHE B 1 20  ? -7.841  13.664  16.437  1.00 12.37 ? 201 PHE B CD1 1 
ATOM   910  C  CD2 . PHE B 1 20  ? -6.173  13.900  14.733  1.00 13.47 ? 201 PHE B CD2 1 
ATOM   911  C  CE1 . PHE B 1 20  ? -6.902  13.996  17.418  1.00 13.30 ? 201 PHE B CE1 1 
ATOM   912  C  CE2 . PHE B 1 20  ? -5.217  14.232  15.703  1.00 10.65 ? 201 PHE B CE2 1 
ATOM   913  C  CZ  . PHE B 1 20  ? -5.580  14.279  17.048  1.00 13.22 ? 201 PHE B CZ  1 
ATOM   914  N  N   . THR B 1 21  ? -11.168 11.375  13.606  1.00 20.41 ? 202 THR B N   1 
ATOM   915  C  CA  . THR B 1 21  ? -12.331 11.176  12.750  1.00 22.86 ? 202 THR B CA  1 
ATOM   916  C  C   . THR B 1 21  ? -12.936 12.544  12.465  1.00 23.74 ? 202 THR B C   1 
ATOM   917  O  O   . THR B 1 21  ? -13.494 13.187  13.353  1.00 25.96 ? 202 THR B O   1 
ATOM   918  C  CB  . THR B 1 21  ? -13.371 10.275  13.424  1.00 24.38 ? 202 THR B CB  1 
ATOM   919  O  OG1 . THR B 1 21  ? -12.812 8.970   13.605  1.00 26.81 ? 202 THR B OG1 1 
ATOM   920  C  CG2 . THR B 1 21  ? -14.631 10.170  12.560  1.00 25.08 ? 202 THR B CG2 1 
ATOM   921  N  N   . VAL B 1 22  ? -12.803 12.984  11.221  1.00 24.84 ? 203 VAL B N   1 
ATOM   922  C  CA  . VAL B 1 22  ? -13.301 14.286  10.798  1.00 26.30 ? 203 VAL B CA  1 
ATOM   923  C  C   . VAL B 1 22  ? -14.405 14.135  9.754   1.00 27.77 ? 203 VAL B C   1 
ATOM   924  O  O   . VAL B 1 22  ? -14.171 13.623  8.660   1.00 26.57 ? 203 VAL B O   1 
ATOM   925  C  CB  . VAL B 1 22  ? -12.156 15.133  10.199  1.00 26.47 ? 203 VAL B CB  1 
ATOM   926  C  CG1 . VAL B 1 22  ? -12.664 16.514  9.813   1.00 26.50 ? 203 VAL B CG1 1 
ATOM   927  C  CG2 . VAL B 1 22  ? -11.010 15.238  11.201  1.00 25.99 ? 203 VAL B CG2 1 
ATOM   928  N  N   . GLU B 1 23  ? -15.614 14.569  10.100  1.00 30.18 ? 204 GLU B N   1 
ATOM   929  C  CA  . GLU B 1 23  ? -16.739 14.481  9.176   1.00 31.62 ? 204 GLU B CA  1 
ATOM   930  C  C   . GLU B 1 23  ? -17.062 13.029  8.825   1.00 32.05 ? 204 GLU B C   1 
ATOM   931  O  O   . GLU B 1 23  ? -17.408 12.721  7.683   1.00 32.68 ? 204 GLU B O   1 
ATOM   932  C  CB  . GLU B 1 23  ? -16.415 15.251  7.892   1.00 33.89 ? 204 GLU B CB  1 
ATOM   933  C  CG  . GLU B 1 23  ? -17.433 16.306  7.508   1.00 36.69 ? 204 GLU B CG  1 
ATOM   934  C  CD  . GLU B 1 23  ? -16.881 17.714  7.620   1.00 37.89 ? 204 GLU B CD  1 
ATOM   935  O  OE1 . GLU B 1 23  ? -15.817 17.983  7.019   1.00 38.60 ? 204 GLU B OE1 1 
ATOM   936  O  OE2 . GLU B 1 23  ? -17.512 18.550  8.301   1.00 38.07 ? 204 GLU B OE2 1 
ATOM   937  N  N   . GLY B 1 24  ? -16.940 12.141  9.807   1.00 31.23 ? 205 GLY B N   1 
ATOM   938  C  CA  . GLY B 1 24  ? -17.225 10.736  9.579   1.00 31.07 ? 205 GLY B CA  1 
ATOM   939  C  C   . GLY B 1 24  ? -16.156 10.046  8.760   1.00 30.46 ? 205 GLY B C   1 
ATOM   940  O  O   . GLY B 1 24  ? -16.345 8.922   8.290   1.00 31.02 ? 205 GLY B O   1 
ATOM   941  N  N   . CYS B 1 25  ? -15.021 10.718  8.594   1.00 29.14 ? 206 CYS B N   1 
ATOM   942  C  CA  . CYS B 1 25  ? -13.914 10.173  7.823   1.00 27.03 ? 206 CYS B CA  1 
ATOM   943  C  C   . CYS B 1 25  ? -12.694 9.970   8.717   1.00 24.22 ? 206 CYS B C   1 
ATOM   944  O  O   . CYS B 1 25  ? -12.230 10.907  9.365   1.00 24.20 ? 206 CYS B O   1 
ATOM   945  C  CB  . CYS B 1 25  ? -13.548 11.128  6.680   1.00 27.16 ? 206 CYS B CB  1 
ATOM   946  S  SG  . CYS B 1 25  ? -14.938 11.660  5.651   1.00 31.97 ? 206 CYS B SG  1 
ATOM   947  N  N   . GLU B 1 26  ? -12.188 8.743   8.759   1.00 21.36 ? 207 GLU B N   1 
ATOM   948  C  CA  . GLU B 1 26  ? -11.008 8.435   9.555   1.00 20.23 ? 207 GLU B CA  1 
ATOM   949  C  C   . GLU B 1 26  ? -9.794  8.991   8.812   1.00 19.09 ? 207 GLU B C   1 
ATOM   950  O  O   . GLU B 1 26  ? -9.486  8.555   7.701   1.00 18.59 ? 207 GLU B O   1 
ATOM   951  C  CB  . GLU B 1 26  ? -10.868 6.920   9.727   1.00 22.95 ? 207 GLU B CB  1 
ATOM   952  C  CG  . GLU B 1 26  ? -9.647  6.494   10.519  1.00 26.76 ? 207 GLU B CG  1 
ATOM   953  C  CD  . GLU B 1 26  ? -9.543  4.989   10.667  1.00 30.42 ? 207 GLU B CD  1 
ATOM   954  O  OE1 . GLU B 1 26  ? -10.461 4.385   11.259  1.00 32.18 ? 207 GLU B OE1 1 
ATOM   955  O  OE2 . GLU B 1 26  ? -8.542  4.413   10.191  1.00 32.94 ? 207 GLU B OE2 1 
ATOM   956  N  N   . LEU B 1 27  ? -9.116  9.959   9.422   1.00 16.95 ? 208 LEU B N   1 
ATOM   957  C  CA  . LEU B 1 27  ? -7.945  10.578  8.802   1.00 16.05 ? 208 LEU B CA  1 
ATOM   958  C  C   . LEU B 1 27  ? -6.693  10.329  9.630   1.00 17.11 ? 208 LEU B C   1 
ATOM   959  O  O   . LEU B 1 27  ? -6.726  10.421  10.853  1.00 19.35 ? 208 LEU B O   1 
ATOM   960  C  CB  . LEU B 1 27  ? -8.164  12.085  8.657   1.00 16.32 ? 208 LEU B CB  1 
ATOM   961  C  CG  . LEU B 1 27  ? -9.448  12.539  7.959   1.00 16.63 ? 208 LEU B CG  1 
ATOM   962  C  CD1 . LEU B 1 27  ? -9.456  14.065  7.863   1.00 18.79 ? 208 LEU B CD1 1 
ATOM   963  C  CD2 . LEU B 1 27  ? -9.535  11.922  6.573   1.00 16.08 ? 208 LEU B CD2 1 
ATOM   964  N  N   . ILE B 1 28  ? -5.588  10.015  8.963   1.00 15.64 ? 209 ILE B N   1 
ATOM   965  C  CA  . ILE B 1 28  ? -4.343  9.754   9.669   1.00 15.31 ? 209 ILE B CA  1 
ATOM   966  C  C   . ILE B 1 28  ? -3.334  10.886  9.526   1.00 15.41 ? 209 ILE B C   1 
ATOM   967  O  O   . ILE B 1 28  ? -3.424  11.718  8.613   1.00 12.69 ? 209 ILE B O   1 
ATOM   968  C  CB  . ILE B 1 28  ? -3.700  8.422   9.198   1.00 16.34 ? 209 ILE B CB  1 
ATOM   969  C  CG1 . ILE B 1 28  ? -3.418  8.483   7.697   1.00 19.59 ? 209 ILE B CG1 1 
ATOM   970  C  CG2 . ILE B 1 28  ? -4.636  7.262   9.525   1.00 18.57 ? 209 ILE B CG2 1 
ATOM   971  C  CD1 . ILE B 1 28  ? -2.731  7.265   7.143   1.00 26.32 ? 209 ILE B CD1 1 
ATOM   972  N  N   . CYS B 1 29  ? -2.383  10.910  10.453  1.00 13.65 ? 210 CYS B N   1 
ATOM   973  C  CA  . CYS B 1 29  ? -1.329  11.916  10.491  1.00 14.26 ? 210 CYS B CA  1 
ATOM   974  C  C   . CYS B 1 29  ? -0.405  11.731  9.283   1.00 14.81 ? 210 CYS B C   1 
ATOM   975  O  O   . CYS B 1 29  ? 0.346   10.756  9.218   1.00 14.55 ? 210 CYS B O   1 
ATOM   976  C  CB  . CYS B 1 29  ? -0.544  11.760  11.791  1.00 15.01 ? 210 CYS B CB  1 
ATOM   977  S  SG  . CYS B 1 29  ? 0.780   12.946  12.004  1.00 15.61 ? 210 CYS B SG  1 
ATOM   978  N  N   . LEU B 1 30  ? -0.467  12.662  8.334   1.00 14.29 ? 211 LEU B N   1 
ATOM   979  C  CA  . LEU B 1 30  ? 0.342   12.586  7.117   1.00 15.22 ? 211 LEU B CA  1 
ATOM   980  C  C   . LEU B 1 30  ? 1.858   12.576  7.340   1.00 15.68 ? 211 LEU B C   1 
ATOM   981  O  O   . LEU B 1 30  ? 2.562   11.714  6.799   1.00 15.88 ? 211 LEU B O   1 
ATOM   982  C  CB  . LEU B 1 30  ? -0.038  13.721  6.153   1.00 15.33 ? 211 LEU B CB  1 
ATOM   983  C  CG  . LEU B 1 30  ? 0.754   13.817  4.843   1.00 17.06 ? 211 LEU B CG  1 
ATOM   984  C  CD1 . LEU B 1 30  ? 0.672   12.503  4.076   1.00 18.48 ? 211 LEU B CD1 1 
ATOM   985  C  CD2 . LEU B 1 30  ? 0.203   14.959  3.998   1.00 17.42 ? 211 LEU B CD2 1 
ATOM   986  N  N   . PRO B 1 31  ? 2.390   13.520  8.135   1.00 15.75 ? 212 PRO B N   1 
ATOM   987  C  CA  . PRO B 1 31  ? 3.842   13.498  8.343   1.00 16.99 ? 212 PRO B CA  1 
ATOM   988  C  C   . PRO B 1 31  ? 4.335   12.209  8.991   1.00 16.39 ? 212 PRO B C   1 
ATOM   989  O  O   . PRO B 1 31  ? 5.436   11.753  8.692   1.00 16.23 ? 212 PRO B O   1 
ATOM   990  C  CB  . PRO B 1 31  ? 4.097   14.743  9.201   1.00 18.33 ? 212 PRO B CB  1 
ATOM   991  C  CG  . PRO B 1 31  ? 2.806   14.927  9.938   1.00 20.81 ? 212 PRO B CG  1 
ATOM   992  C  CD  . PRO B 1 31  ? 1.766   14.630  8.879   1.00 16.30 ? 212 PRO B CD  1 
ATOM   993  N  N   . GLN B 1 32  ? 3.518   11.621  9.866   1.00 15.29 ? 213 GLN B N   1 
ATOM   994  C  CA  . GLN B 1 32  ? 3.890   10.378  10.538  1.00 16.03 ? 213 GLN B CA  1 
ATOM   995  C  C   . GLN B 1 32  ? 3.907   9.220   9.548   1.00 16.82 ? 213 GLN B C   1 
ATOM   996  O  O   . GLN B 1 32  ? 4.818   8.387   9.569   1.00 16.64 ? 213 GLN B O   1 
ATOM   997  C  CB  . GLN B 1 32  ? 2.912   10.060  11.671  1.00 16.01 ? 213 GLN B CB  1 
ATOM   998  C  CG  . GLN B 1 32  ? 3.159   8.714   12.344  1.00 16.48 ? 213 GLN B CG  1 
ATOM   999  C  CD  . GLN B 1 32  ? 2.219   8.475   13.511  1.00 15.61 ? 213 GLN B CD  1 
ATOM   1000 O  OE1 . GLN B 1 32  ? 1.025   8.760   13.424  1.00 17.97 ? 213 GLN B OE1 1 
ATOM   1001 N  NE2 . GLN B 1 32  ? 2.749   7.944   14.606  1.00 16.76 ? 213 GLN B NE2 1 
ATOM   1002 N  N   . ALA B 1 33  ? 2.897   9.165   8.685   1.00 15.96 ? 214 ALA B N   1 
ATOM   1003 C  CA  . ALA B 1 33  ? 2.815   8.104   7.684   1.00 16.29 ? 214 ALA B CA  1 
ATOM   1004 C  C   . ALA B 1 33  ? 3.968   8.283   6.699   1.00 16.41 ? 214 ALA B C   1 
ATOM   1005 O  O   . ALA B 1 33  ? 4.535   7.317   6.198   1.00 16.85 ? 214 ALA B O   1 
ATOM   1006 C  CB  . ALA B 1 33  ? 1.475   8.168   6.960   1.00 14.97 ? 214 ALA B CB  1 
ATOM   1007 N  N   . PHE B 1 34  ? 4.307   9.537   6.430   1.00 16.24 ? 215 PHE B N   1 
ATOM   1008 C  CA  . PHE B 1 34  ? 5.408   9.862   5.535   1.00 17.08 ? 215 PHE B CA  1 
ATOM   1009 C  C   . PHE B 1 34  ? 6.732   9.356   6.123   1.00 19.38 ? 215 PHE B C   1 
ATOM   1010 O  O   . PHE B 1 34  ? 7.533   8.723   5.428   1.00 18.01 ? 215 PHE B O   1 
ATOM   1011 C  CB  . PHE B 1 34  ? 5.476   11.374  5.333   1.00 17.71 ? 215 PHE B CB  1 
ATOM   1012 C  CG  . PHE B 1 34  ? 6.787   11.848  4.776   1.00 20.40 ? 215 PHE B CG  1 
ATOM   1013 C  CD1 . PHE B 1 34  ? 7.096   11.663  3.433   1.00 20.66 ? 215 PHE B CD1 1 
ATOM   1014 C  CD2 . PHE B 1 34  ? 7.728   12.450  5.607   1.00 22.91 ? 215 PHE B CD2 1 
ATOM   1015 C  CE1 . PHE B 1 34  ? 8.328   12.068  2.923   1.00 22.40 ? 215 PHE B CE1 1 
ATOM   1016 C  CE2 . PHE B 1 34  ? 8.964   12.860  5.110   1.00 23.96 ? 215 PHE B CE2 1 
ATOM   1017 C  CZ  . PHE B 1 34  ? 9.264   12.668  3.765   1.00 23.97 ? 215 PHE B CZ  1 
ATOM   1018 N  N   . ASP B 1 35  ? 6.958   9.632   7.407   1.00 20.30 ? 216 ASP B N   1 
ATOM   1019 C  CA  . ASP B 1 35  ? 8.191   9.197   8.061   1.00 21.58 ? 216 ASP B CA  1 
ATOM   1020 C  C   . ASP B 1 35  ? 8.330   7.684   8.049   1.00 20.73 ? 216 ASP B C   1 
ATOM   1021 O  O   . ASP B 1 35  ? 9.427   7.156   7.898   1.00 22.90 ? 216 ASP B O   1 
ATOM   1022 C  CB  . ASP B 1 35  ? 8.245   9.666   9.517   1.00 22.64 ? 216 ASP B CB  1 
ATOM   1023 C  CG  . ASP B 1 35  ? 8.271   11.169  9.652   1.00 25.05 ? 216 ASP B CG  1 
ATOM   1024 O  OD1 . ASP B 1 35  ? 8.867   11.839  8.784   1.00 28.15 ? 216 ASP B OD1 1 
ATOM   1025 O  OD2 . ASP B 1 35  ? 7.707   11.676  10.642  1.00 28.36 ? 216 ASP B OD2 1 
ATOM   1026 N  N   . LEU B 1 36  ? 7.214   6.988   8.210   1.00 20.15 ? 217 LEU B N   1 
ATOM   1027 C  CA  . LEU B 1 36  ? 7.225   5.529   8.248   1.00 19.84 ? 217 LEU B CA  1 
ATOM   1028 C  C   . LEU B 1 36  ? 7.392   4.813   6.912   1.00 20.53 ? 217 LEU B C   1 
ATOM   1029 O  O   . LEU B 1 36  ? 8.175   3.866   6.805   1.00 20.78 ? 217 LEU B O   1 
ATOM   1030 C  CB  . LEU B 1 36  ? 5.939   5.009   8.906   1.00 20.24 ? 217 LEU B CB  1 
ATOM   1031 C  CG  . LEU B 1 36  ? 5.735   5.196   10.412  1.00 20.63 ? 217 LEU B CG  1 
ATOM   1032 C  CD1 . LEU B 1 36  ? 4.298   4.825   10.783  1.00 22.28 ? 217 LEU B CD1 1 
ATOM   1033 C  CD2 . LEU B 1 36  ? 6.734   4.334   11.174  1.00 21.51 ? 217 LEU B CD2 1 
ATOM   1034 N  N   . PHE B 1 37  ? 6.676   5.270   5.891   1.00 20.08 ? 218 PHE B N   1 
ATOM   1035 C  CA  . PHE B 1 37  ? 6.692   4.583   4.606   1.00 18.84 ? 218 PHE B CA  1 
ATOM   1036 C  C   . PHE B 1 37  ? 7.258   5.266   3.361   1.00 19.70 ? 218 PHE B C   1 
ATOM   1037 O  O   . PHE B 1 37  ? 7.373   4.628   2.313   1.00 21.07 ? 218 PHE B O   1 
ATOM   1038 C  CB  . PHE B 1 37  ? 5.268   4.115   4.311   1.00 18.42 ? 218 PHE B CB  1 
ATOM   1039 C  CG  . PHE B 1 37  ? 4.610   3.421   5.471   1.00 22.35 ? 218 PHE B CG  1 
ATOM   1040 C  CD1 . PHE B 1 37  ? 5.062   2.174   5.902   1.00 23.12 ? 218 PHE B CD1 1 
ATOM   1041 C  CD2 . PHE B 1 37  ? 3.543   4.017   6.141   1.00 21.97 ? 218 PHE B CD2 1 
ATOM   1042 C  CE1 . PHE B 1 37  ? 4.459   1.533   6.985   1.00 24.24 ? 218 PHE B CE1 1 
ATOM   1043 C  CE2 . PHE B 1 37  ? 2.935   3.384   7.226   1.00 24.73 ? 218 PHE B CE2 1 
ATOM   1044 C  CZ  . PHE B 1 37  ? 3.397   2.137   7.647   1.00 24.46 ? 218 PHE B CZ  1 
ATOM   1045 N  N   . LEU B 1 38  ? 7.601   6.546   3.454   1.00 20.43 ? 219 LEU B N   1 
ATOM   1046 C  CA  . LEU B 1 38  ? 8.141   7.271   2.306   1.00 21.52 ? 219 LEU B CA  1 
ATOM   1047 C  C   . LEU B 1 38  ? 9.379   8.087   2.689   1.00 24.10 ? 219 LEU B C   1 
ATOM   1048 O  O   . LEU B 1 38  ? 9.688   9.083   2.046   1.00 24.17 ? 219 LEU B O   1 
ATOM   1049 C  CB  . LEU B 1 38  ? 7.066   8.201   1.729   1.00 18.75 ? 219 LEU B CB  1 
ATOM   1050 C  CG  . LEU B 1 38  ? 5.830   7.548   1.097   1.00 18.99 ? 219 LEU B CG  1 
ATOM   1051 C  CD1 . LEU B 1 38  ? 4.763   8.607   0.836   1.00 15.72 ? 219 LEU B CD1 1 
ATOM   1052 C  CD2 . LEU B 1 38  ? 6.218   6.844   -0.190  1.00 17.01 ? 219 LEU B CD2 1 
ATOM   1053 N  N   . LYS B 1 39  ? 10.087  7.639   3.721   1.00 28.14 ? 220 LYS B N   1 
ATOM   1054 C  CA  . LYS B 1 39  ? 11.281  8.318   4.224   1.00 31.24 ? 220 LYS B CA  1 
ATOM   1055 C  C   . LYS B 1 39  ? 12.275  8.670   3.116   1.00 32.95 ? 220 LYS B C   1 
ATOM   1056 O  O   . LYS B 1 39  ? 12.748  9.805   3.018   1.00 34.23 ? 220 LYS B O   1 
ATOM   1057 C  CB  . LYS B 1 39  ? 11.960  7.442   5.265   1.00 32.62 ? 220 LYS B CB  1 
ATOM   1058 N  N   . HIS B 1 40  ? 12.604  7.682   2.292   1.00 34.20 ? 221 HIS B N   1 
ATOM   1059 C  CA  . HIS B 1 40  ? 13.542  7.902   1.201   1.00 35.81 ? 221 HIS B CA  1 
ATOM   1060 C  C   . HIS B 1 40  ? 13.041  8.802   0.080   1.00 37.12 ? 221 HIS B C   1 
ATOM   1061 O  O   . HIS B 1 40  ? 13.839  9.332   -0.697  1.00 37.84 ? 221 HIS B O   1 
ATOM   1062 N  N   . LEU B 1 41  ? 11.725  8.970   -0.009  1.00 37.53 ? 222 LEU B N   1 
ATOM   1063 C  CA  . LEU B 1 41  ? 11.120  9.831   -1.022  1.00 37.57 ? 222 LEU B CA  1 
ATOM   1064 C  C   . LEU B 1 41  ? 11.960  11.084  -1.242  1.00 37.07 ? 222 LEU B C   1 
ATOM   1065 O  O   . LEU B 1 41  ? 12.216  11.836  -0.310  1.00 36.30 ? 222 LEU B O   1 
ATOM   1066 C  CB  . LEU B 1 41  ? 9.691   10.212  -0.582  1.00 38.71 ? 222 LEU B CB  1 
ATOM   1067 C  CG  . LEU B 1 41  ? 8.819   11.232  -1.328  1.00 39.61 ? 222 LEU B CG  1 
ATOM   1068 C  CD1 . LEU B 1 41  ? 8.632   10.812  -2.782  1.00 39.79 ? 222 LEU B CD1 1 
ATOM   1069 C  CD2 . LEU B 1 41  ? 7.471   11.325  -0.636  1.00 39.96 ? 222 LEU B CD2 1 
ATOM   1070 N  N   . VAL B 1 42  ? 12.411  11.289  -2.470  1.00 37.06 ? 223 VAL B N   1 
ATOM   1071 C  CA  . VAL B 1 42  ? 13.206  12.468  -2.766  1.00 37.04 ? 223 VAL B CA  1 
ATOM   1072 C  C   . VAL B 1 42  ? 12.301  13.679  -2.704  1.00 36.02 ? 223 VAL B C   1 
ATOM   1073 O  O   . VAL B 1 42  ? 11.177  13.655  -3.209  1.00 36.92 ? 223 VAL B O   1 
ATOM   1074 C  CB  . VAL B 1 42  ? 13.824  12.390  -4.169  1.00 37.99 ? 223 VAL B CB  1 
ATOM   1075 C  CG1 . VAL B 1 42  ? 14.799  13.535  -4.374  1.00 37.95 ? 223 VAL B CG1 1 
ATOM   1076 C  CG2 . VAL B 1 42  ? 14.504  11.060  -4.372  1.00 38.33 ? 223 VAL B CG2 1 
ATOM   1077 N  N   . GLY B 1 43  ? 12.798  14.732  -2.072  1.00 34.57 ? 224 GLY B N   1 
ATOM   1078 C  CA  . GLY B 1 43  ? 12.009  15.936  -1.957  1.00 33.16 ? 224 GLY B CA  1 
ATOM   1079 C  C   . GLY B 1 43  ? 11.204  15.938  -0.677  1.00 32.32 ? 224 GLY B C   1 
ATOM   1080 O  O   . GLY B 1 43  ? 10.615  16.954  -0.325  1.00 32.71 ? 224 GLY B O   1 
ATOM   1081 N  N   . GLY B 1 44  ? 11.172  14.805  0.018   1.00 30.16 ? 225 GLY B N   1 
ATOM   1082 C  CA  . GLY B 1 44  ? 10.441  14.725  1.271   1.00 29.31 ? 225 GLY B CA  1 
ATOM   1083 C  C   . GLY B 1 44  ? 8.968   15.102  1.242   1.00 27.53 ? 225 GLY B C   1 
ATOM   1084 O  O   . GLY B 1 44  ? 8.272   14.891  0.247   1.00 26.21 ? 225 GLY B O   1 
ATOM   1085 N  N   . LEU B 1 45  ? 8.499   15.661  2.354   1.00 27.52 ? 226 LEU B N   1 
ATOM   1086 C  CA  . LEU B 1 45  ? 7.104   16.068  2.501   1.00 26.98 ? 226 LEU B CA  1 
ATOM   1087 C  C   . LEU B 1 45  ? 6.699   17.125  1.476   1.00 26.88 ? 226 LEU B C   1 
ATOM   1088 O  O   . LEU B 1 45  ? 5.539   17.178  1.060   1.00 25.54 ? 226 LEU B O   1 
ATOM   1089 C  CB  . LEU B 1 45  ? 6.866   16.591  3.922   1.00 27.96 ? 226 LEU B CB  1 
ATOM   1090 C  CG  . LEU B 1 45  ? 5.417   16.644  4.416   1.00 28.06 ? 226 LEU B CG  1 
ATOM   1091 C  CD1 . LEU B 1 45  ? 4.832   15.241  4.429   1.00 26.46 ? 226 LEU B CD1 1 
ATOM   1092 C  CD2 . LEU B 1 45  ? 5.370   17.244  5.811   1.00 27.49 ? 226 LEU B CD2 1 
ATOM   1093 N  N   . HIS B 1 46  ? 7.643   17.966  1.060   1.00 26.35 ? 227 HIS B N   1 
ATOM   1094 C  CA  . HIS B 1 46  ? 7.326   18.998  0.078   1.00 27.08 ? 227 HIS B CA  1 
ATOM   1095 C  C   . HIS B 1 46  ? 6.890   18.351  -1.230  1.00 26.84 ? 227 HIS B C   1 
ATOM   1096 O  O   . HIS B 1 46  ? 5.981   18.843  -1.902  1.00 26.61 ? 227 HIS B O   1 
ATOM   1097 C  CB  . HIS B 1 46  ? 8.530   19.916  -0.166  1.00 29.82 ? 227 HIS B CB  1 
ATOM   1098 C  CG  . HIS B 1 46  ? 8.250   21.032  -1.128  1.00 32.54 ? 227 HIS B CG  1 
ATOM   1099 N  ND1 . HIS B 1 46  ? 8.351   20.884  -2.494  1.00 34.53 ? 227 HIS B ND1 1 
ATOM   1100 C  CD2 . HIS B 1 46  ? 7.844   22.308  -0.918  1.00 33.55 ? 227 HIS B CD2 1 
ATOM   1101 C  CE1 . HIS B 1 46  ? 8.020   22.019  -3.086  1.00 33.86 ? 227 HIS B CE1 1 
ATOM   1102 N  NE2 . HIS B 1 46  ? 7.708   22.898  -2.151  1.00 34.81 ? 227 HIS B NE2 1 
ATOM   1103 N  N   . THR B 1 47  ? 7.535   17.242  -1.583  1.00 26.20 ? 228 THR B N   1 
ATOM   1104 C  CA  . THR B 1 47  ? 7.191   16.524  -2.803  1.00 26.09 ? 228 THR B CA  1 
ATOM   1105 C  C   . THR B 1 47  ? 5.833   15.860  -2.601  1.00 24.44 ? 228 THR B C   1 
ATOM   1106 O  O   . THR B 1 47  ? 5.046   15.726  -3.539  1.00 25.28 ? 228 THR B O   1 
ATOM   1107 C  CB  . THR B 1 47  ? 8.236   15.442  -3.136  1.00 27.80 ? 228 THR B CB  1 
ATOM   1108 O  OG1 . THR B 1 47  ? 9.520   16.053  -3.298  1.00 29.63 ? 228 THR B OG1 1 
ATOM   1109 C  CG2 . THR B 1 47  ? 7.863   14.718  -4.423  1.00 28.51 ? 228 THR B CG2 1 
ATOM   1110 N  N   . VAL B 1 48  ? 5.571   15.439  -1.367  1.00 23.14 ? 229 VAL B N   1 
ATOM   1111 C  CA  . VAL B 1 48  ? 4.299   14.816  -1.030  1.00 21.23 ? 229 VAL B CA  1 
ATOM   1112 C  C   . VAL B 1 48  ? 3.191   15.825  -1.326  1.00 20.61 ? 229 VAL B C   1 
ATOM   1113 O  O   . VAL B 1 48  ? 2.211   15.504  -2.003  1.00 18.20 ? 229 VAL B O   1 
ATOM   1114 C  CB  . VAL B 1 48  ? 4.246   14.423  0.469   1.00 20.27 ? 229 VAL B CB  1 
ATOM   1115 C  CG1 . VAL B 1 48  ? 2.846   13.966  0.846   1.00 22.49 ? 229 VAL B CG1 1 
ATOM   1116 C  CG2 . VAL B 1 48  ? 5.249   13.323  0.754   1.00 23.45 ? 229 VAL B CG2 1 
ATOM   1117 N  N   . TYR B 1 49  ? 3.358   17.049  -0.830  1.00 19.91 ? 230 TYR B N   1 
ATOM   1118 C  CA  . TYR B 1 49  ? 2.367   18.098  -1.054  1.00 21.95 ? 230 TYR B CA  1 
ATOM   1119 C  C   . TYR B 1 49  ? 2.160   18.383  -2.542  1.00 21.26 ? 230 TYR B C   1 
ATOM   1120 O  O   . TYR B 1 49  ? 1.030   18.576  -2.992  1.00 21.08 ? 230 TYR B O   1 
ATOM   1121 C  CB  . TYR B 1 49  ? 2.780   19.391  -0.340  1.00 23.45 ? 230 TYR B CB  1 
ATOM   1122 C  CG  . TYR B 1 49  ? 2.577   19.399  1.163   1.00 27.44 ? 230 TYR B CG  1 
ATOM   1123 C  CD1 . TYR B 1 49  ? 2.858   20.545  1.909   1.00 29.11 ? 230 TYR B CD1 1 
ATOM   1124 C  CD2 . TYR B 1 49  ? 2.082   18.281  1.837   1.00 28.79 ? 230 TYR B CD2 1 
ATOM   1125 C  CE1 . TYR B 1 49  ? 2.650   20.581  3.287   1.00 31.70 ? 230 TYR B CE1 1 
ATOM   1126 C  CE2 . TYR B 1 49  ? 1.871   18.306  3.217   1.00 30.78 ? 230 TYR B CE2 1 
ATOM   1127 C  CZ  . TYR B 1 49  ? 2.154   19.459  3.934   1.00 31.67 ? 230 TYR B CZ  1 
ATOM   1128 O  OH  . TYR B 1 49  ? 1.935   19.499  5.296   1.00 33.06 ? 230 TYR B OH  1 
ATOM   1129 N  N   . THR B 1 50  ? 3.251   18.419  -3.305  1.00 22.26 ? 231 THR B N   1 
ATOM   1130 C  CA  . THR B 1 50  ? 3.155   18.673  -4.741  1.00 22.93 ? 231 THR B CA  1 
ATOM   1131 C  C   . THR B 1 50  ? 2.364   17.569  -5.438  1.00 21.50 ? 231 THR B C   1 
ATOM   1132 O  O   . THR B 1 50  ? 1.522   17.841  -6.293  1.00 22.03 ? 231 THR B O   1 
ATOM   1133 C  CB  . THR B 1 50  ? 4.544   18.743  -5.411  1.00 25.25 ? 231 THR B CB  1 
ATOM   1134 O  OG1 . THR B 1 50  ? 5.344   19.744  -4.771  1.00 27.20 ? 231 THR B OG1 1 
ATOM   1135 C  CG2 . THR B 1 50  ? 4.390   19.091  -6.887  1.00 25.68 ? 231 THR B CG2 1 
ATOM   1136 N  N   . LYS B 1 51  ? 2.644   16.322  -5.073  1.00 20.50 ? 232 LYS B N   1 
ATOM   1137 C  CA  . LYS B 1 51  ? 1.953   15.190  -5.678  1.00 19.18 ? 232 LYS B CA  1 
ATOM   1138 C  C   . LYS B 1 51  ? 0.471   15.151  -5.317  1.00 17.45 ? 232 LYS B C   1 
ATOM   1139 O  O   . LYS B 1 51  ? -0.371  14.896  -6.177  1.00 17.35 ? 232 LYS B O   1 
ATOM   1140 C  CB  . LYS B 1 51  ? 2.614   13.874  -5.259  1.00 19.97 ? 232 LYS B CB  1 
ATOM   1141 C  CG  . LYS B 1 51  ? 4.024   13.695  -5.795  1.00 22.23 ? 232 LYS B CG  1 
ATOM   1142 C  CD  . LYS B 1 51  ? 4.535   12.294  -5.505  1.00 23.11 ? 232 LYS B CD  1 
ATOM   1143 C  CE  . LYS B 1 51  ? 5.897   12.044  -6.134  1.00 27.10 ? 232 LYS B CE  1 
ATOM   1144 N  NZ  . LYS B 1 51  ? 5.867   12.158  -7.620  1.00 29.16 ? 232 LYS B NZ  1 
ATOM   1145 N  N   . LEU B 1 52  ? 0.154   15.393  -4.049  1.00 16.43 ? 233 LEU B N   1 
ATOM   1146 C  CA  . LEU B 1 52  ? -1.240  15.386  -3.606  1.00 17.56 ? 233 LEU B CA  1 
ATOM   1147 C  C   . LEU B 1 52  ? -2.066  16.397  -4.398  1.00 16.41 ? 233 LEU B C   1 
ATOM   1148 O  O   . LEU B 1 52  ? -3.205  16.122  -4.775  1.00 15.36 ? 233 LEU B O   1 
ATOM   1149 C  CB  . LEU B 1 52  ? -1.325  15.701  -2.112  1.00 16.20 ? 233 LEU B CB  1 
ATOM   1150 C  CG  . LEU B 1 52  ? -0.827  14.612  -1.152  1.00 16.37 ? 233 LEU B CG  1 
ATOM   1151 C  CD1 . LEU B 1 52  ? -0.870  15.126  0.275   1.00 15.15 ? 233 LEU B CD1 1 
ATOM   1152 C  CD2 . LEU B 1 52  ? -1.695  13.364  -1.288  1.00 16.38 ? 233 LEU B CD2 1 
ATOM   1153 N  N   . LYS B 1 53  ? -1.487  17.569  -4.643  1.00 19.30 ? 234 LYS B N   1 
ATOM   1154 C  CA  . LYS B 1 53  ? -2.164  18.612  -5.398  1.00 21.60 ? 234 LYS B CA  1 
ATOM   1155 C  C   . LYS B 1 53  ? -2.524  18.075  -6.781  1.00 22.69 ? 234 LYS B C   1 
ATOM   1156 O  O   . LYS B 1 53  ? -3.673  18.167  -7.210  1.00 22.19 ? 234 LYS B O   1 
ATOM   1157 C  CB  . LYS B 1 53  ? -1.254  19.836  -5.524  1.00 23.48 ? 234 LYS B CB  1 
ATOM   1158 C  CG  . LYS B 1 53  ? -1.928  21.067  -6.100  1.00 27.57 ? 234 LYS B CG  1 
ATOM   1159 C  CD  . LYS B 1 53  ? -1.007  22.276  -6.011  1.00 31.41 ? 234 LYS B CD  1 
ATOM   1160 C  CE  . LYS B 1 53  ? -1.689  23.533  -6.519  1.00 33.89 ? 234 LYS B CE  1 
ATOM   1161 N  NZ  . LYS B 1 53  ? -0.827  24.738  -6.339  1.00 36.98 ? 234 LYS B NZ  1 
ATOM   1162 N  N   . ARG B 1 54  ? -1.536  17.509  -7.471  1.00 23.78 ? 235 ARG B N   1 
ATOM   1163 C  CA  . ARG B 1 54  ? -1.752  16.948  -8.800  1.00 24.15 ? 235 ARG B CA  1 
ATOM   1164 C  C   . ARG B 1 54  ? -2.796  15.830  -8.765  1.00 23.05 ? 235 ARG B C   1 
ATOM   1165 O  O   . ARG B 1 54  ? -3.585  15.670  -9.701  1.00 23.62 ? 235 ARG B O   1 
ATOM   1166 C  CB  . ARG B 1 54  ? -0.429  16.419  -9.361  1.00 25.77 ? 235 ARG B CB  1 
ATOM   1167 C  CG  . ARG B 1 54  ? -0.555  15.689  -10.689 1.00 29.35 ? 235 ARG B CG  1 
ATOM   1168 C  CD  . ARG B 1 54  ? 0.811   15.384  -11.284 1.00 30.20 ? 235 ARG B CD  1 
ATOM   1169 N  NE  . ARG B 1 54  ? 1.682   14.680  -10.346 1.00 33.93 ? 235 ARG B NE  1 
ATOM   1170 C  CZ  . ARG B 1 54  ? 1.501   13.424  -9.945  1.00 34.95 ? 235 ARG B CZ  1 
ATOM   1171 N  NH1 . ARG B 1 54  ? 0.477   12.716  -10.401 1.00 36.32 ? 235 ARG B NH1 1 
ATOM   1172 N  NH2 . ARG B 1 54  ? 2.341   12.880  -9.075  1.00 35.59 ? 235 ARG B NH2 1 
ATOM   1173 N  N   . LEU B 1 55  ? -2.805  15.067  -7.675  1.00 21.83 ? 236 LEU B N   1 
ATOM   1174 C  CA  . LEU B 1 55  ? -3.749  13.962  -7.505  1.00 21.02 ? 236 LEU B CA  1 
ATOM   1175 C  C   . LEU B 1 55  ? -5.144  14.418  -7.068  1.00 22.35 ? 236 LEU B C   1 
ATOM   1176 O  O   . LEU B 1 55  ? -6.014  13.591  -6.773  1.00 22.35 ? 236 LEU B O   1 
ATOM   1177 C  CB  . LEU B 1 55  ? -3.197  12.957  -6.491  1.00 19.64 ? 236 LEU B CB  1 
ATOM   1178 C  CG  . LEU B 1 55  ? -1.912  12.221  -6.889  1.00 17.85 ? 236 LEU B CG  1 
ATOM   1179 C  CD1 . LEU B 1 55  ? -1.359  11.470  -5.679  1.00 16.86 ? 236 LEU B CD1 1 
ATOM   1180 C  CD2 . LEU B 1 55  ? -2.199  11.258  -8.031  1.00 19.78 ? 236 LEU B CD2 1 
ATOM   1181 N  N   . GLU B 1 56  ? -5.355  15.731  -7.026  1.00 21.37 ? 237 GLU B N   1 
ATOM   1182 C  CA  . GLU B 1 56  ? -6.652  16.287  -6.627  1.00 23.06 ? 237 GLU B CA  1 
ATOM   1183 C  C   . GLU B 1 56  ? -7.057  15.870  -5.216  1.00 20.30 ? 237 GLU B C   1 
ATOM   1184 O  O   . GLU B 1 56  ? -8.231  15.613  -4.942  1.00 22.48 ? 237 GLU B O   1 
ATOM   1185 C  CB  . GLU B 1 56  ? -7.739  15.856  -7.617  1.00 26.56 ? 237 GLU B CB  1 
ATOM   1186 C  CG  . GLU B 1 56  ? -7.550  16.388  -9.028  1.00 31.47 ? 237 GLU B CG  1 
ATOM   1187 C  CD  . GLU B 1 56  ? -8.613  15.881  -9.989  1.00 34.87 ? 237 GLU B CD  1 
ATOM   1188 O  OE1 . GLU B 1 56  ? -8.664  14.657  -10.235 1.00 36.74 ? 237 GLU B OE1 1 
ATOM   1189 O  OE2 . GLU B 1 56  ? -9.401  16.708  -10.496 1.00 39.02 ? 237 GLU B OE2 1 
ATOM   1190 N  N   . ILE B 1 57  ? -6.076  15.797  -4.327  1.00 18.38 ? 238 ILE B N   1 
ATOM   1191 C  CA  . ILE B 1 57  ? -6.308  15.430  -2.937  1.00 15.90 ? 238 ILE B CA  1 
ATOM   1192 C  C   . ILE B 1 57  ? -5.888  16.614  -2.072  1.00 16.18 ? 238 ILE B C   1 
ATOM   1193 O  O   . ILE B 1 57  ? -4.718  17.024  -2.092  1.00 13.17 ? 238 ILE B O   1 
ATOM   1194 C  CB  . ILE B 1 57  ? -5.459  14.203  -2.533  1.00 16.15 ? 238 ILE B CB  1 
ATOM   1195 C  CG1 . ILE B 1 57  ? -5.890  12.980  -3.355  1.00 17.36 ? 238 ILE B CG1 1 
ATOM   1196 C  CG2 . ILE B 1 57  ? -5.579  13.953  -1.031  1.00 14.60 ? 238 ILE B CG2 1 
ATOM   1197 C  CD1 . ILE B 1 57  ? -5.015  11.747  -3.143  1.00 18.67 ? 238 ILE B CD1 1 
ATOM   1198 N  N   . THR B 1 58  ? -6.838  17.173  -1.325  1.00 14.76 ? 239 THR B N   1 
ATOM   1199 C  CA  . THR B 1 58  ? -6.551  18.298  -0.453  1.00 15.70 ? 239 THR B CA  1 
ATOM   1200 C  C   . THR B 1 58  ? -6.589  17.835  0.994   1.00 15.22 ? 239 THR B C   1 
ATOM   1201 O  O   . THR B 1 58  ? -7.659  17.514  1.531   1.00 14.57 ? 239 THR B O   1 
ATOM   1202 C  CB  . THR B 1 58  ? -7.570  19.436  -0.640  1.00 16.11 ? 239 THR B CB  1 
ATOM   1203 O  OG1 . THR B 1 58  ? -7.556  19.862  -2.008  1.00 18.74 ? 239 THR B OG1 1 
ATOM   1204 C  CG2 . THR B 1 58  ? -7.218  20.620  0.260   1.00 17.11 ? 239 THR B CG2 1 
ATOM   1205 N  N   . PRO B 1 59  ? -5.418  17.790  1.645   1.00 16.98 ? 240 PRO B N   1 
ATOM   1206 C  CA  . PRO B 1 59  ? -5.261  17.368  3.040   1.00 17.86 ? 240 PRO B CA  1 
ATOM   1207 C  C   . PRO B 1 59  ? -6.069  18.233  3.994   1.00 17.56 ? 240 PRO B C   1 
ATOM   1208 O  O   . PRO B 1 59  ? -6.257  19.428  3.758   1.00 16.89 ? 240 PRO B O   1 
ATOM   1209 C  CB  . PRO B 1 59  ? -3.761  17.533  3.289   1.00 18.16 ? 240 PRO B CB  1 
ATOM   1210 C  CG  . PRO B 1 59  ? -3.165  17.404  1.942   1.00 18.89 ? 240 PRO B CG  1 
ATOM   1211 C  CD  . PRO B 1 59  ? -4.116  18.160  1.066   1.00 17.34 ? 240 PRO B CD  1 
ATOM   1212 N  N   . VAL B 1 60  ? -6.543  17.619  5.070   1.00 17.16 ? 241 VAL B N   1 
ATOM   1213 C  CA  . VAL B 1 60  ? -7.299  18.331  6.093   1.00 16.61 ? 241 VAL B CA  1 
ATOM   1214 C  C   . VAL B 1 60  ? -6.268  19.001  6.999   1.00 16.66 ? 241 VAL B C   1 
ATOM   1215 O  O   . VAL B 1 60  ? -5.258  18.397  7.365   1.00 16.57 ? 241 VAL B O   1 
ATOM   1216 C  CB  . VAL B 1 60  ? -8.167  17.352  6.923   1.00 16.02 ? 241 VAL B CB  1 
ATOM   1217 C  CG1 . VAL B 1 60  ? -8.637  18.019  8.212   1.00 18.22 ? 241 VAL B CG1 1 
ATOM   1218 C  CG2 . VAL B 1 60  ? -9.369  16.892  6.096   1.00 17.77 ? 241 VAL B CG2 1 
ATOM   1219 N  N   . VAL B 1 61  ? -6.516  20.254  7.362   1.00 15.01 ? 242 VAL B N   1 
ATOM   1220 C  CA  . VAL B 1 61  ? -5.591  20.974  8.224   1.00 15.24 ? 242 VAL B CA  1 
ATOM   1221 C  C   . VAL B 1 61  ? -5.914  20.754  9.701   1.00 15.58 ? 242 VAL B C   1 
ATOM   1222 O  O   . VAL B 1 61  ? -7.042  20.978  10.140  1.00 17.29 ? 242 VAL B O   1 
ATOM   1223 C  CB  . VAL B 1 61  ? -5.620  22.485  7.921   1.00 15.45 ? 242 VAL B CB  1 
ATOM   1224 C  CG1 . VAL B 1 61  ? -4.628  23.219  8.824   1.00 15.26 ? 242 VAL B CG1 1 
ATOM   1225 C  CG2 . VAL B 1 61  ? -5.290  22.722  6.447   1.00 15.87 ? 242 VAL B CG2 1 
ATOM   1226 N  N   . CYS B 1 62  ? -4.918  20.306  10.461  1.00 14.97 ? 243 CYS B N   1 
ATOM   1227 C  CA  . CYS B 1 62  ? -5.089  20.058  11.892  1.00 14.40 ? 243 CYS B CA  1 
ATOM   1228 C  C   . CYS B 1 62  ? -5.369  21.329  12.670  1.00 15.45 ? 243 CYS B C   1 
ATOM   1229 O  O   . CYS B 1 62  ? -4.739  22.357  12.429  1.00 18.15 ? 243 CYS B O   1 
ATOM   1230 C  CB  . CYS B 1 62  ? -3.828  19.436  12.495  1.00 14.01 ? 243 CYS B CB  1 
ATOM   1231 S  SG  . CYS B 1 62  ? -3.607  17.704  12.110  1.00 18.38 ? 243 CYS B SG  1 
ATOM   1232 N  N   . ASN B 1 63  ? -6.299  21.265  13.614  1.00 16.06 ? 244 ASN B N   1 
ATOM   1233 C  CA  . ASN B 1 63  ? -6.562  22.445  14.426  1.00 17.84 ? 244 ASN B CA  1 
ATOM   1234 C  C   . ASN B 1 63  ? -5.517  22.466  15.541  1.00 18.71 ? 244 ASN B C   1 
ATOM   1235 O  O   . ASN B 1 63  ? -4.757  21.510  15.708  1.00 17.31 ? 244 ASN B O   1 
ATOM   1236 C  CB  . ASN B 1 63  ? -7.994  22.437  14.994  1.00 17.82 ? 244 ASN B CB  1 
ATOM   1237 C  CG  . ASN B 1 63  ? -8.310  21.200  15.814  1.00 14.51 ? 244 ASN B CG  1 
ATOM   1238 O  OD1 . ASN B 1 63  ? -7.587  20.859  16.745  1.00 14.39 ? 244 ASN B OD1 1 
ATOM   1239 N  ND2 . ASN B 1 63  ? -9.415  20.534  15.485  1.00 15.50 ? 244 ASN B ND2 1 
ATOM   1240 N  N   . VAL B 1 64  ? -5.461  23.556  16.293  1.00 18.99 ? 245 VAL B N   1 
ATOM   1241 C  CA  . VAL B 1 64  ? -4.489  23.683  17.374  1.00 20.29 ? 245 VAL B CA  1 
ATOM   1242 C  C   . VAL B 1 64  ? -4.476  22.504  18.346  1.00 19.36 ? 245 VAL B C   1 
ATOM   1243 O  O   . VAL B 1 64  ? -3.408  22.043  18.763  1.00 19.21 ? 245 VAL B O   1 
ATOM   1244 C  CB  . VAL B 1 64  ? -4.735  24.971  18.179  1.00 22.32 ? 245 VAL B CB  1 
ATOM   1245 C  CG1 . VAL B 1 64  ? -3.866  24.979  19.434  1.00 24.01 ? 245 VAL B CG1 1 
ATOM   1246 C  CG2 . VAL B 1 64  ? -4.416  26.178  17.319  1.00 24.05 ? 245 VAL B CG2 1 
ATOM   1247 N  N   . GLU B 1 65  ? -5.661  22.029  18.707  1.00 18.48 ? 246 GLU B N   1 
ATOM   1248 C  CA  . GLU B 1 65  ? -5.792  20.922  19.643  1.00 17.80 ? 246 GLU B CA  1 
ATOM   1249 C  C   . GLU B 1 65  ? -5.196  19.632  19.090  1.00 16.97 ? 246 GLU B C   1 
ATOM   1250 O  O   . GLU B 1 65  ? -4.454  18.936  19.781  1.00 17.52 ? 246 GLU B O   1 
ATOM   1251 C  CB  . GLU B 1 65  ? -7.267  20.705  19.983  1.00 19.35 ? 246 GLU B CB  1 
ATOM   1252 C  CG  . GLU B 1 65  ? -7.486  19.728  21.105  1.00 24.82 ? 246 GLU B CG  1 
ATOM   1253 C  CD  . GLU B 1 65  ? -6.612  20.034  22.304  1.00 25.28 ? 246 GLU B CD  1 
ATOM   1254 O  OE1 . GLU B 1 65  ? -6.546  21.217  22.697  1.00 30.97 ? 246 GLU B OE1 1 
ATOM   1255 O  OE2 . GLU B 1 65  ? -5.995  19.096  22.850  1.00 27.46 ? 246 GLU B OE2 1 
ATOM   1256 N  N   . GLN B 1 66  ? -5.518  19.317  17.844  1.00 14.70 ? 247 GLN B N   1 
ATOM   1257 C  CA  . GLN B 1 66  ? -5.005  18.099  17.222  1.00 13.20 ? 247 GLN B CA  1 
ATOM   1258 C  C   . GLN B 1 66  ? -3.481  18.101  17.146  1.00 14.85 ? 247 GLN B C   1 
ATOM   1259 O  O   . GLN B 1 66  ? -2.835  17.069  17.358  1.00 13.30 ? 247 GLN B O   1 
ATOM   1260 C  CB  . GLN B 1 66  ? -5.621  17.928  15.829  1.00 13.00 ? 247 GLN B CB  1 
ATOM   1261 C  CG  . GLN B 1 66  ? -7.076  17.474  15.885  1.00 11.74 ? 247 GLN B CG  1 
ATOM   1262 C  CD  . GLN B 1 66  ? -7.845  17.711  14.596  1.00 12.62 ? 247 GLN B CD  1 
ATOM   1263 O  OE1 . GLN B 1 66  ? -8.944  17.173  14.405  1.00 17.50 ? 247 GLN B OE1 1 
ATOM   1264 N  NE2 . GLN B 1 66  ? -7.289  18.527  13.712  1.00 12.80 ? 247 GLN B NE2 1 
ATOM   1265 N  N   . VAL B 1 67  ? -2.901  19.258  16.857  1.00 14.21 ? 248 VAL B N   1 
ATOM   1266 C  CA  . VAL B 1 67  ? -1.450  19.350  16.773  1.00 13.96 ? 248 VAL B CA  1 
ATOM   1267 C  C   . VAL B 1 67  ? -0.816  19.057  18.132  1.00 15.17 ? 248 VAL B C   1 
ATOM   1268 O  O   . VAL B 1 67  ? 0.169   18.318  18.213  1.00 15.38 ? 248 VAL B O   1 
ATOM   1269 C  CB  . VAL B 1 67  ? -1.002  20.749  16.288  1.00 14.65 ? 248 VAL B CB  1 
ATOM   1270 C  CG1 . VAL B 1 67  ? 0.520   20.852  16.327  1.00 12.65 ? 248 VAL B CG1 1 
ATOM   1271 C  CG2 . VAL B 1 67  ? -1.517  20.996  14.873  1.00 14.07 ? 248 VAL B CG2 1 
ATOM   1272 N  N   . ARG B 1 68  ? -1.381  19.614  19.202  1.00 13.03 ? 249 ARG B N   1 
ATOM   1273 C  CA  . ARG B 1 68  ? -0.829  19.385  20.539  1.00 12.75 ? 249 ARG B CA  1 
ATOM   1274 C  C   . ARG B 1 68  ? -0.922  17.907  20.913  1.00 13.75 ? 249 ARG B C   1 
ATOM   1275 O  O   . ARG B 1 68  ? -0.019  17.360  21.534  1.00 14.26 ? 249 ARG B O   1 
ATOM   1276 C  CB  . ARG B 1 68  ? -1.563  20.232  21.585  1.00 13.90 ? 249 ARG B CB  1 
ATOM   1277 C  CG  . ARG B 1 68  ? -1.348  21.724  21.400  1.00 13.27 ? 249 ARG B CG  1 
ATOM   1278 C  CD  . ARG B 1 68  ? -2.238  22.537  22.321  1.00 15.75 ? 249 ARG B CD  1 
ATOM   1279 N  NE  . ARG B 1 68  ? -2.037  23.969  22.131  1.00 16.97 ? 249 ARG B NE  1 
ATOM   1280 C  CZ  . ARG B 1 68  ? -2.830  24.903  22.647  1.00 20.30 ? 249 ARG B CZ  1 
ATOM   1281 N  NH1 . ARG B 1 68  ? -3.877  24.550  23.381  1.00 20.99 ? 249 ARG B NH1 1 
ATOM   1282 N  NH2 . ARG B 1 68  ? -2.575  26.189  22.434  1.00 20.81 ? 249 ARG B NH2 1 
ATOM   1283 N  N   . ILE B 1 69  ? -2.019  17.267  20.519  1.00 11.82 ? 250 ILE B N   1 
ATOM   1284 C  CA  . ILE B 1 69  ? -2.213  15.853  20.815  1.00 12.81 ? 250 ILE B CA  1 
ATOM   1285 C  C   . ILE B 1 69  ? -1.222  15.000  20.031  1.00 14.24 ? 250 ILE B C   1 
ATOM   1286 O  O   . ILE B 1 69  ? -0.659  14.042  20.576  1.00 13.17 ? 250 ILE B O   1 
ATOM   1287 C  CB  . ILE B 1 69  ? -3.653  15.406  20.480  1.00 12.98 ? 250 ILE B CB  1 
ATOM   1288 C  CG1 . ILE B 1 69  ? -4.640  16.083  21.434  1.00 16.85 ? 250 ILE B CG1 1 
ATOM   1289 C  CG2 . ILE B 1 69  ? -3.774  13.884  20.591  1.00 13.56 ? 250 ILE B CG2 1 
ATOM   1290 C  CD1 . ILE B 1 69  ? -6.087  15.869  21.067  1.00 16.89 ? 250 ILE B CD1 1 
ATOM   1291 N  N   . LEU B 1 70  ? -1.000  15.349  18.763  1.00 12.84 ? 251 LEU B N   1 
ATOM   1292 C  CA  . LEU B 1 70  ? -0.064  14.599  17.928  1.00 14.76 ? 251 LEU B CA  1 
ATOM   1293 C  C   . LEU B 1 70  ? 1.353   14.756  18.462  1.00 15.65 ? 251 LEU B C   1 
ATOM   1294 O  O   . LEU B 1 70  ? 2.145   13.812  18.426  1.00 15.47 ? 251 LEU B O   1 
ATOM   1295 C  CB  . LEU B 1 70  ? -0.158  15.054  16.468  1.00 13.39 ? 251 LEU B CB  1 
ATOM   1296 C  CG  . LEU B 1 70  ? -1.489  14.714  15.776  1.00 13.44 ? 251 LEU B CG  1 
ATOM   1297 C  CD1 . LEU B 1 70  ? -1.523  15.349  14.397  1.00 13.41 ? 251 LEU B CD1 1 
ATOM   1298 C  CD2 . LEU B 1 70  ? -1.640  13.197  15.653  1.00 13.16 ? 251 LEU B CD2 1 
ATOM   1299 N  N   . ARG B 1 71  ? 1.679   15.946  18.958  1.00 14.54 ? 252 ARG B N   1 
ATOM   1300 C  CA  . ARG B 1 71  ? 3.003   16.158  19.544  1.00 15.60 ? 252 ARG B CA  1 
ATOM   1301 C  C   . ARG B 1 71  ? 3.112   15.287  20.801  1.00 16.64 ? 252 ARG B C   1 
ATOM   1302 O  O   . ARG B 1 71  ? 4.163   14.717  21.089  1.00 17.53 ? 252 ARG B O   1 
ATOM   1303 C  CB  . ARG B 1 71  ? 3.213   17.632  19.933  1.00 16.70 ? 252 ARG B CB  1 
ATOM   1304 C  CG  . ARG B 1 71  ? 3.549   18.554  18.773  1.00 17.04 ? 252 ARG B CG  1 
ATOM   1305 C  CD  . ARG B 1 71  ? 4.364   19.750  19.260  1.00 21.47 ? 252 ARG B CD  1 
ATOM   1306 N  NE  . ARG B 1 71  ? 3.637   20.584  20.215  1.00 21.63 ? 252 ARG B NE  1 
ATOM   1307 C  CZ  . ARG B 1 71  ? 2.779   21.541  19.873  1.00 24.51 ? 252 ARG B CZ  1 
ATOM   1308 N  NH1 . ARG B 1 71  ? 2.538   21.792  18.595  1.00 23.08 ? 252 ARG B NH1 1 
ATOM   1309 N  NH2 . ARG B 1 71  ? 2.167   22.252  20.810  1.00 23.98 ? 252 ARG B NH2 1 
ATOM   1310 N  N   . GLY B 1 72  ? 2.011   15.180  21.539  1.00 17.62 ? 253 GLY B N   1 
ATOM   1311 C  CA  . GLY B 1 72  ? 1.999   14.390  22.757  1.00 16.97 ? 253 GLY B CA  1 
ATOM   1312 C  C   . GLY B 1 72  ? 2.176   12.903  22.518  1.00 18.14 ? 253 GLY B C   1 
ATOM   1313 O  O   . GLY B 1 72  ? 2.757   12.202  23.351  1.00 18.81 ? 253 GLY B O   1 
ATOM   1314 N  N   . LEU B 1 73  ? 1.676   12.427  21.382  1.00 16.38 ? 254 LEU B N   1 
ATOM   1315 C  CA  . LEU B 1 73  ? 1.773   11.014  21.020  1.00 18.92 ? 254 LEU B CA  1 
ATOM   1316 C  C   . LEU B 1 73  ? 3.090   10.709  20.320  1.00 20.95 ? 254 LEU B C   1 
ATOM   1317 O  O   . LEU B 1 73  ? 3.426   9.548   20.095  1.00 22.86 ? 254 LEU B O   1 
ATOM   1318 C  CB  . LEU B 1 73  ? 0.609   10.618  20.103  1.00 19.17 ? 254 LEU B CB  1 
ATOM   1319 C  CG  . LEU B 1 73  ? -0.772  10.562  20.754  1.00 21.08 ? 254 LEU B CG  1 
ATOM   1320 C  CD1 . LEU B 1 73  ? -1.838  10.326  19.691  1.00 20.77 ? 254 LEU B CD1 1 
ATOM   1321 C  CD2 . LEU B 1 73  ? -0.788  9.458   21.799  1.00 23.17 ? 254 LEU B CD2 1 
ATOM   1322 N  N   . GLY B 1 74  ? 3.839   11.755  19.984  1.00 19.83 ? 255 GLY B N   1 
ATOM   1323 C  CA  . GLY B 1 74  ? 5.102   11.557  19.299  1.00 20.33 ? 255 GLY B CA  1 
ATOM   1324 C  C   . GLY B 1 74  ? 4.925   11.319  17.809  1.00 21.19 ? 255 GLY B C   1 
ATOM   1325 O  O   . GLY B 1 74  ? 5.877   10.943  17.122  1.00 19.70 ? 255 GLY B O   1 
ATOM   1326 N  N   . ALA B 1 75  ? 3.710   11.542  17.306  1.00 20.25 ? 256 ALA B N   1 
ATOM   1327 C  CA  . ALA B 1 75  ? 3.411   11.359  15.886  1.00 19.78 ? 256 ALA B CA  1 
ATOM   1328 C  C   . ALA B 1 75  ? 4.151   12.401  15.050  1.00 19.03 ? 256 ALA B C   1 
ATOM   1329 O  O   . ALA B 1 75  ? 4.533   12.141  13.914  1.00 20.15 ? 256 ALA B O   1 
ATOM   1330 C  CB  . ALA B 1 75  ? 1.903   11.456  15.645  1.00 19.53 ? 256 ALA B CB  1 
ATOM   1331 N  N   . ILE B 1 76  ? 4.318   13.593  15.613  1.00 19.12 ? 257 ILE B N   1 
ATOM   1332 C  CA  . ILE B 1 76  ? 5.052   14.657  14.945  1.00 18.55 ? 257 ILE B CA  1 
ATOM   1333 C  C   . ILE B 1 76  ? 6.123   15.097  15.933  1.00 20.27 ? 257 ILE B C   1 
ATOM   1334 O  O   . ILE B 1 76  ? 6.013   14.831  17.132  1.00 20.39 ? 257 ILE B O   1 
ATOM   1335 C  CB  . ILE B 1 76  ? 4.149   15.857  14.577  1.00 17.68 ? 257 ILE B CB  1 
ATOM   1336 C  CG1 . ILE B 1 76  ? 3.364   16.320  15.804  1.00 16.33 ? 257 ILE B CG1 1 
ATOM   1337 C  CG2 . ILE B 1 76  ? 3.223   15.473  13.427  1.00 19.23 ? 257 ILE B CG2 1 
ATOM   1338 C  CD1 . ILE B 1 76  ? 2.566   17.586  15.563  1.00 17.68 ? 257 ILE B CD1 1 
ATOM   1339 N  N   . GLN B 1 77  ? 7.153   15.768  15.433  1.00 21.31 ? 258 GLN B N   1 
ATOM   1340 C  CA  . GLN B 1 77  ? 8.258   16.204  16.281  1.00 24.02 ? 258 GLN B CA  1 
ATOM   1341 C  C   . GLN B 1 77  ? 7.934   17.373  17.194  1.00 25.49 ? 258 GLN B C   1 
ATOM   1342 O  O   . GLN B 1 77  ? 6.968   18.102  16.974  1.00 25.23 ? 258 GLN B O   1 
ATOM   1343 C  CB  . GLN B 1 77  ? 9.468   16.561  15.413  1.00 26.09 ? 258 GLN B CB  1 
ATOM   1344 C  CG  . GLN B 1 77  ? 10.086  15.364  14.712  1.00 29.72 ? 258 GLN B CG  1 
ATOM   1345 C  CD  . GLN B 1 77  ? 10.476  14.263  15.682  1.00 33.19 ? 258 GLN B CD  1 
ATOM   1346 O  OE1 . GLN B 1 77  ? 11.288  14.475  16.584  1.00 35.77 ? 258 GLN B OE1 1 
ATOM   1347 N  NE2 . GLN B 1 77  ? 9.895   13.081  15.504  1.00 34.36 ? 258 GLN B NE2 1 
ATOM   1348 N  N   . PRO B 1 78  ? 8.736   17.554  18.256  1.00 26.37 ? 259 PRO B N   1 
ATOM   1349 C  CA  . PRO B 1 78  ? 8.503   18.662  19.185  1.00 26.34 ? 259 PRO B CA  1 
ATOM   1350 C  C   . PRO B 1 78  ? 8.620   19.977  18.417  1.00 26.24 ? 259 PRO B C   1 
ATOM   1351 O  O   . PRO B 1 78  ? 9.383   20.076  17.456  1.00 26.26 ? 259 PRO B O   1 
ATOM   1352 C  CB  . PRO B 1 78  ? 9.626   18.492  20.207  1.00 27.59 ? 259 PRO B CB  1 
ATOM   1353 C  CG  . PRO B 1 78  ? 9.844   17.013  20.225  1.00 28.65 ? 259 PRO B CG  1 
ATOM   1354 C  CD  . PRO B 1 78  ? 9.795   16.660  18.756  1.00 27.26 ? 259 PRO B CD  1 
ATOM   1355 N  N   . GLY B 1 79  ? 7.862   20.983  18.827  1.00 26.61 ? 260 GLY B N   1 
ATOM   1356 C  CA  . GLY B 1 79  ? 7.941   22.261  18.141  1.00 28.35 ? 260 GLY B CA  1 
ATOM   1357 C  C   . GLY B 1 79  ? 7.094   22.369  16.887  1.00 29.29 ? 260 GLY B C   1 
ATOM   1358 O  O   . GLY B 1 79  ? 6.640   23.464  16.548  1.00 29.73 ? 260 GLY B O   1 
ATOM   1359 N  N   . VAL B 1 80  ? 6.885   21.258  16.181  1.00 28.17 ? 261 VAL B N   1 
ATOM   1360 C  CA  . VAL B 1 80  ? 6.057   21.300  14.977  1.00 27.46 ? 261 VAL B CA  1 
ATOM   1361 C  C   . VAL B 1 80  ? 4.709   21.887  15.381  1.00 26.51 ? 261 VAL B C   1 
ATOM   1362 O  O   . VAL B 1 80  ? 4.048   21.372  16.282  1.00 26.88 ? 261 VAL B O   1 
ATOM   1363 C  CB  . VAL B 1 80  ? 5.845   19.890  14.370  1.00 26.78 ? 261 VAL B CB  1 
ATOM   1364 C  CG1 . VAL B 1 80  ? 4.847   19.959  13.220  1.00 27.21 ? 261 VAL B CG1 1 
ATOM   1365 C  CG2 . VAL B 1 80  ? 7.171   19.337  13.867  1.00 28.47 ? 261 VAL B CG2 1 
ATOM   1366 N  N   . ASN B 1 81  ? 4.308   22.970  14.722  1.00 25.29 ? 262 ASN B N   1 
ATOM   1367 C  CA  . ASN B 1 81  ? 3.051   23.626  15.054  1.00 26.28 ? 262 ASN B CA  1 
ATOM   1368 C  C   . ASN B 1 81  ? 1.985   23.554  13.966  1.00 23.88 ? 262 ASN B C   1 
ATOM   1369 O  O   . ASN B 1 81  ? 0.919   24.151  14.096  1.00 24.15 ? 262 ASN B O   1 
ATOM   1370 C  CB  . ASN B 1 81  ? 3.310   25.086  15.444  1.00 29.30 ? 262 ASN B CB  1 
ATOM   1371 C  CG  . ASN B 1 81  ? 4.022   25.867  14.357  1.00 30.66 ? 262 ASN B CG  1 
ATOM   1372 O  OD1 . ASN B 1 81  ? 4.318   27.052  14.527  1.00 35.41 ? 262 ASN B OD1 1 
ATOM   1373 N  ND2 . ASN B 1 81  ? 4.299   25.212  13.236  1.00 32.80 ? 262 ASN B ND2 1 
ATOM   1374 N  N   . ARG B 1 82  ? 2.274   22.825  12.895  1.00 23.59 ? 263 ARG B N   1 
ATOM   1375 C  CA  . ARG B 1 82  ? 1.317   22.653  11.808  1.00 22.89 ? 263 ARG B CA  1 
ATOM   1376 C  C   . ARG B 1 82  ? 1.338   21.197  11.372  1.00 20.56 ? 263 ARG B C   1 
ATOM   1377 O  O   . ARG B 1 82  ? 2.393   20.569  11.336  1.00 22.08 ? 263 ARG B O   1 
ATOM   1378 C  CB  . ARG B 1 82  ? 1.666   23.545  10.614  1.00 24.93 ? 263 ARG B CB  1 
ATOM   1379 C  CG  . ARG B 1 82  ? 1.512   25.033  10.865  1.00 29.80 ? 263 ARG B CG  1 
ATOM   1380 C  CD  . ARG B 1 82  ? 1.734   25.808  9.574   1.00 32.22 ? 263 ARG B CD  1 
ATOM   1381 N  NE  . ARG B 1 82  ? 3.043   25.524  8.988   1.00 35.56 ? 263 ARG B NE  1 
ATOM   1382 C  CZ  . ARG B 1 82  ? 4.201   25.880  9.535   1.00 36.31 ? 263 ARG B CZ  1 
ATOM   1383 N  NH1 . ARG B 1 82  ? 4.224   26.541  10.687  1.00 37.06 ? 263 ARG B NH1 1 
ATOM   1384 N  NH2 . ARG B 1 82  ? 5.341   25.568  8.936   1.00 37.24 ? 263 ARG B NH2 1 
ATOM   1385 N  N   . CYS B 1 83  ? 0.171   20.656  11.046  1.00 18.06 ? 264 CYS B N   1 
ATOM   1386 C  CA  . CYS B 1 83  ? 0.095   19.267  10.616  1.00 17.30 ? 264 CYS B CA  1 
ATOM   1387 C  C   . CYS B 1 83  ? -1.145  19.033  9.764   1.00 17.06 ? 264 CYS B C   1 
ATOM   1388 O  O   . CYS B 1 83  ? -2.161  19.698  9.933   1.00 17.65 ? 264 CYS B O   1 
ATOM   1389 C  CB  . CYS B 1 83  ? 0.066   18.342  11.839  1.00 15.81 ? 264 CYS B CB  1 
ATOM   1390 S  SG  . CYS B 1 83  ? 0.273   16.581  11.444  1.00 18.86 ? 264 CYS B SG  1 
ATOM   1391 N  N   . LYS B 1 84  ? -1.051  18.085  8.838   1.00 16.55 ? 265 LYS B N   1 
ATOM   1392 C  CA  . LYS B 1 84  ? -2.175  17.763  7.973   1.00 16.51 ? 265 LYS B CA  1 
ATOM   1393 C  C   . LYS B 1 84  ? -2.565  16.305  8.112   1.00 15.75 ? 265 LYS B C   1 
ATOM   1394 O  O   . LYS B 1 84  ? -1.746  15.466  8.503   1.00 15.03 ? 265 LYS B O   1 
ATOM   1395 C  CB  . LYS B 1 84  ? -1.831  18.085  6.517   1.00 18.00 ? 265 LYS B CB  1 
ATOM   1396 C  CG  . LYS B 1 84  ? -1.716  19.587  6.259   1.00 21.95 ? 265 LYS B CG  1 
ATOM   1397 C  CD  . LYS B 1 84  ? -1.391  19.902  4.813   1.00 25.24 ? 265 LYS B CD  1 
ATOM   1398 C  CE  . LYS B 1 84  ? -1.381  21.410  4.591   1.00 26.61 ? 265 LYS B CE  1 
ATOM   1399 N  NZ  . LYS B 1 84  ? -1.188  21.776  3.161   1.00 30.26 ? 265 LYS B NZ  1 
ATOM   1400 N  N   . LEU B 1 85  ? -3.830  16.023  7.807   1.00 13.46 ? 266 LEU B N   1 
ATOM   1401 C  CA  . LEU B 1 85  ? -4.393  14.683  7.882   1.00 15.33 ? 266 LEU B CA  1 
ATOM   1402 C  C   . LEU B 1 85  ? -4.887  14.266  6.500   1.00 14.87 ? 266 LEU B C   1 
ATOM   1403 O  O   . LEU B 1 85  ? -5.359  15.097  5.721   1.00 15.73 ? 266 LEU B O   1 
ATOM   1404 C  CB  . LEU B 1 85  ? -5.568  14.661  8.855   1.00 14.79 ? 266 LEU B CB  1 
ATOM   1405 C  CG  . LEU B 1 85  ? -5.338  15.163  10.280  1.00 15.96 ? 266 LEU B CG  1 
ATOM   1406 C  CD1 . LEU B 1 85  ? -6.655  15.097  11.046  1.00 16.34 ? 266 LEU B CD1 1 
ATOM   1407 C  CD2 . LEU B 1 85  ? -4.259  14.323  10.962  1.00 16.65 ? 266 LEU B CD2 1 
ATOM   1408 N  N   . ILE B 1 86  ? -4.793  12.971  6.218   1.00 15.38 ? 267 ILE B N   1 
ATOM   1409 C  CA  . ILE B 1 86  ? -5.205  12.404  4.944   1.00 15.40 ? 267 ILE B CA  1 
ATOM   1410 C  C   . ILE B 1 86  ? -5.893  11.066  5.237   1.00 13.66 ? 267 ILE B C   1 
ATOM   1411 O  O   . ILE B 1 86  ? -5.554  10.398  6.208   1.00 14.34 ? 267 ILE B O   1 
ATOM   1412 C  CB  . ILE B 1 86  ? -3.952  12.180  4.059   1.00 18.82 ? 267 ILE B CB  1 
ATOM   1413 C  CG1 . ILE B 1 86  ? -4.337  11.692  2.674   1.00 21.03 ? 267 ILE B CG1 1 
ATOM   1414 C  CG2 . ILE B 1 86  ? -3.026  11.169  4.725   1.00 19.10 ? 267 ILE B CG2 1 
ATOM   1415 C  CD1 . ILE B 1 86  ? -3.149  11.660  1.724   1.00 22.28 ? 267 ILE B CD1 1 
ATOM   1416 N  N   . SER B 1 87  ? -6.876  10.682  4.426   1.00 12.73 ? 268 SER B N   1 
ATOM   1417 C  CA  . SER B 1 87  ? -7.550  9.413   4.655   1.00 14.06 ? 268 SER B CA  1 
ATOM   1418 C  C   . SER B 1 87  ? -6.571  8.305   4.294   1.00 14.68 ? 268 SER B C   1 
ATOM   1419 O  O   . SER B 1 87  ? -5.608  8.537   3.563   1.00 12.99 ? 268 SER B O   1 
ATOM   1420 C  CB  . SER B 1 87  ? -8.808  9.299   3.783   1.00 13.30 ? 268 SER B CB  1 
ATOM   1421 O  OG  . SER B 1 87  ? -8.493  9.164   2.405   1.00 13.89 ? 268 SER B OG  1 
ATOM   1422 N  N   . ARG B 1 88  ? -6.807  7.102   4.803   1.00 15.60 ? 269 ARG B N   1 
ATOM   1423 C  CA  . ARG B 1 88  ? -5.924  5.990   4.493   1.00 17.65 ? 269 ARG B CA  1 
ATOM   1424 C  C   . ARG B 1 88  ? -5.985  5.670   3.007   1.00 17.29 ? 269 ARG B C   1 
ATOM   1425 O  O   . ARG B 1 88  ? -4.978  5.316   2.406   1.00 16.07 ? 269 ARG B O   1 
ATOM   1426 C  CB  . ARG B 1 88  ? -6.286  4.770   5.345   1.00 20.07 ? 269 ARG B CB  1 
ATOM   1427 C  CG  . ARG B 1 88  ? -5.831  4.932   6.799   1.00 24.42 ? 269 ARG B CG  1 
ATOM   1428 C  CD  . ARG B 1 88  ? -5.954  3.649   7.612   1.00 27.44 ? 269 ARG B CD  1 
ATOM   1429 N  NE  . ARG B 1 88  ? -7.341  3.232   7.794   1.00 32.34 ? 269 ARG B NE  1 
ATOM   1430 C  CZ  . ARG B 1 88  ? -7.720  2.227   8.577   1.00 34.33 ? 269 ARG B CZ  1 
ATOM   1431 N  NH1 . ARG B 1 88  ? -6.814  1.533   9.256   1.00 35.15 ? 269 ARG B NH1 1 
ATOM   1432 N  NH2 . ARG B 1 88  ? -9.005  1.913   8.683   1.00 35.27 ? 269 ARG B NH2 1 
ATOM   1433 N  N   . LYS B 1 89  ? -7.167  5.812   2.413   1.00 17.62 ? 270 LYS B N   1 
ATOM   1434 C  CA  . LYS B 1 89  ? -7.336  5.567   0.983   1.00 17.32 ? 270 LYS B CA  1 
ATOM   1435 C  C   . LYS B 1 89  ? -6.483  6.559   0.187   1.00 17.26 ? 270 LYS B C   1 
ATOM   1436 O  O   . LYS B 1 89  ? -5.769  6.177   -0.743  1.00 14.68 ? 270 LYS B O   1 
ATOM   1437 C  CB  . LYS B 1 89  ? -8.811  5.705   0.598   1.00 19.64 ? 270 LYS B CB  1 
ATOM   1438 C  CG  . LYS B 1 89  ? -9.064  5.835   -0.894  1.00 21.18 ? 270 LYS B CG  1 
ATOM   1439 C  CD  . LYS B 1 89  ? -10.552 5.923   -1.197  1.00 23.55 ? 270 LYS B CD  1 
ATOM   1440 C  CE  . LYS B 1 89  ? -10.808 6.766   -2.433  1.00 25.88 ? 270 LYS B CE  1 
ATOM   1441 N  NZ  . LYS B 1 89  ? -10.013 6.332   -3.614  1.00 24.13 ? 270 LYS B NZ  1 
ATOM   1442 N  N   . ASP B 1 90  ? -6.563  7.837   0.549   1.00 15.03 ? 271 ASP B N   1 
ATOM   1443 C  CA  . ASP B 1 90  ? -5.784  8.854   -0.141  1.00 15.32 ? 271 ASP B CA  1 
ATOM   1444 C  C   . ASP B 1 90  ? -4.290  8.657   0.090   1.00 13.42 ? 271 ASP B C   1 
ATOM   1445 O  O   . ASP B 1 90  ? -3.481  8.957   -0.789  1.00 12.74 ? 271 ASP B O   1 
ATOM   1446 C  CB  . ASP B 1 90  ? -6.208  10.266  0.298   1.00 15.79 ? 271 ASP B CB  1 
ATOM   1447 C  CG  . ASP B 1 90  ? -7.546  10.694  -0.303  1.00 20.08 ? 271 ASP B CG  1 
ATOM   1448 O  OD1 . ASP B 1 90  ? -8.006  10.060  -1.278  1.00 21.09 ? 271 ASP B OD1 1 
ATOM   1449 O  OD2 . ASP B 1 90  ? -8.137  11.683  0.187   1.00 19.61 ? 271 ASP B OD2 1 
ATOM   1450 N  N   . PHE B 1 91  ? -3.914  8.141   1.256   1.00 14.06 ? 272 PHE B N   1 
ATOM   1451 C  CA  . PHE B 1 91  ? -2.502  7.927   1.501   1.00 12.82 ? 272 PHE B CA  1 
ATOM   1452 C  C   . PHE B 1 91  ? -1.996  6.809   0.590   1.00 13.82 ? 272 PHE B C   1 
ATOM   1453 O  O   . PHE B 1 91  ? -0.899  6.899   0.056   1.00 13.06 ? 272 PHE B O   1 
ATOM   1454 C  CB  . PHE B 1 91  ? -2.213  7.539   2.950   1.00 13.79 ? 272 PHE B CB  1 
ATOM   1455 C  CG  . PHE B 1 91  ? -0.746  7.344   3.217   1.00 15.88 ? 272 PHE B CG  1 
ATOM   1456 C  CD1 . PHE B 1 91  ? 0.093   8.441   3.378   1.00 15.98 ? 272 PHE B CD1 1 
ATOM   1457 C  CD2 . PHE B 1 91  ? -0.185  6.069   3.207   1.00 17.10 ? 272 PHE B CD2 1 
ATOM   1458 C  CE1 . PHE B 1 91  ? 1.466   8.280   3.515   1.00 17.38 ? 272 PHE B CE1 1 
ATOM   1459 C  CE2 . PHE B 1 91  ? 1.189   5.896   3.343   1.00 17.46 ? 272 PHE B CE2 1 
ATOM   1460 C  CZ  . PHE B 1 91  ? 2.018   6.999   3.498   1.00 19.21 ? 272 PHE B CZ  1 
ATOM   1461 N  N   . GLU B 1 92  ? -2.794  5.756   0.417   1.00 14.70 ? 273 GLU B N   1 
ATOM   1462 C  CA  . GLU B 1 92  ? -2.365  4.648   -0.434  1.00 14.44 ? 273 GLU B CA  1 
ATOM   1463 C  C   . GLU B 1 92  ? -2.227  5.143   -1.867  1.00 14.49 ? 273 GLU B C   1 
ATOM   1464 O  O   . GLU B 1 92  ? -1.303  4.751   -2.580  1.00 17.65 ? 273 GLU B O   1 
ATOM   1465 C  CB  . GLU B 1 92  ? -3.350  3.470   -0.362  1.00 14.66 ? 273 GLU B CB  1 
ATOM   1466 C  CG  . GLU B 1 92  ? -3.471  2.796   1.018   1.00 20.37 ? 273 GLU B CG  1 
ATOM   1467 C  CD  . GLU B 1 92  ? -2.132  2.421   1.671   1.00 21.16 ? 273 GLU B CD  1 
ATOM   1468 O  OE1 . GLU B 1 92  ? -1.079  2.449   1.004   1.00 23.24 ? 273 GLU B OE1 1 
ATOM   1469 O  OE2 . GLU B 1 92  ? -2.141  2.085   2.875   1.00 25.40 ? 273 GLU B OE2 1 
ATOM   1470 N  N   . THR B 1 93  ? -3.141  6.012   -2.288  1.00 13.37 ? 274 THR B N   1 
ATOM   1471 C  CA  . THR B 1 93  ? -3.077  6.589   -3.628  1.00 13.64 ? 274 THR B CA  1 
ATOM   1472 C  C   . THR B 1 93  ? -1.764  7.367   -3.770  1.00 14.28 ? 274 THR B C   1 
ATOM   1473 O  O   . THR B 1 93  ? -1.093  7.284   -4.800  1.00 12.93 ? 274 THR B O   1 
ATOM   1474 C  CB  . THR B 1 93  ? -4.257  7.552   -3.880  1.00 14.30 ? 274 THR B CB  1 
ATOM   1475 O  OG1 . THR B 1 93  ? -5.482  6.811   -3.873  1.00 14.45 ? 274 THR B OG1 1 
ATOM   1476 C  CG2 . THR B 1 93  ? -4.103  8.252   -5.225  1.00 12.85 ? 274 THR B CG2 1 
ATOM   1477 N  N   . LEU B 1 94  ? -1.419  8.140   -2.739  1.00 13.38 ? 275 LEU B N   1 
ATOM   1478 C  CA  . LEU B 1 94  ? -0.173  8.904   -2.742  1.00 14.73 ? 275 LEU B CA  1 
ATOM   1479 C  C   . LEU B 1 94  ? 1.010   7.947   -2.834  1.00 14.02 ? 275 LEU B C   1 
ATOM   1480 O  O   . LEU B 1 94  ? 1.915   8.129   -3.653  1.00 15.51 ? 275 LEU B O   1 
ATOM   1481 C  CB  . LEU B 1 94  ? -0.042  9.726   -1.453  1.00 12.78 ? 275 LEU B CB  1 
ATOM   1482 C  CG  . LEU B 1 94  ? 1.362   10.281  -1.177  1.00 14.52 ? 275 LEU B CG  1 
ATOM   1483 C  CD1 . LEU B 1 94  ? 1.699   11.344  -2.217  1.00 15.27 ? 275 LEU B CD1 1 
ATOM   1484 C  CD2 . LEU B 1 94  ? 1.435   10.854  0.229   1.00 15.72 ? 275 LEU B CD2 1 
ATOM   1485 N  N   . TYR B 1 95  ? 0.993   6.931   -1.979  1.00 14.35 ? 276 TYR B N   1 
ATOM   1486 C  CA  . TYR B 1 95  ? 2.057   5.938   -1.932  1.00 15.20 ? 276 TYR B CA  1 
ATOM   1487 C  C   . TYR B 1 95  ? 2.254   5.273   -3.288  1.00 13.47 ? 276 TYR B C   1 
ATOM   1488 O  O   . TYR B 1 95  ? 3.381   5.132   -3.766  1.00 15.42 ? 276 TYR B O   1 
ATOM   1489 C  CB  . TYR B 1 95  ? 1.740   4.875   -0.884  1.00 13.65 ? 276 TYR B CB  1 
ATOM   1490 C  CG  . TYR B 1 95  ? 2.872   3.897   -0.678  1.00 16.40 ? 276 TYR B CG  1 
ATOM   1491 C  CD1 . TYR B 1 95  ? 3.944   4.209   0.160   1.00 17.64 ? 276 TYR B CD1 1 
ATOM   1492 C  CD2 . TYR B 1 95  ? 2.890   2.675   -1.347  1.00 18.29 ? 276 TYR B CD2 1 
ATOM   1493 C  CE1 . TYR B 1 95  ? 5.008   3.321   0.331   1.00 17.41 ? 276 TYR B CE1 1 
ATOM   1494 C  CE2 . TYR B 1 95  ? 3.949   1.786   -1.186  1.00 16.54 ? 276 TYR B CE2 1 
ATOM   1495 C  CZ  . TYR B 1 95  ? 5.003   2.117   -0.346  1.00 18.03 ? 276 TYR B CZ  1 
ATOM   1496 O  OH  . TYR B 1 95  ? 6.053   1.240   -0.180  1.00 19.09 ? 276 TYR B OH  1 
ATOM   1497 N  N   . ASN B 1 96  ? 1.153   4.862   -3.908  1.00 14.00 ? 277 ASN B N   1 
ATOM   1498 C  CA  . ASN B 1 96  ? 1.213   4.215   -5.213  1.00 12.76 ? 277 ASN B CA  1 
ATOM   1499 C  C   . ASN B 1 96  ? 1.848   5.138   -6.255  1.00 13.71 ? 277 ASN B C   1 
ATOM   1500 O  O   . ASN B 1 96  ? 2.650   4.709   -7.080  1.00 13.71 ? 277 ASN B O   1 
ATOM   1501 C  CB  . ASN B 1 96  ? -0.203  3.810   -5.652  1.00 11.44 ? 277 ASN B CB  1 
ATOM   1502 C  CG  . ASN B 1 96  ? -0.819  2.751   -4.742  1.00 14.62 ? 277 ASN B CG  1 
ATOM   1503 O  OD1 . ASN B 1 96  ? -2.040  2.543   -4.744  1.00 18.12 ? 277 ASN B OD1 1 
ATOM   1504 N  ND2 . ASN B 1 96  ? 0.021   2.064   -3.971  1.00 13.84 ? 277 ASN B ND2 1 
ATOM   1505 N  N   . ASP B 1 97  ? 1.487   6.417   -6.207  1.00 12.93 ? 278 ASP B N   1 
ATOM   1506 C  CA  . ASP B 1 97  ? 2.001   7.401   -7.142  1.00 16.29 ? 278 ASP B CA  1 
ATOM   1507 C  C   . ASP B 1 97  ? 3.494   7.657   -6.957  1.00 16.49 ? 278 ASP B C   1 
ATOM   1508 O  O   . ASP B 1 97  ? 4.197   7.996   -7.911  1.00 20.26 ? 278 ASP B O   1 
ATOM   1509 C  CB  . ASP B 1 97  ? 1.233   8.712   -6.976  1.00 18.12 ? 278 ASP B CB  1 
ATOM   1510 C  CG  . ASP B 1 97  ? 1.688   9.775   -7.949  1.00 22.44 ? 278 ASP B CG  1 
ATOM   1511 O  OD1 . ASP B 1 97  ? 1.491   9.592   -9.169  1.00 21.34 ? 278 ASP B OD1 1 
ATOM   1512 O  OD2 . ASP B 1 97  ? 2.248   10.792  -7.490  1.00 26.34 ? 278 ASP B OD2 1 
ATOM   1513 N  N   . CYS B 1 98  ? 3.971   7.493   -5.727  1.00 17.93 ? 279 CYS B N   1 
ATOM   1514 C  CA  . CYS B 1 98  ? 5.375   7.709   -5.399  1.00 18.39 ? 279 CYS B CA  1 
ATOM   1515 C  C   . CYS B 1 98  ? 6.256   6.511   -5.724  1.00 18.45 ? 279 CYS B C   1 
ATOM   1516 O  O   . CYS B 1 98  ? 7.450   6.658   -5.978  1.00 20.53 ? 279 CYS B O   1 
ATOM   1517 C  CB  . CYS B 1 98  ? 5.530   8.005   -3.901  1.00 17.36 ? 279 CYS B CB  1 
ATOM   1518 S  SG  . CYS B 1 98  ? 4.888   9.591   -3.348  1.00 20.43 ? 279 CYS B SG  1 
ATOM   1519 N  N   . THR B 1 99  ? 5.663   5.326   -5.739  1.00 16.29 ? 280 THR B N   1 
ATOM   1520 C  CA  . THR B 1 99  ? 6.430   4.108   -5.946  1.00 15.83 ? 280 THR B CA  1 
ATOM   1521 C  C   . THR B 1 99  ? 6.156   3.254   -7.177  1.00 16.99 ? 280 THR B C   1 
ATOM   1522 O  O   . THR B 1 99  ? 7.064   2.595   -7.683  1.00 18.58 ? 280 THR B O   1 
ATOM   1523 C  CB  . THR B 1 99  ? 6.270   3.210   -4.723  1.00 14.27 ? 280 THR B CB  1 
ATOM   1524 O  OG1 . THR B 1 99  ? 4.876   2.914   -4.539  1.00 14.75 ? 280 THR B OG1 1 
ATOM   1525 C  CG2 . THR B 1 99  ? 6.783   3.916   -3.479  1.00 15.65 ? 280 THR B CG2 1 
ATOM   1526 N  N   . ASN B 1 100 ? 4.914   3.261   -7.647  1.00 15.93 ? 281 ASN B N   1 
ATOM   1527 C  CA  . ASN B 1 100 ? 4.519   2.444   -8.785  1.00 16.17 ? 281 ASN B CA  1 
ATOM   1528 C  C   . ASN B 1 100 ? 3.530   3.190   -9.678  1.00 16.57 ? 281 ASN B C   1 
ATOM   1529 O  O   . ASN B 1 100 ? 2.412   2.723   -9.919  1.00 14.93 ? 281 ASN B O   1 
ATOM   1530 C  CB  . ASN B 1 100 ? 3.896   1.150   -8.248  1.00 15.82 ? 281 ASN B CB  1 
ATOM   1531 C  CG  . ASN B 1 100 ? 3.558   0.165   -9.341  1.00 15.75 ? 281 ASN B CG  1 
ATOM   1532 O  OD1 . ASN B 1 100 ? 4.299   0.027   -10.311 1.00 13.50 ? 281 ASN B OD1 1 
ATOM   1533 N  ND2 . ASN B 1 100 ? 2.443   -0.543  -9.178  1.00 15.39 ? 281 ASN B ND2 1 
ATOM   1534 N  N   . ALA B 1 101 ? 3.952   4.352   -10.167 1.00 18.21 ? 282 ALA B N   1 
ATOM   1535 C  CA  . ALA B 1 101 ? 3.114   5.186   -11.021 1.00 20.26 ? 282 ALA B CA  1 
ATOM   1536 C  C   . ALA B 1 101 ? 2.896   4.587   -12.409 1.00 21.70 ? 282 ALA B C   1 
ATOM   1537 O  O   . ALA B 1 101 ? 3.796   3.872   -12.904 1.00 18.32 ? 282 ALA B O   1 
ATOM   1538 C  CB  . ALA B 1 101 ? 3.737   6.574   -11.149 1.00 20.44 ? 282 ALA B CB  1 
ATOM   1539 O  OXT . ALA B 1 101 ? 1.822   4.865   -12.994 1.00 23.60 ? 282 ALA B OXT 1 
HETATM 1540 O  O   . HOH C 2 .   ? -4.990  -2.376  -8.425  1.00 14.87 ? 1   HOH A O   1 
HETATM 1541 O  O   . HOH C 2 .   ? 6.855   -0.567  -4.003  1.00 23.12 ? 5   HOH A O   1 
HETATM 1542 O  O   . HOH C 2 .   ? 9.092   -3.985  -14.930 1.00 16.55 ? 7   HOH A O   1 
HETATM 1543 O  O   . HOH C 2 .   ? -8.544  -13.018 -11.543 1.00 15.97 ? 9   HOH A O   1 
HETATM 1544 O  O   . HOH C 2 .   ? 6.377   -8.519  -1.711  1.00 19.18 ? 11  HOH A O   1 
HETATM 1545 O  O   . HOH C 2 .   ? 0.058   1.804   -8.429  1.00 18.17 ? 12  HOH A O   1 
HETATM 1546 O  O   . HOH C 2 .   ? -5.044  -9.010  -5.931  1.00 18.61 ? 15  HOH A O   1 
HETATM 1547 O  O   . HOH C 2 .   ? 8.608   -2.904  -4.553  1.00 17.64 ? 16  HOH A O   1 
HETATM 1548 O  O   . HOH C 2 .   ? 7.511   -23.876 6.151   1.00 21.85 ? 18  HOH A O   1 
HETATM 1549 O  O   . HOH C 2 .   ? 4.593   -26.885 1.730   1.00 20.40 ? 19  HOH A O   1 
HETATM 1550 O  O   . HOH C 2 .   ? 7.931   -22.377 -0.805  1.00 21.04 ? 20  HOH A O   1 
HETATM 1551 O  O   . HOH C 2 .   ? -7.129  -9.247  -7.896  1.00 17.50 ? 22  HOH A O   1 
HETATM 1552 O  O   . HOH C 2 .   ? -2.123  -1.146  -20.180 1.00 25.89 ? 24  HOH A O   1 
HETATM 1553 O  O   . HOH C 2 .   ? 6.961   -25.322 1.249   1.00 18.85 ? 28  HOH A O   1 
HETATM 1554 O  O   . HOH C 2 .   ? -1.512  3.709   -15.184 1.00 16.59 ? 29  HOH A O   1 
HETATM 1555 O  O   . HOH C 2 .   ? 11.490  -4.686  -15.857 1.00 20.83 ? 31  HOH A O   1 
HETATM 1556 O  O   . HOH C 2 .   ? 8.582   -19.497 5.409   1.00 18.10 ? 32  HOH A O   1 
HETATM 1557 O  O   . HOH C 2 .   ? -1.394  -3.398  -0.307  1.00 22.14 ? 39  HOH A O   1 
HETATM 1558 O  O   . HOH C 2 .   ? -7.137  -15.191 -14.980 1.00 27.24 ? 40  HOH A O   1 
HETATM 1559 O  O   . HOH C 2 .   ? 11.341  -0.781  -12.842 1.00 23.21 ? 44  HOH A O   1 
HETATM 1560 O  O   . HOH C 2 .   ? 9.376   -13.235 2.829   1.00 27.90 ? 46  HOH A O   1 
HETATM 1561 O  O   . HOH C 2 .   ? -0.014  -15.244 -18.124 1.00 30.03 ? 47  HOH A O   1 
HETATM 1562 O  O   . HOH C 2 .   ? 13.515  -12.449 -8.365  1.00 30.56 ? 48  HOH A O   1 
HETATM 1563 O  O   . HOH C 2 .   ? 6.097   -18.629 6.271   1.00 23.22 ? 49  HOH A O   1 
HETATM 1564 O  O   . HOH C 2 .   ? -12.170 -6.353  -9.161  1.00 29.77 ? 50  HOH A O   1 
HETATM 1565 O  O   . HOH C 2 .   ? 6.539   1.272   -19.893 1.00 29.51 ? 54  HOH A O   1 
HETATM 1566 O  O   . HOH C 2 .   ? 11.059  -20.174 1.559   1.00 22.01 ? 56  HOH A O   1 
HETATM 1567 O  O   . HOH C 2 .   ? 11.477  -11.206 -6.301  1.00 27.84 ? 58  HOH A O   1 
HETATM 1568 O  O   . HOH C 2 .   ? -5.965  -14.484 -11.337 1.00 18.82 ? 59  HOH A O   1 
HETATM 1569 O  O   . HOH C 2 .   ? 9.785   -8.301  -13.700 1.00 24.35 ? 62  HOH A O   1 
HETATM 1570 O  O   . HOH C 2 .   ? 4.670   6.174   -14.981 1.00 36.79 ? 63  HOH A O   1 
HETATM 1571 O  O   . HOH C 2 .   ? -5.383  -5.349  -22.064 1.00 32.54 ? 65  HOH A O   1 
HETATM 1572 O  O   . HOH C 2 .   ? 12.568  -0.108  -10.212 1.00 25.26 ? 66  HOH A O   1 
HETATM 1573 O  O   . HOH C 2 .   ? 4.036   -26.209 -6.068  1.00 29.40 ? 68  HOH A O   1 
HETATM 1574 O  O   . HOH C 2 .   ? 7.603   -5.677  -21.521 1.00 24.42 ? 70  HOH A O   1 
HETATM 1575 O  O   . HOH C 2 .   ? 4.142   -28.090 -1.391  1.00 23.30 ? 71  HOH A O   1 
HETATM 1576 O  O   . HOH C 2 .   ? -8.364  -11.504 -8.994  1.00 17.09 ? 73  HOH A O   1 
HETATM 1577 O  O   . HOH C 2 .   ? -5.250  -3.686  -5.669  1.00 18.03 ? 74  HOH A O   1 
HETATM 1578 O  O   . HOH C 2 .   ? 3.922   2.947   -24.087 1.00 23.54 ? 76  HOH A O   1 
HETATM 1579 O  O   . HOH C 2 .   ? -0.834  -7.134  4.067   1.00 22.65 ? 77  HOH A O   1 
HETATM 1580 O  O   . HOH C 2 .   ? -2.913  -8.154  3.248   1.00 27.04 ? 78  HOH A O   1 
HETATM 1581 O  O   . HOH C 2 .   ? -2.202  -0.940  -0.295  1.00 25.86 ? 79  HOH A O   1 
HETATM 1582 O  O   . HOH C 2 .   ? -3.525  3.753   -10.929 1.00 24.04 ? 80  HOH A O   1 
HETATM 1583 O  O   . HOH C 2 .   ? 4.038   -1.908  -20.890 1.00 24.24 ? 81  HOH A O   1 
HETATM 1584 O  O   . HOH C 2 .   ? 10.383  -22.733 -2.151  1.00 26.92 ? 82  HOH A O   1 
HETATM 1585 O  O   . HOH C 2 .   ? -2.008  -4.454  2.315   1.00 27.58 ? 83  HOH A O   1 
HETATM 1586 O  O   . HOH C 2 .   ? 11.260  -2.419  -3.138  1.00 28.15 ? 86  HOH A O   1 
HETATM 1587 O  O   . HOH C 2 .   ? 14.117  -8.693  -7.465  1.00 29.79 ? 88  HOH A O   1 
HETATM 1588 O  O   . HOH C 2 .   ? 7.833   -4.741  -2.525  1.00 28.18 ? 89  HOH A O   1 
HETATM 1589 O  O   . HOH C 2 .   ? -14.210 -15.026 -15.197 1.00 21.00 ? 90  HOH A O   1 
HETATM 1590 O  O   . HOH C 2 .   ? -2.887  4.429   -17.315 1.00 31.93 ? 93  HOH A O   1 
HETATM 1591 O  O   . HOH C 2 .   ? 12.440  -11.486 -3.697  1.00 29.43 ? 94  HOH A O   1 
HETATM 1592 O  O   . HOH C 2 .   ? -9.283  -8.600  -5.811  1.00 29.84 ? 98  HOH A O   1 
HETATM 1593 O  O   . HOH C 2 .   ? -8.598  -6.574  -2.949  1.00 40.17 ? 100 HOH A O   1 
HETATM 1594 O  O   . HOH C 2 .   ? -10.367 -14.797 -10.925 1.00 30.80 ? 102 HOH A O   1 
HETATM 1595 O  O   . HOH C 2 .   ? 4.053   1.996   -20.560 1.00 26.68 ? 105 HOH A O   1 
HETATM 1596 O  O   . HOH C 2 .   ? 10.928  -17.206 0.962   1.00 34.05 ? 106 HOH A O   1 
HETATM 1597 O  O   . HOH C 2 .   ? -2.544  5.100   -12.874 1.00 27.30 ? 107 HOH A O   1 
HETATM 1598 O  O   . HOH C 2 .   ? 10.085  -12.319 -7.766  1.00 35.77 ? 108 HOH A O   1 
HETATM 1599 O  O   . HOH C 2 .   ? 10.752  2.093   -12.805 1.00 28.12 ? 109 HOH A O   1 
HETATM 1600 O  O   . HOH C 2 .   ? 0.898   -29.092 6.724   1.00 27.90 ? 110 HOH A O   1 
HETATM 1601 O  O   . HOH C 2 .   ? 10.029  -17.211 4.921   1.00 30.68 ? 114 HOH A O   1 
HETATM 1602 O  O   . HOH C 2 .   ? 10.557  -8.582  -0.831  1.00 34.43 ? 115 HOH A O   1 
HETATM 1603 O  O   . HOH C 2 .   ? -5.549  -7.006  4.258   1.00 31.27 ? 118 HOH A O   1 
HETATM 1604 O  O   . HOH C 2 .   ? 10.508  -21.897 -4.856  1.00 29.19 ? 119 HOH A O   1 
HETATM 1605 O  O   . HOH C 2 .   ? 15.163  -0.152  -10.068 1.00 35.61 ? 120 HOH A O   1 
HETATM 1606 O  O   . HOH C 2 .   ? 0.187   -25.525 7.988   1.00 24.80 ? 121 HOH A O   1 
HETATM 1607 O  O   . HOH C 2 .   ? -6.256  -6.201  -5.467  1.00 32.39 ? 122 HOH A O   1 
HETATM 1608 O  O   . HOH C 2 .   ? -11.003 -10.756 -8.407  1.00 25.76 ? 123 HOH A O   1 
HETATM 1609 O  O   . HOH C 2 .   ? -5.622  5.073   -10.447 1.00 29.08 ? 124 HOH A O   1 
HETATM 1610 O  O   . HOH C 2 .   ? 12.479  -16.660 -14.356 1.00 31.99 ? 126 HOH A O   1 
HETATM 1611 O  O   . HOH C 2 .   ? 0.595   -6.261  8.522   1.00 34.53 ? 128 HOH A O   1 
HETATM 1612 O  O   . HOH C 2 .   ? -8.092  -13.871 -7.665  1.00 26.25 ? 131 HOH A O   1 
HETATM 1613 O  O   . HOH C 2 .   ? 10.500  -20.809 -7.847  1.00 35.10 ? 132 HOH A O   1 
HETATM 1614 O  O   . HOH C 2 .   ? 0.792   -19.845 -16.049 1.00 32.62 ? 133 HOH A O   1 
HETATM 1615 O  O   . HOH C 2 .   ? -14.472 -17.508 -13.442 1.00 34.25 ? 134 HOH A O   1 
HETATM 1616 O  O   . HOH C 2 .   ? 13.733  -2.141  -13.273 1.00 28.16 ? 136 HOH A O   1 
HETATM 1617 O  O   . HOH C 2 .   ? 5.726   -5.414  2.904   1.00 37.03 ? 137 HOH A O   1 
HETATM 1618 O  O   . HOH C 2 .   ? 12.748  2.594   -9.516  1.00 36.84 ? 144 HOH A O   1 
HETATM 1619 O  O   . HOH C 2 .   ? 11.552  -10.778 -1.448  1.00 38.35 ? 146 HOH A O   1 
HETATM 1620 O  O   . HOH C 2 .   ? 5.698   -24.612 13.009  1.00 25.84 ? 147 HOH A O   1 
HETATM 1621 O  O   . HOH C 2 .   ? 4.428   4.314   -17.929 1.00 36.89 ? 148 HOH A O   1 
HETATM 1622 O  O   . HOH C 2 .   ? 7.553   4.962   -12.674 1.00 38.82 ? 149 HOH A O   1 
HETATM 1623 O  O   . HOH C 2 .   ? -8.193  -12.224 -18.720 1.00 30.62 ? 150 HOH A O   1 
HETATM 1624 O  O   . HOH C 2 .   ? -11.892 -8.318  -7.686  1.00 35.00 ? 151 HOH A O   1 
HETATM 1625 O  O   . HOH C 2 .   ? 11.655  -20.815 -0.969  1.00 37.87 ? 152 HOH A O   1 
HETATM 1626 O  O   . HOH C 2 .   ? 10.025  -18.525 -5.787  1.00 37.67 ? 153 HOH A O   1 
HETATM 1627 O  O   . HOH D 2 .   ? 1.756   -0.140  -3.823  1.00 13.98 ? 2   HOH B O   1 
HETATM 1628 O  O   . HOH D 2 .   ? -0.865  1.141   -1.431  1.00 15.75 ? 3   HOH B O   1 
HETATM 1629 O  O   . HOH D 2 .   ? 1.410   18.155  23.825  1.00 18.08 ? 4   HOH B O   1 
HETATM 1630 O  O   . HOH D 2 .   ? -4.655  21.418  2.931   1.00 22.56 ? 6   HOH B O   1 
HETATM 1631 O  O   . HOH D 2 .   ? -7.278  -0.276  12.857  1.00 26.82 ? 8   HOH B O   1 
HETATM 1632 O  O   . HOH D 2 .   ? -7.862  12.653  2.590   1.00 20.50 ? 10  HOH B O   1 
HETATM 1633 O  O   . HOH D 2 .   ? -4.634  1.805   -3.630  1.00 23.89 ? 13  HOH B O   1 
HETATM 1634 O  O   . HOH D 2 .   ? -5.920  5.191   -6.177  1.00 29.12 ? 14  HOH B O   1 
HETATM 1635 O  O   . HOH D 2 .   ? 1.870   -1.307  -1.203  1.00 15.99 ? 17  HOH B O   1 
HETATM 1636 O  O   . HOH D 2 .   ? -1.980  22.685  11.306  1.00 19.49 ? 21  HOH B O   1 
HETATM 1637 O  O   . HOH D 2 .   ? -3.286  4.209   -6.871  1.00 19.16 ? 23  HOH B O   1 
HETATM 1638 O  O   . HOH D 2 .   ? -1.870  6.676   -7.464  1.00 21.36 ? 25  HOH B O   1 
HETATM 1639 O  O   . HOH D 2 .   ? -1.007  19.465  -1.105  1.00 21.22 ? 26  HOH B O   1 
HETATM 1640 O  O   . HOH D 2 .   ? -2.757  -0.619  5.396   1.00 22.75 ? 27  HOH B O   1 
HETATM 1641 O  O   . HOH D 2 .   ? 6.888   5.220   -10.203 1.00 23.45 ? 30  HOH B O   1 
HETATM 1642 O  O   . HOH D 2 .   ? -3.430  19.375  -2.278  1.00 17.51 ? 33  HOH B O   1 
HETATM 1643 O  O   . HOH D 2 .   ? 4.346   0.243   -4.644  1.00 15.67 ? 34  HOH B O   1 
HETATM 1644 O  O   . HOH D 2 .   ? 7.220   15.889  12.502  1.00 24.30 ? 35  HOH B O   1 
HETATM 1645 O  O   . HOH D 2 .   ? -6.317  3.938   -2.435  1.00 23.89 ? 36  HOH B O   1 
HETATM 1646 O  O   . HOH D 2 .   ? 8.610   1.577   -9.714  1.00 24.87 ? 37  HOH B O   1 
HETATM 1647 O  O   . HOH D 2 .   ? 5.776   -1.069  -1.555  1.00 21.38 ? 38  HOH B O   1 
HETATM 1648 O  O   . HOH D 2 .   ? -9.944  5.637   3.773   1.00 26.10 ? 41  HOH B O   1 
HETATM 1649 O  O   . HOH D 2 .   ? 1.774   18.167  7.695   1.00 26.71 ? 42  HOH B O   1 
HETATM 1650 O  O   . HOH D 2 .   ? 6.543   13.174  -2.355  1.00 76.52 ? 43  HOH B O   1 
HETATM 1651 O  O   . HOH D 2 .   ? -9.148  6.269   6.349   1.00 26.79 ? 45  HOH B O   1 
HETATM 1652 O  O   . HOH D 2 .   ? 3.609   18.857  9.592   1.00 26.59 ? 51  HOH B O   1 
HETATM 1653 O  O   . HOH D 2 .   ? -8.652  20.825  3.883   1.00 21.03 ? 52  HOH B O   1 
HETATM 1654 O  O   . HOH D 2 .   ? -9.457  16.035  -1.369  1.00 24.54 ? 53  HOH B O   1 
HETATM 1655 O  O   . HOH D 2 .   ? -13.059 14.718  6.582   1.00 26.10 ? 55  HOH B O   1 
HETATM 1656 O  O   . HOH D 2 .   ? 2.155   7.537   17.811  1.00 34.75 ? 57  HOH B O   1 
HETATM 1657 O  O   . HOH D 2 .   ? 1.288   19.794  -8.200  1.00 28.83 ? 60  HOH B O   1 
HETATM 1658 O  O   . HOH D 2 .   ? -7.741  8.167   -3.422  1.00 23.15 ? 61  HOH B O   1 
HETATM 1659 O  O   . HOH D 2 .   ? -13.253 7.202   6.882   1.00 26.69 ? 64  HOH B O   1 
HETATM 1660 O  O   . HOH D 2 .   ? 1.225   3.758   -15.318 1.00 24.35 ? 67  HOH B O   1 
HETATM 1661 O  O   . HOH D 2 .   ? -2.953  24.735  13.955  1.00 28.59 ? 69  HOH B O   1 
HETATM 1662 O  O   . HOH D 2 .   ? 9.898   4.315   4.741   1.00 32.56 ? 72  HOH B O   1 
HETATM 1663 O  O   . HOH D 2 .   ? -11.738 19.207  23.048  1.00 22.72 ? 75  HOH B O   1 
HETATM 1664 O  O   . HOH D 2 .   ? -0.998  22.515  8.207   1.00 21.95 ? 84  HOH B O   1 
HETATM 1665 O  O   . HOH D 2 .   ? 5.912   13.250  11.748  1.00 22.62 ? 85  HOH B O   1 
HETATM 1666 O  O   . HOH D 2 .   ? -4.579  1.710   4.030   1.00 26.71 ? 87  HOH B O   1 
HETATM 1667 O  O   . HOH D 2 .   ? 5.080   10.853  23.614  1.00 29.01 ? 91  HOH B O   1 
HETATM 1668 O  O   . HOH D 2 .   ? -5.348  20.026  -6.489  1.00 31.30 ? 92  HOH B O   1 
HETATM 1669 O  O   . HOH D 2 .   ? -12.013 8.859   5.498   1.00 29.78 ? 95  HOH B O   1 
HETATM 1670 O  O   . HOH D 2 .   ? -11.710 12.365  16.154  1.00 30.54 ? 96  HOH B O   1 
HETATM 1671 O  O   . HOH D 2 .   ? 5.964   17.637  10.289  1.00 27.10 ? 97  HOH B O   1 
HETATM 1672 O  O   . HOH D 2 .   ? -3.392  21.795  0.418   1.00 31.42 ? 99  HOH B O   1 
HETATM 1673 O  O   . HOH D 2 .   ? 5.793   6.900   14.427  1.00 34.74 ? 101 HOH B O   1 
HETATM 1674 O  O   . HOH D 2 .   ? -7.145  25.753  15.567  1.00 31.03 ? 103 HOH B O   1 
HETATM 1675 O  O   . HOH D 2 .   ? -6.223  11.055  -6.929  1.00 29.07 ? 104 HOH B O   1 
HETATM 1676 O  O   . HOH D 2 .   ? 7.760   2.062   2.101   1.00 36.81 ? 111 HOH B O   1 
HETATM 1677 O  O   . HOH D 2 .   ? 6.535   15.105  19.810  1.00 27.25 ? 112 HOH B O   1 
HETATM 1678 O  O   . HOH D 2 .   ? -8.325  23.909  18.747  1.00 29.36 ? 113 HOH B O   1 
HETATM 1679 O  O   . HOH D 2 .   ? 5.879   14.450  23.178  1.00 26.76 ? 116 HOH B O   1 
HETATM 1680 O  O   . HOH D 2 .   ? -5.598  20.732  -3.424  1.00 28.63 ? 117 HOH B O   1 
HETATM 1681 O  O   . HOH D 2 .   ? -10.765 9.298   0.957   1.00 32.05 ? 125 HOH B O   1 
HETATM 1682 O  O   . HOH D 2 .   ? -2.421  -1.320  2.572   1.00 30.42 ? 127 HOH B O   1 
HETATM 1683 O  O   . HOH D 2 .   ? -4.961  9.678   21.264  1.00 43.51 ? 129 HOH B O   1 
HETATM 1684 O  O   . HOH D 2 .   ? 0.200   22.205  -2.125  1.00 30.79 ? 130 HOH B O   1 
HETATM 1685 O  O   . HOH D 2 .   ? 6.309   24.525  6.730   1.00 40.98 ? 135 HOH B O   1 
HETATM 1686 O  O   . HOH D 2 .   ? 1.528   21.208  7.521   1.00 36.37 ? 138 HOH B O   1 
HETATM 1687 O  O   . HOH D 2 .   ? -0.603  7.723   -9.603  1.00 35.20 ? 139 HOH B O   1 
HETATM 1688 O  O   . HOH D 2 .   ? 7.510   12.126  22.570  1.00 30.82 ? 140 HOH B O   1 
HETATM 1689 O  O   . HOH D 2 .   ? 8.243   9.555   -6.627  1.00 38.04 ? 141 HOH B O   1 
HETATM 1690 O  O   . HOH D 2 .   ? -9.773  13.187  -1.500  1.00 37.24 ? 142 HOH B O   1 
HETATM 1691 O  O   . HOH D 2 .   ? -0.031  6.074   -11.569 1.00 43.18 ? 143 HOH B O   1 
HETATM 1692 O  O   . HOH D 2 .   ? -0.668  23.620  18.423  1.00 26.48 ? 145 HOH B O   1 
# 
